data_6M6O
#
_entry.id   6M6O
#
_entity_poly.entity_id   1
_entity_poly.type   'polypeptide(L)'
_entity_poly.pdbx_seq_one_letter_code
;MGRSDSAEVIHQVEEALDTDEKEMLLFLCRDVAIDVVPPNVRDLLDILRERGKLSVGDLAELLYRVRRFDLLKRILKMDR
KAVETHLLRNPHLVSDYRVLMAEIGEDLDKSDVSSLIGLMKDYMGRGKISKEKSFLDLVVELEKLNLVAPDQLDLLEKCL
KNIHRIDLKTKIQKYKQLEHHHHHH
;
_entity_poly.pdbx_strand_id   A
#
# COMPACT_ATOMS: atom_id res chain seq x y z
N MET A 1 1.13 -25.23 -17.67
CA MET A 1 1.89 -26.34 -17.01
C MET A 1 2.42 -25.85 -15.66
N GLY A 2 1.94 -26.46 -14.59
CA GLY A 2 2.38 -26.09 -13.24
C GLY A 2 1.60 -24.86 -12.75
N ARG A 3 0.71 -24.39 -13.60
CA ARG A 3 -0.12 -23.24 -13.30
C ARG A 3 -1.03 -23.53 -12.10
N SER A 4 -1.34 -24.80 -11.89
CA SER A 4 -2.19 -25.21 -10.79
C SER A 4 -3.51 -24.44 -10.81
N ASP A 5 -4.44 -24.85 -9.95
CA ASP A 5 -5.74 -24.20 -9.87
C ASP A 5 -5.61 -22.80 -9.25
N SER A 6 -4.48 -22.56 -8.59
CA SER A 6 -4.24 -21.28 -7.95
C SER A 6 -4.20 -20.15 -8.98
N ALA A 7 -3.94 -20.51 -10.23
CA ALA A 7 -3.89 -19.51 -11.29
C ALA A 7 -5.26 -18.86 -11.46
N GLU A 8 -6.30 -19.68 -11.37
CA GLU A 8 -7.66 -19.19 -11.52
C GLU A 8 -8.03 -18.21 -10.41
N VAL A 9 -7.62 -18.52 -9.18
CA VAL A 9 -7.90 -17.63 -8.06
C VAL A 9 -7.26 -16.27 -8.30
N ILE A 10 -6.02 -16.33 -8.78
CA ILE A 10 -5.26 -15.12 -9.07
C ILE A 10 -5.94 -14.33 -10.18
N HIS A 11 -6.43 -15.02 -11.19
CA HIS A 11 -7.09 -14.37 -12.32
C HIS A 11 -8.39 -13.69 -11.90
N GLN A 12 -9.15 -14.33 -11.00
CA GLN A 12 -10.42 -13.76 -10.55
C GLN A 12 -10.24 -12.44 -9.80
N VAL A 13 -9.23 -12.34 -8.95
CA VAL A 13 -9.01 -11.11 -8.19
C VAL A 13 -8.59 -9.96 -9.11
N GLU A 14 -7.83 -10.27 -10.15
CA GLU A 14 -7.38 -9.24 -11.08
C GLU A 14 -8.56 -8.59 -11.79
N GLU A 15 -9.51 -9.41 -12.22
CA GLU A 15 -10.69 -8.93 -12.91
C GLU A 15 -11.60 -8.12 -11.97
N ALA A 16 -11.71 -8.58 -10.73
CA ALA A 16 -12.56 -7.92 -9.75
C ALA A 16 -12.04 -6.53 -9.38
N LEU A 17 -10.72 -6.38 -9.27
CA LEU A 17 -10.15 -5.09 -8.92
C LEU A 17 -10.39 -4.06 -10.02
N ASP A 18 -10.75 -2.85 -9.61
CA ASP A 18 -11.00 -1.76 -10.55
C ASP A 18 -9.70 -1.27 -11.16
N THR A 19 -9.80 -0.55 -12.26
CA THR A 19 -8.61 -0.03 -12.92
C THR A 19 -7.89 0.96 -12.01
N ASP A 20 -8.61 1.46 -11.02
CA ASP A 20 -8.03 2.40 -10.07
C ASP A 20 -7.32 1.64 -8.95
N GLU A 21 -7.90 0.52 -8.54
CA GLU A 21 -7.34 -0.31 -7.47
C GLU A 21 -6.09 -1.06 -7.92
N LYS A 22 -6.08 -1.53 -9.17
CA LYS A 22 -4.93 -2.30 -9.67
C LYS A 22 -3.64 -1.52 -9.49
N GLU A 23 -3.75 -0.20 -9.42
CA GLU A 23 -2.57 0.65 -9.23
C GLU A 23 -1.93 0.34 -7.88
N MET A 24 -2.77 0.11 -6.88
CA MET A 24 -2.31 -0.18 -5.54
C MET A 24 -1.51 -1.49 -5.51
N LEU A 25 -1.95 -2.48 -6.28
CA LEU A 25 -1.26 -3.77 -6.31
C LEU A 25 0.17 -3.60 -6.81
N LEU A 26 0.37 -2.82 -7.87
CA LEU A 26 1.71 -2.59 -8.40
C LEU A 26 2.56 -1.84 -7.37
N PHE A 27 1.94 -0.85 -6.75
CA PHE A 27 2.62 -0.05 -5.73
C PHE A 27 3.05 -0.90 -4.56
N LEU A 28 2.13 -1.69 -4.04
CA LEU A 28 2.40 -2.56 -2.89
C LEU A 28 3.45 -3.62 -3.25
N CYS A 29 3.36 -4.17 -4.46
CA CYS A 29 4.30 -5.20 -4.90
C CYS A 29 5.49 -4.56 -5.61
N ARG A 30 5.53 -3.24 -5.62
CA ARG A 30 6.62 -2.52 -6.28
C ARG A 30 7.96 -2.92 -5.65
N ASP A 31 7.99 -2.98 -4.33
CA ASP A 31 9.20 -3.35 -3.63
C ASP A 31 9.60 -4.79 -3.96
N VAL A 32 8.60 -5.68 -3.97
CA VAL A 32 8.85 -7.09 -4.27
C VAL A 32 9.31 -7.27 -5.72
N ALA A 33 8.69 -6.52 -6.63
CA ALA A 33 9.03 -6.61 -8.05
C ALA A 33 9.32 -5.22 -8.62
N ILE A 34 10.43 -5.10 -9.35
CA ILE A 34 10.81 -3.83 -9.95
C ILE A 34 9.96 -3.56 -11.19
N ASP A 35 8.67 -3.84 -11.08
CA ASP A 35 7.75 -3.64 -12.19
C ASP A 35 8.23 -4.39 -13.43
N VAL A 36 8.87 -5.53 -13.20
CA VAL A 36 9.37 -6.36 -14.29
C VAL A 36 8.21 -6.95 -15.08
N VAL A 37 7.03 -6.94 -14.45
CA VAL A 37 5.84 -7.49 -15.08
C VAL A 37 5.53 -6.76 -16.39
N PRO A 38 5.14 -7.44 -17.46
CA PRO A 38 4.77 -6.75 -18.73
C PRO A 38 3.67 -5.73 -18.49
N PRO A 39 3.18 -5.08 -19.51
CA PRO A 39 2.10 -4.05 -19.38
C PRO A 39 0.87 -4.62 -18.65
N ASN A 40 0.61 -5.91 -18.85
CA ASN A 40 -0.55 -6.54 -18.22
C ASN A 40 -0.32 -6.76 -16.73
N VAL A 41 -1.25 -6.26 -15.92
CA VAL A 41 -1.18 -6.39 -14.47
C VAL A 41 -1.43 -7.83 -14.03
N ARG A 42 -2.17 -8.58 -14.83
CA ARG A 42 -2.49 -9.95 -14.47
C ARG A 42 -1.21 -10.74 -14.26
N ASP A 43 -0.22 -10.44 -15.08
CA ASP A 43 1.08 -11.10 -15.00
C ASP A 43 1.81 -10.79 -13.69
N LEU A 44 1.42 -9.70 -13.03
CA LEU A 44 2.08 -9.30 -11.79
C LEU A 44 1.97 -10.39 -10.72
N LEU A 45 0.78 -10.91 -10.51
CA LEU A 45 0.59 -11.95 -9.50
C LEU A 45 1.22 -13.26 -9.97
N ASP A 46 1.31 -13.43 -11.28
CA ASP A 46 1.89 -14.65 -11.85
C ASP A 46 3.34 -14.84 -11.41
N ILE A 47 4.14 -13.77 -11.44
CA ILE A 47 5.54 -13.87 -11.05
C ILE A 47 5.68 -14.03 -9.54
N LEU A 48 4.75 -13.46 -8.79
CA LEU A 48 4.80 -13.58 -7.34
C LEU A 48 4.60 -15.04 -6.93
N ARG A 49 3.65 -15.71 -7.59
CA ARG A 49 3.39 -17.12 -7.28
C ARG A 49 4.62 -17.96 -7.60
N GLU A 50 5.25 -17.67 -8.72
CA GLU A 50 6.43 -18.42 -9.13
C GLU A 50 7.54 -18.28 -8.08
N ARG A 51 7.68 -17.07 -7.55
CA ARG A 51 8.68 -16.80 -6.53
C ARG A 51 8.35 -17.56 -5.25
N GLY A 52 7.09 -17.95 -5.10
CA GLY A 52 6.66 -18.69 -3.92
C GLY A 52 6.40 -17.73 -2.77
N LYS A 53 6.48 -16.44 -3.05
CA LYS A 53 6.27 -15.41 -2.03
C LYS A 53 4.79 -15.05 -1.90
N LEU A 54 3.95 -15.65 -2.74
CA LEU A 54 2.52 -15.35 -2.68
C LEU A 54 1.83 -16.18 -1.62
N SER A 55 1.50 -15.55 -0.50
CA SER A 55 0.80 -16.22 0.60
C SER A 55 -0.70 -15.97 0.50
N VAL A 56 -1.50 -16.96 0.93
CA VAL A 56 -2.95 -16.81 0.89
C VAL A 56 -3.37 -15.60 1.74
N GLY A 57 -2.78 -15.51 2.93
CA GLY A 57 -3.07 -14.41 3.85
C GLY A 57 -2.71 -13.06 3.24
N ASP A 58 -1.61 -13.01 2.50
CA ASP A 58 -1.15 -11.77 1.89
C ASP A 58 -2.21 -11.18 0.97
N LEU A 59 -2.88 -12.02 0.19
CA LEU A 59 -3.91 -11.54 -0.71
C LEU A 59 -5.03 -10.85 0.07
N ALA A 60 -5.37 -11.41 1.23
CA ALA A 60 -6.42 -10.82 2.06
C ALA A 60 -6.01 -9.42 2.47
N GLU A 61 -4.75 -9.25 2.85
CA GLU A 61 -4.25 -7.96 3.25
C GLU A 61 -4.34 -6.99 2.08
N LEU A 62 -3.96 -7.47 0.89
CA LEU A 62 -3.99 -6.64 -0.31
C LEU A 62 -5.43 -6.21 -0.65
N LEU A 63 -6.37 -7.15 -0.51
CA LEU A 63 -7.76 -6.84 -0.80
C LEU A 63 -8.31 -5.81 0.18
N TYR A 64 -7.90 -5.90 1.44
CA TYR A 64 -8.37 -4.97 2.47
C TYR A 64 -7.98 -3.51 2.16
N ARG A 65 -6.73 -3.29 1.78
CA ARG A 65 -6.25 -1.93 1.50
C ARG A 65 -7.12 -1.23 0.43
N VAL A 66 -7.55 -1.96 -0.59
CA VAL A 66 -8.38 -1.36 -1.63
C VAL A 66 -9.83 -1.22 -1.14
N ARG A 67 -10.04 -1.46 0.15
CA ARG A 67 -11.38 -1.37 0.75
C ARG A 67 -12.38 -2.27 0.06
N ARG A 68 -12.02 -3.54 -0.14
CA ARG A 68 -12.92 -4.50 -0.78
C ARG A 68 -13.33 -5.60 0.19
N PHE A 69 -14.37 -5.35 0.97
CA PHE A 69 -14.86 -6.35 1.93
C PHE A 69 -15.58 -7.49 1.22
N ASP A 70 -16.25 -7.17 0.12
CA ASP A 70 -16.97 -8.19 -0.65
C ASP A 70 -16.02 -9.23 -1.24
N LEU A 71 -14.88 -8.77 -1.75
CA LEU A 71 -13.91 -9.69 -2.36
C LEU A 71 -13.33 -10.64 -1.33
N LEU A 72 -13.09 -10.16 -0.11
CA LEU A 72 -12.53 -11.03 0.92
C LEU A 72 -13.49 -12.18 1.20
N LYS A 73 -14.77 -11.86 1.29
CA LYS A 73 -15.79 -12.86 1.55
C LYS A 73 -16.03 -13.74 0.32
N ARG A 74 -15.71 -13.22 -0.85
CA ARG A 74 -15.93 -13.96 -2.10
C ARG A 74 -14.74 -14.86 -2.46
N ILE A 75 -13.54 -14.30 -2.50
CA ILE A 75 -12.36 -15.07 -2.89
C ILE A 75 -11.74 -15.86 -1.72
N LEU A 76 -11.37 -15.18 -0.64
CA LEU A 76 -10.75 -15.87 0.49
C LEU A 76 -11.77 -16.24 1.56
N LYS A 77 -13.02 -15.87 1.34
CA LYS A 77 -14.08 -16.19 2.30
C LYS A 77 -13.72 -15.66 3.69
N MET A 78 -13.14 -14.48 3.73
CA MET A 78 -12.74 -13.84 4.99
C MET A 78 -13.63 -12.63 5.28
N ASP A 79 -14.18 -12.59 6.48
CA ASP A 79 -15.05 -11.48 6.88
C ASP A 79 -14.21 -10.29 7.33
N ARG A 80 -14.87 -9.16 7.57
CA ARG A 80 -14.16 -7.95 8.00
C ARG A 80 -13.42 -8.17 9.31
N LYS A 81 -14.06 -8.83 10.28
CA LYS A 81 -13.43 -9.07 11.57
C LYS A 81 -12.17 -9.91 11.41
N ALA A 82 -12.13 -10.69 10.33
CA ALA A 82 -10.97 -11.53 10.05
C ALA A 82 -9.75 -10.65 9.82
N VAL A 83 -9.96 -9.52 9.16
CA VAL A 83 -8.86 -8.60 8.87
C VAL A 83 -8.23 -8.08 10.17
N GLU A 84 -9.06 -7.69 11.14
CA GLU A 84 -8.52 -7.19 12.40
C GLU A 84 -7.73 -8.26 13.11
N THR A 85 -8.22 -9.50 13.07
CA THR A 85 -7.52 -10.59 13.73
C THR A 85 -6.21 -10.86 13.00
N HIS A 86 -6.26 -10.78 11.67
CA HIS A 86 -5.07 -10.99 10.85
C HIS A 86 -4.03 -9.90 11.14
N LEU A 87 -4.51 -8.66 11.21
CA LEU A 87 -3.63 -7.51 11.45
C LEU A 87 -3.31 -7.37 12.94
N LEU A 88 -3.98 -8.16 13.78
CA LEU A 88 -3.73 -8.09 15.22
C LEU A 88 -2.26 -8.40 15.50
N ARG A 89 -1.73 -9.43 14.85
CA ARG A 89 -0.33 -9.80 15.03
C ARG A 89 0.55 -8.91 14.17
N ASN A 90 -0.09 -8.08 13.36
CA ASN A 90 0.62 -7.15 12.47
C ASN A 90 1.62 -7.87 11.56
N PRO A 91 1.22 -8.93 10.88
CA PRO A 91 2.12 -9.66 9.94
C PRO A 91 2.10 -9.01 8.55
N HIS A 92 3.27 -8.89 7.94
CA HIS A 92 3.37 -8.29 6.61
C HIS A 92 4.27 -9.13 5.70
N LEU A 93 3.77 -9.44 4.51
CA LEU A 93 4.53 -10.21 3.55
C LEU A 93 5.77 -9.44 3.12
N VAL A 94 5.56 -8.14 2.89
CA VAL A 94 6.64 -7.23 2.47
C VAL A 94 6.80 -6.12 3.51
N SER A 95 7.88 -5.36 3.40
CA SER A 95 8.13 -4.28 4.34
C SER A 95 6.88 -3.42 4.50
N ASP A 96 6.57 -3.06 5.74
CA ASP A 96 5.40 -2.25 6.04
C ASP A 96 5.52 -0.86 5.42
N TYR A 97 6.69 -0.55 4.87
CA TYR A 97 6.90 0.77 4.27
C TYR A 97 5.88 1.01 3.15
N ARG A 98 5.74 0.03 2.25
CA ARG A 98 4.79 0.16 1.14
C ARG A 98 3.35 0.09 1.64
N VAL A 99 3.07 -0.88 2.51
CA VAL A 99 1.73 -1.07 3.04
C VAL A 99 1.28 0.15 3.84
N LEU A 100 2.19 0.69 4.64
CA LEU A 100 1.86 1.86 5.45
C LEU A 100 1.40 3.01 4.57
N MET A 101 2.14 3.25 3.50
CA MET A 101 1.81 4.35 2.59
C MET A 101 0.45 4.13 1.95
N ALA A 102 0.19 2.91 1.51
CA ALA A 102 -1.10 2.61 0.88
C ALA A 102 -2.24 2.77 1.88
N GLU A 103 -2.01 2.27 3.10
CA GLU A 103 -3.02 2.36 4.15
C GLU A 103 -3.31 3.81 4.51
N ILE A 104 -2.25 4.63 4.59
CA ILE A 104 -2.41 6.03 4.92
C ILE A 104 -3.27 6.73 3.87
N GLY A 105 -2.97 6.47 2.61
CA GLY A 105 -3.73 7.08 1.52
C GLY A 105 -5.20 6.67 1.58
N GLU A 106 -5.42 5.41 1.92
CA GLU A 106 -6.78 4.88 2.00
C GLU A 106 -7.61 5.64 3.03
N ASP A 107 -7.00 5.91 4.18
CA ASP A 107 -7.70 6.63 5.26
C ASP A 107 -8.00 8.07 4.86
N LEU A 108 -7.08 8.71 4.16
CA LEU A 108 -7.27 10.09 3.74
C LEU A 108 -8.33 10.19 2.65
N ASP A 109 -9.15 11.24 2.72
CA ASP A 109 -10.20 11.48 1.74
C ASP A 109 -9.70 12.39 0.62
N LYS A 110 -10.53 12.60 -0.40
CA LYS A 110 -10.15 13.44 -1.51
C LYS A 110 -9.89 14.87 -1.02
N SER A 111 -10.73 15.33 -0.10
CA SER A 111 -10.58 16.67 0.46
C SER A 111 -9.24 16.79 1.18
N ASP A 112 -8.91 15.76 1.94
CA ASP A 112 -7.65 15.74 2.69
C ASP A 112 -6.46 15.82 1.74
N VAL A 113 -6.57 15.15 0.60
CA VAL A 113 -5.49 15.16 -0.38
C VAL A 113 -5.20 16.59 -0.83
N SER A 114 -6.26 17.35 -1.11
CA SER A 114 -6.10 18.74 -1.53
C SER A 114 -5.44 19.55 -0.41
N SER A 115 -5.89 19.32 0.82
CA SER A 115 -5.36 20.03 1.97
C SER A 115 -3.88 19.70 2.21
N LEU A 116 -3.54 18.43 2.03
CA LEU A 116 -2.17 17.97 2.24
C LEU A 116 -1.21 18.68 1.26
N ILE A 117 -1.70 18.91 0.04
CA ILE A 117 -0.91 19.56 -1.00
C ILE A 117 -0.51 20.98 -0.60
N GLY A 118 -1.41 21.72 0.02
CA GLY A 118 -1.10 23.09 0.41
C GLY A 118 0.13 23.12 1.31
N LEU A 119 0.20 22.16 2.23
CA LEU A 119 1.33 22.08 3.15
C LEU A 119 2.61 21.71 2.39
N MET A 120 2.46 20.83 1.40
CA MET A 120 3.59 20.38 0.60
C MET A 120 4.23 21.52 -0.19
N LYS A 121 3.41 22.42 -0.71
CA LYS A 121 3.92 23.55 -1.48
C LYS A 121 4.83 24.44 -0.62
N ASP A 122 4.48 24.61 0.64
CA ASP A 122 5.27 25.45 1.54
C ASP A 122 6.71 24.95 1.65
N TYR A 123 6.89 23.63 1.74
CA TYR A 123 8.24 23.06 1.84
C TYR A 123 8.78 22.70 0.46
N MET A 124 7.90 22.20 -0.40
CA MET A 124 8.29 21.82 -1.75
C MET A 124 8.66 23.06 -2.56
N GLY A 125 7.97 24.16 -2.28
CA GLY A 125 8.25 25.42 -2.97
C GLY A 125 7.56 25.48 -4.34
N ARG A 126 6.50 24.70 -4.51
CA ARG A 126 5.76 24.65 -5.77
C ARG A 126 6.45 23.74 -6.77
N GLY A 127 6.64 22.48 -6.39
CA GLY A 127 7.29 21.51 -7.27
C GLY A 127 6.24 20.77 -8.10
N LYS A 128 6.63 19.62 -8.63
CA LYS A 128 5.73 18.82 -9.44
C LYS A 128 4.63 18.22 -8.56
N ILE A 129 3.57 18.99 -8.34
CA ILE A 129 2.45 18.54 -7.50
C ILE A 129 1.13 19.08 -8.01
N SER A 130 0.14 18.21 -8.18
CA SER A 130 -1.18 18.61 -8.68
C SER A 130 -2.29 17.93 -7.89
N LYS A 131 -3.44 18.60 -7.79
CA LYS A 131 -4.58 18.07 -7.07
C LYS A 131 -5.11 16.81 -7.76
N GLU A 132 -4.84 16.70 -9.07
CA GLU A 132 -5.29 15.56 -9.85
C GLU A 132 -4.63 14.28 -9.34
N LYS A 133 -3.36 14.37 -8.97
CA LYS A 133 -2.62 13.20 -8.50
C LYS A 133 -3.20 12.70 -7.18
N SER A 134 -3.27 11.37 -7.06
CA SER A 134 -3.81 10.75 -5.84
C SER A 134 -2.75 10.70 -4.75
N PHE A 135 -3.17 10.34 -3.55
CA PHE A 135 -2.24 10.25 -2.42
C PHE A 135 -1.10 9.29 -2.74
N LEU A 136 -1.44 8.16 -3.34
CA LEU A 136 -0.44 7.17 -3.68
C LEU A 136 0.63 7.79 -4.58
N ASP A 137 0.18 8.59 -5.54
CA ASP A 137 1.09 9.27 -6.45
C ASP A 137 1.98 10.24 -5.68
N LEU A 138 1.39 10.91 -4.69
CA LEU A 138 2.14 11.87 -3.87
C LEU A 138 3.31 11.20 -3.15
N VAL A 139 3.10 9.96 -2.68
CA VAL A 139 4.13 9.25 -1.95
C VAL A 139 5.38 9.05 -2.81
N VAL A 140 5.19 8.57 -4.04
CA VAL A 140 6.34 8.34 -4.92
C VAL A 140 6.91 9.66 -5.41
N GLU A 141 6.07 10.69 -5.47
CA GLU A 141 6.51 12.00 -5.94
C GLU A 141 7.56 12.58 -5.00
N LEU A 142 7.34 12.41 -3.69
CA LEU A 142 8.28 12.92 -2.70
C LEU A 142 9.62 12.20 -2.78
N GLU A 143 9.60 10.95 -3.23
CA GLU A 143 10.81 10.17 -3.36
C GLU A 143 11.80 10.88 -4.28
N LYS A 144 11.27 11.48 -5.34
CA LYS A 144 12.08 12.20 -6.30
C LYS A 144 12.80 13.37 -5.63
N LEU A 145 12.08 14.03 -4.71
CA LEU A 145 12.63 15.17 -4.01
C LEU A 145 13.48 14.73 -2.82
N ASN A 146 13.41 13.45 -2.48
CA ASN A 146 14.19 12.92 -1.36
C ASN A 146 13.94 13.71 -0.09
N LEU A 147 12.66 13.98 0.19
CA LEU A 147 12.27 14.72 1.40
C LEU A 147 11.92 13.72 2.48
N VAL A 148 11.77 12.47 2.06
CA VAL A 148 11.44 11.37 2.96
C VAL A 148 12.36 10.20 2.70
N ALA A 149 12.57 9.39 3.72
CA ALA A 149 13.42 8.21 3.62
C ALA A 149 12.79 7.03 4.35
N PRO A 150 13.11 5.80 4.00
CA PRO A 150 12.52 4.60 4.68
C PRO A 150 12.63 4.65 6.20
N ASP A 151 13.78 5.11 6.70
CA ASP A 151 13.99 5.18 8.15
C ASP A 151 13.74 6.58 8.72
N GLN A 152 13.40 7.53 7.85
CA GLN A 152 13.13 8.89 8.31
C GLN A 152 12.03 9.53 7.45
N LEU A 153 10.87 9.76 8.05
CA LEU A 153 9.77 10.38 7.34
C LEU A 153 9.63 11.84 7.77
N ASP A 154 9.52 12.03 9.09
CA ASP A 154 9.43 13.36 9.71
C ASP A 154 8.39 14.29 9.05
N LEU A 155 8.60 14.62 7.79
CA LEU A 155 7.69 15.52 7.07
C LEU A 155 6.27 14.96 7.00
N LEU A 156 6.16 13.66 6.75
CA LEU A 156 4.85 13.03 6.65
C LEU A 156 4.06 13.19 7.95
N GLU A 157 4.73 12.97 9.07
CA GLU A 157 4.07 13.08 10.37
C GLU A 157 3.59 14.51 10.62
N LYS A 158 4.44 15.48 10.28
CA LYS A 158 4.10 16.88 10.49
C LYS A 158 2.88 17.31 9.68
N CYS A 159 2.85 16.97 8.40
CA CYS A 159 1.74 17.35 7.54
C CYS A 159 0.44 16.71 8.00
N LEU A 160 0.51 15.42 8.36
CA LEU A 160 -0.69 14.71 8.81
C LEU A 160 -1.19 15.30 10.12
N LYS A 161 -0.26 15.65 10.99
CA LYS A 161 -0.62 16.24 12.28
C LYS A 161 -1.40 17.53 12.07
N ASN A 162 -0.97 18.33 11.10
CA ASN A 162 -1.65 19.59 10.80
C ASN A 162 -3.09 19.31 10.38
N ILE A 163 -3.27 18.27 9.57
CA ILE A 163 -4.61 17.90 9.11
C ILE A 163 -5.42 17.34 10.27
N HIS A 164 -4.82 17.40 11.47
CA HIS A 164 -5.47 16.91 12.68
C HIS A 164 -5.78 15.41 12.58
N ARG A 165 -4.87 14.67 11.95
CA ARG A 165 -5.03 13.22 11.80
C ARG A 165 -4.07 12.48 12.74
N ILE A 166 -4.42 12.47 14.02
CA ILE A 166 -3.61 11.82 15.05
C ILE A 166 -3.52 10.31 14.81
N ASP A 167 -4.63 9.70 14.41
CA ASP A 167 -4.64 8.25 14.20
C ASP A 167 -3.59 7.84 13.17
N LEU A 168 -3.48 8.60 12.10
CA LEU A 168 -2.48 8.29 11.07
C LEU A 168 -1.08 8.45 11.64
N LYS A 169 -0.89 9.49 12.46
CA LYS A 169 0.42 9.73 13.05
C LYS A 169 0.85 8.54 13.91
N THR A 170 -0.10 7.97 14.63
CA THR A 170 0.18 6.82 15.50
C THR A 170 0.71 5.62 14.71
N LYS A 171 0.09 5.35 13.55
CA LYS A 171 0.52 4.21 12.73
C LYS A 171 1.96 4.38 12.28
N ILE A 172 2.33 5.59 11.93
CA ILE A 172 3.69 5.88 11.47
C ILE A 172 4.70 5.54 12.57
N GLN A 173 4.35 5.86 13.81
CA GLN A 173 5.23 5.60 14.93
C GLN A 173 5.53 4.10 15.02
N LYS A 174 4.52 3.27 14.79
CA LYS A 174 4.72 1.83 14.86
C LYS A 174 5.76 1.41 13.83
N TYR A 175 5.64 1.94 12.61
CA TYR A 175 6.59 1.63 11.56
C TYR A 175 8.00 2.05 11.95
N LYS A 176 8.15 3.29 12.40
CA LYS A 176 9.47 3.78 12.80
C LYS A 176 10.02 2.95 13.96
N GLN A 177 9.13 2.60 14.89
CA GLN A 177 9.51 1.82 16.04
C GLN A 177 10.01 0.44 15.62
N LEU A 178 9.36 -0.15 14.62
CA LEU A 178 9.73 -1.49 14.13
C LEU A 178 10.69 -1.39 12.95
N GLU A 179 11.27 -0.22 12.75
CA GLU A 179 12.19 -0.03 11.63
C GLU A 179 13.50 -0.77 11.87
N HIS A 180 13.95 -0.80 13.12
CA HIS A 180 15.21 -1.49 13.44
C HIS A 180 15.19 -2.03 14.86
N HIS A 181 16.07 -2.99 15.12
CA HIS A 181 16.18 -3.60 16.44
C HIS A 181 17.52 -4.32 16.56
N HIS A 182 17.52 -5.62 16.25
CA HIS A 182 18.76 -6.41 16.31
C HIS A 182 19.39 -6.51 14.92
N HIS A 183 18.65 -6.07 13.90
CA HIS A 183 19.15 -6.14 12.53
C HIS A 183 20.44 -5.33 12.35
N HIS A 184 20.43 -4.10 12.86
CA HIS A 184 21.61 -3.25 12.75
C HIS A 184 21.65 -2.22 13.89
N HIS A 185 22.84 -2.00 14.42
CA HIS A 185 23.01 -1.04 15.52
C HIS A 185 22.53 0.34 15.10
N MET A 1 -7.54 -23.55 -18.78
CA MET A 1 -6.45 -22.87 -19.54
C MET A 1 -5.46 -22.27 -18.55
N GLY A 2 -4.17 -22.45 -18.83
CA GLY A 2 -3.12 -21.93 -17.96
C GLY A 2 -2.88 -22.85 -16.77
N ARG A 3 -3.61 -23.95 -16.73
CA ARG A 3 -3.47 -24.92 -15.65
C ARG A 3 -3.42 -24.20 -14.30
N SER A 4 -3.00 -24.91 -13.26
CA SER A 4 -2.92 -24.31 -11.93
C SER A 4 -4.26 -23.72 -11.53
N ASP A 5 -4.94 -24.40 -10.61
CA ASP A 5 -6.25 -23.94 -10.14
C ASP A 5 -6.13 -22.55 -9.51
N SER A 6 -5.04 -22.34 -8.78
CA SER A 6 -4.81 -21.06 -8.12
C SER A 6 -4.72 -19.92 -9.12
N ALA A 7 -4.41 -20.25 -10.37
CA ALA A 7 -4.32 -19.23 -11.41
C ALA A 7 -5.67 -18.54 -11.59
N GLU A 8 -6.73 -19.35 -11.58
CA GLU A 8 -8.08 -18.82 -11.75
C GLU A 8 -8.45 -17.87 -10.62
N VAL A 9 -8.09 -18.23 -9.39
CA VAL A 9 -8.39 -17.37 -8.25
C VAL A 9 -7.70 -16.04 -8.45
N ILE A 10 -6.45 -16.10 -8.88
CA ILE A 10 -5.65 -14.92 -9.12
C ILE A 10 -6.27 -14.06 -10.25
N HIS A 11 -6.73 -14.72 -11.30
CA HIS A 11 -7.32 -14.02 -12.43
C HIS A 11 -8.62 -13.30 -12.03
N GLN A 12 -9.43 -13.93 -11.18
CA GLN A 12 -10.71 -13.34 -10.77
C GLN A 12 -10.53 -12.05 -9.98
N VAL A 13 -9.55 -12.01 -9.08
CA VAL A 13 -9.33 -10.82 -8.27
C VAL A 13 -8.87 -9.64 -9.13
N GLU A 14 -8.09 -9.92 -10.16
CA GLU A 14 -7.60 -8.86 -11.04
C GLU A 14 -8.76 -8.16 -11.73
N GLU A 15 -9.73 -8.94 -12.17
CA GLU A 15 -10.91 -8.39 -12.85
C GLU A 15 -11.75 -7.55 -11.91
N ALA A 16 -11.88 -8.00 -10.67
CA ALA A 16 -12.71 -7.29 -9.68
C ALA A 16 -12.11 -5.93 -9.30
N LEU A 17 -10.79 -5.85 -9.21
CA LEU A 17 -10.16 -4.59 -8.84
C LEU A 17 -10.37 -3.53 -9.91
N ASP A 18 -10.64 -2.31 -9.47
CA ASP A 18 -10.86 -1.18 -10.37
C ASP A 18 -9.54 -0.74 -10.98
N THR A 19 -9.61 0.05 -12.04
CA THR A 19 -8.39 0.53 -12.69
C THR A 19 -7.59 1.40 -11.73
N ASP A 20 -8.26 1.94 -10.73
CA ASP A 20 -7.60 2.77 -9.73
C ASP A 20 -6.89 1.90 -8.69
N GLU A 21 -7.56 0.83 -8.29
CA GLU A 21 -7.03 -0.09 -7.28
C GLU A 21 -5.84 -0.92 -7.80
N LYS A 22 -5.90 -1.35 -9.06
CA LYS A 22 -4.82 -2.18 -9.60
C LYS A 22 -3.47 -1.48 -9.45
N GLU A 23 -3.50 -0.16 -9.39
CA GLU A 23 -2.28 0.62 -9.24
C GLU A 23 -1.63 0.33 -7.89
N MET A 24 -2.47 0.16 -6.86
CA MET A 24 -2.00 -0.13 -5.52
C MET A 24 -1.26 -1.46 -5.49
N LEU A 25 -1.75 -2.44 -6.24
CA LEU A 25 -1.10 -3.75 -6.25
C LEU A 25 0.34 -3.64 -6.75
N LEU A 26 0.56 -2.86 -7.81
CA LEU A 26 1.90 -2.67 -8.35
C LEU A 26 2.77 -1.94 -7.33
N PHE A 27 2.18 -0.93 -6.69
CA PHE A 27 2.88 -0.15 -5.69
C PHE A 27 3.29 -1.02 -4.51
N LEU A 28 2.34 -1.80 -4.00
CA LEU A 28 2.60 -2.67 -2.86
C LEU A 28 3.64 -3.74 -3.20
N CYS A 29 3.55 -4.30 -4.40
CA CYS A 29 4.49 -5.34 -4.84
C CYS A 29 5.67 -4.72 -5.58
N ARG A 30 5.76 -3.39 -5.54
CA ARG A 30 6.84 -2.69 -6.22
C ARG A 30 8.20 -3.15 -5.68
N ASP A 31 8.31 -3.22 -4.36
CA ASP A 31 9.56 -3.67 -3.75
C ASP A 31 9.85 -5.12 -4.11
N VAL A 32 8.82 -5.96 -4.06
CA VAL A 32 8.99 -7.38 -4.37
C VAL A 32 9.37 -7.58 -5.84
N ALA A 33 8.76 -6.80 -6.73
CA ALA A 33 9.04 -6.92 -8.17
C ALA A 33 9.60 -5.61 -8.72
N ILE A 34 10.72 -5.71 -9.44
CA ILE A 34 11.35 -4.54 -10.04
C ILE A 34 10.62 -4.15 -11.32
N ASP A 35 9.30 -4.25 -11.28
CA ASP A 35 8.48 -3.91 -12.43
C ASP A 35 8.81 -4.81 -13.61
N VAL A 36 9.25 -6.03 -13.30
CA VAL A 36 9.59 -7.00 -14.33
C VAL A 36 8.34 -7.45 -15.07
N VAL A 37 7.20 -7.29 -14.41
CA VAL A 37 5.93 -7.69 -14.98
C VAL A 37 5.63 -6.89 -16.26
N PRO A 38 5.10 -7.51 -17.30
CA PRO A 38 4.74 -6.79 -18.55
C PRO A 38 3.61 -5.79 -18.31
N PRO A 39 3.33 -4.90 -19.23
CA PRO A 39 2.25 -3.89 -19.04
C PRO A 39 0.99 -4.47 -18.41
N ASN A 40 0.68 -5.73 -18.74
CA ASN A 40 -0.49 -6.37 -18.16
C ASN A 40 -0.29 -6.57 -16.66
N VAL A 41 -1.20 -6.05 -15.86
CA VAL A 41 -1.10 -6.16 -14.41
C VAL A 41 -1.48 -7.55 -13.93
N ARG A 42 -2.24 -8.27 -14.76
CA ARG A 42 -2.67 -9.62 -14.39
C ARG A 42 -1.47 -10.52 -14.15
N ASP A 43 -0.45 -10.34 -14.98
CA ASP A 43 0.78 -11.12 -14.88
C ASP A 43 1.53 -10.84 -13.58
N LEU A 44 1.22 -9.72 -12.93
CA LEU A 44 1.92 -9.35 -11.69
C LEU A 44 1.77 -10.44 -10.63
N LEU A 45 0.54 -10.89 -10.41
CA LEU A 45 0.30 -11.93 -9.41
C LEU A 45 0.87 -13.27 -9.88
N ASP A 46 0.90 -13.48 -11.19
CA ASP A 46 1.40 -14.74 -11.75
C ASP A 46 2.86 -14.97 -11.39
N ILE A 47 3.68 -13.92 -11.44
CA ILE A 47 5.10 -14.08 -11.13
C ILE A 47 5.32 -14.27 -9.63
N LEU A 48 4.47 -13.66 -8.81
CA LEU A 48 4.58 -13.80 -7.37
C LEU A 48 4.32 -15.26 -6.98
N ARG A 49 3.33 -15.88 -7.61
CA ARG A 49 3.00 -17.26 -7.33
C ARG A 49 4.18 -18.18 -7.68
N GLU A 50 4.82 -17.88 -8.81
CA GLU A 50 5.95 -18.69 -9.25
C GLU A 50 7.06 -18.66 -8.21
N ARG A 51 7.27 -17.50 -7.60
CA ARG A 51 8.29 -17.36 -6.57
C ARG A 51 7.88 -18.14 -5.33
N GLY A 52 6.59 -18.43 -5.22
CA GLY A 52 6.08 -19.17 -4.08
C GLY A 52 5.89 -18.23 -2.89
N LYS A 53 6.19 -16.96 -3.11
CA LYS A 53 6.08 -15.95 -2.08
C LYS A 53 4.62 -15.54 -1.87
N LEU A 54 3.76 -15.84 -2.85
CA LEU A 54 2.36 -15.48 -2.76
C LEU A 54 1.66 -16.25 -1.65
N SER A 55 1.39 -15.57 -0.53
CA SER A 55 0.71 -16.18 0.60
C SER A 55 -0.79 -15.92 0.52
N VAL A 56 -1.60 -16.89 0.95
CA VAL A 56 -3.05 -16.72 0.92
C VAL A 56 -3.45 -15.53 1.80
N GLY A 57 -2.86 -15.45 2.99
CA GLY A 57 -3.15 -14.36 3.92
C GLY A 57 -2.78 -13.00 3.32
N ASP A 58 -1.68 -12.96 2.58
CA ASP A 58 -1.21 -11.72 1.97
C ASP A 58 -2.28 -11.12 1.06
N LEU A 59 -2.96 -11.97 0.29
CA LEU A 59 -4.00 -11.49 -0.60
C LEU A 59 -5.08 -10.76 0.19
N ALA A 60 -5.40 -11.30 1.37
CA ALA A 60 -6.41 -10.69 2.22
C ALA A 60 -5.97 -9.28 2.61
N GLU A 61 -4.70 -9.15 2.94
CA GLU A 61 -4.15 -7.84 3.31
C GLU A 61 -4.22 -6.89 2.12
N LEU A 62 -3.88 -7.40 0.94
CA LEU A 62 -3.88 -6.59 -0.28
C LEU A 62 -5.30 -6.11 -0.62
N LEU A 63 -6.28 -7.01 -0.49
CA LEU A 63 -7.65 -6.64 -0.79
C LEU A 63 -8.16 -5.60 0.20
N TYR A 64 -7.74 -5.74 1.46
CA TYR A 64 -8.16 -4.81 2.50
C TYR A 64 -7.68 -3.37 2.20
N ARG A 65 -6.41 -3.23 1.81
CA ARG A 65 -5.83 -1.91 1.53
C ARG A 65 -6.62 -1.15 0.45
N VAL A 66 -7.27 -1.85 -0.46
CA VAL A 66 -8.03 -1.18 -1.53
C VAL A 66 -9.49 -0.99 -1.11
N ARG A 67 -9.77 -1.22 0.16
CA ARG A 67 -11.13 -1.06 0.69
C ARG A 67 -12.12 -1.99 0.01
N ARG A 68 -11.70 -3.24 -0.23
CA ARG A 68 -12.57 -4.23 -0.87
C ARG A 68 -12.90 -5.36 0.08
N PHE A 69 -13.67 -5.05 1.13
CA PHE A 69 -14.05 -6.06 2.10
C PHE A 69 -15.05 -7.05 1.51
N ASP A 70 -15.83 -6.58 0.53
CA ASP A 70 -16.82 -7.44 -0.11
C ASP A 70 -16.17 -8.62 -0.83
N LEU A 71 -15.03 -8.37 -1.47
CA LEU A 71 -14.33 -9.42 -2.22
C LEU A 71 -13.70 -10.44 -1.26
N LEU A 72 -13.40 -10.03 -0.04
CA LEU A 72 -12.78 -10.95 0.92
C LEU A 72 -13.69 -12.14 1.18
N LYS A 73 -14.98 -11.86 1.35
CA LYS A 73 -15.95 -12.91 1.60
C LYS A 73 -16.10 -13.82 0.38
N ARG A 74 -16.11 -13.23 -0.80
CA ARG A 74 -16.30 -14.00 -2.03
C ARG A 74 -15.06 -14.80 -2.43
N ILE A 75 -13.89 -14.16 -2.47
CA ILE A 75 -12.68 -14.86 -2.90
C ILE A 75 -11.95 -15.61 -1.77
N LEU A 76 -11.57 -14.90 -0.72
CA LEU A 76 -10.81 -15.53 0.37
C LEU A 76 -11.70 -15.99 1.52
N LYS A 77 -13.01 -15.81 1.40
CA LYS A 77 -13.91 -16.21 2.47
C LYS A 77 -13.51 -15.51 3.75
N MET A 78 -12.60 -14.55 3.62
CA MET A 78 -12.12 -13.78 4.77
C MET A 78 -13.13 -12.70 5.12
N ASP A 79 -13.07 -12.21 6.36
CA ASP A 79 -13.99 -11.17 6.83
C ASP A 79 -13.24 -10.03 7.48
N ARG A 80 -13.92 -8.91 7.66
CA ARG A 80 -13.30 -7.73 8.27
C ARG A 80 -12.84 -8.06 9.68
N LYS A 81 -13.65 -8.83 10.40
CA LYS A 81 -13.32 -9.22 11.76
C LYS A 81 -12.01 -9.99 11.79
N ALA A 82 -11.89 -10.97 10.91
CA ALA A 82 -10.69 -11.78 10.83
C ALA A 82 -9.47 -10.92 10.48
N VAL A 83 -9.68 -9.95 9.60
CA VAL A 83 -8.61 -9.06 9.19
C VAL A 83 -8.05 -8.30 10.39
N GLU A 84 -8.94 -7.83 11.26
CA GLU A 84 -8.51 -7.09 12.44
C GLU A 84 -7.60 -7.96 13.29
N THR A 85 -7.99 -9.22 13.48
CA THR A 85 -7.17 -10.13 14.28
C THR A 85 -5.89 -10.48 13.53
N HIS A 86 -5.99 -10.60 12.21
CA HIS A 86 -4.83 -10.92 11.40
C HIS A 86 -3.78 -9.83 11.51
N LEU A 87 -4.22 -8.58 11.42
CA LEU A 87 -3.31 -7.44 11.50
C LEU A 87 -2.85 -7.19 12.93
N LEU A 88 -3.44 -7.90 13.89
CA LEU A 88 -3.04 -7.71 15.28
C LEU A 88 -1.56 -8.01 15.43
N ARG A 89 -1.12 -9.10 14.80
CA ARG A 89 0.30 -9.47 14.84
C ARG A 89 1.08 -8.56 13.89
N ASN A 90 0.34 -7.81 13.10
CA ASN A 90 0.92 -6.87 12.14
C ASN A 90 1.95 -7.53 11.21
N PRO A 91 1.61 -8.63 10.58
CA PRO A 91 2.52 -9.33 9.63
C PRO A 91 2.46 -8.69 8.24
N HIS A 92 3.60 -8.59 7.58
CA HIS A 92 3.65 -7.99 6.23
C HIS A 92 4.47 -8.85 5.28
N LEU A 93 3.89 -9.19 4.14
CA LEU A 93 4.58 -9.99 3.14
C LEU A 93 5.75 -9.17 2.59
N VAL A 94 5.49 -7.88 2.38
CA VAL A 94 6.49 -6.95 1.85
C VAL A 94 6.86 -5.93 2.92
N SER A 95 7.88 -5.12 2.66
CA SER A 95 8.32 -4.13 3.62
C SER A 95 7.13 -3.31 4.13
N ASP A 96 7.15 -3.02 5.43
CA ASP A 96 6.08 -2.25 6.06
C ASP A 96 6.00 -0.84 5.49
N TYR A 97 7.13 -0.31 5.04
CA TYR A 97 7.18 1.05 4.50
C TYR A 97 6.23 1.20 3.31
N ARG A 98 6.32 0.29 2.36
CA ARG A 98 5.47 0.38 1.16
C ARG A 98 3.99 0.26 1.54
N VAL A 99 3.66 -0.71 2.38
CA VAL A 99 2.29 -0.93 2.81
C VAL A 99 1.79 0.25 3.66
N LEU A 100 2.66 0.76 4.51
CA LEU A 100 2.30 1.87 5.38
C LEU A 100 1.80 3.03 4.54
N MET A 101 2.49 3.33 3.47
CA MET A 101 2.11 4.43 2.60
C MET A 101 0.73 4.18 1.99
N ALA A 102 0.49 2.96 1.54
CA ALA A 102 -0.80 2.61 0.94
C ALA A 102 -1.93 2.71 1.96
N GLU A 103 -1.66 2.20 3.16
CA GLU A 103 -2.67 2.22 4.23
C GLU A 103 -3.04 3.65 4.59
N ILE A 104 -2.04 4.52 4.72
CA ILE A 104 -2.29 5.92 5.06
C ILE A 104 -3.14 6.58 3.98
N GLY A 105 -2.77 6.36 2.73
CA GLY A 105 -3.50 6.92 1.61
C GLY A 105 -4.93 6.39 1.58
N GLU A 106 -5.07 5.11 1.91
CA GLU A 106 -6.37 4.46 1.91
C GLU A 106 -7.34 5.15 2.87
N ASP A 107 -6.84 5.49 4.06
CA ASP A 107 -7.66 6.15 5.07
C ASP A 107 -8.04 7.57 4.65
N LEU A 108 -7.10 8.26 4.00
CA LEU A 108 -7.35 9.64 3.58
C LEU A 108 -8.37 9.69 2.45
N ASP A 109 -9.23 10.71 2.50
CA ASP A 109 -10.26 10.90 1.47
C ASP A 109 -9.70 11.75 0.34
N LYS A 110 -10.42 11.81 -0.77
CA LYS A 110 -9.97 12.60 -1.92
C LYS A 110 -9.85 14.06 -1.52
N SER A 111 -10.80 14.54 -0.72
CA SER A 111 -10.78 15.92 -0.26
C SER A 111 -9.53 16.17 0.58
N ASP A 112 -9.20 15.20 1.44
CA ASP A 112 -8.04 15.30 2.30
C ASP A 112 -6.76 15.43 1.48
N VAL A 113 -6.71 14.70 0.37
CA VAL A 113 -5.54 14.74 -0.50
C VAL A 113 -5.30 16.16 -0.99
N SER A 114 -6.35 16.85 -1.38
CA SER A 114 -6.23 18.22 -1.87
C SER A 114 -5.62 19.12 -0.80
N SER A 115 -6.12 18.99 0.43
CA SER A 115 -5.62 19.79 1.54
C SER A 115 -4.14 19.51 1.82
N LEU A 116 -3.79 18.24 1.78
CA LEU A 116 -2.42 17.82 2.04
C LEU A 116 -1.43 18.50 1.07
N ILE A 117 -1.89 18.71 -0.16
CA ILE A 117 -1.05 19.34 -1.18
C ILE A 117 -0.63 20.75 -0.77
N GLY A 118 -1.55 21.52 -0.20
CA GLY A 118 -1.23 22.88 0.21
C GLY A 118 -0.07 22.89 1.20
N LEU A 119 -0.08 21.94 2.13
CA LEU A 119 0.99 21.84 3.12
C LEU A 119 2.31 21.54 2.44
N MET A 120 2.25 20.69 1.42
CA MET A 120 3.45 20.27 0.68
C MET A 120 4.11 21.44 -0.05
N LYS A 121 3.30 22.39 -0.52
CA LYS A 121 3.86 23.54 -1.26
C LYS A 121 4.84 24.31 -0.39
N ASP A 122 4.54 24.46 0.89
CA ASP A 122 5.42 25.21 1.78
C ASP A 122 6.82 24.60 1.83
N TYR A 123 6.89 23.28 2.04
CA TYR A 123 8.19 22.60 2.10
C TYR A 123 8.72 22.30 0.70
N MET A 124 7.83 21.88 -0.18
CA MET A 124 8.20 21.55 -1.55
C MET A 124 8.58 22.81 -2.31
N GLY A 125 7.92 23.92 -1.99
CA GLY A 125 8.20 25.19 -2.64
C GLY A 125 7.53 25.27 -4.01
N ARG A 126 6.49 24.46 -4.21
CA ARG A 126 5.75 24.44 -5.47
C ARG A 126 6.47 23.58 -6.51
N GLY A 127 6.62 22.29 -6.20
CA GLY A 127 7.28 21.36 -7.11
C GLY A 127 6.28 20.78 -8.10
N LYS A 128 6.69 19.71 -8.77
CA LYS A 128 5.82 19.07 -9.75
C LYS A 128 4.68 18.35 -9.02
N ILE A 129 3.61 19.09 -8.73
CA ILE A 129 2.46 18.51 -8.02
C ILE A 129 1.15 19.15 -8.47
N SER A 130 0.07 18.37 -8.39
CA SER A 130 -1.25 18.86 -8.78
C SER A 130 -2.34 18.07 -8.08
N LYS A 131 -3.55 18.64 -8.06
CA LYS A 131 -4.68 17.98 -7.40
C LYS A 131 -5.04 16.64 -8.07
N GLU A 132 -4.70 16.51 -9.34
CA GLU A 132 -5.00 15.27 -10.07
C GLU A 132 -4.27 14.09 -9.45
N LYS A 133 -3.04 14.30 -9.01
CA LYS A 133 -2.24 13.23 -8.42
C LYS A 133 -2.92 12.66 -7.17
N SER A 134 -2.95 11.34 -7.06
CA SER A 134 -3.56 10.67 -5.91
C SER A 134 -2.55 10.62 -4.76
N PHE A 135 -3.02 10.21 -3.59
CA PHE A 135 -2.14 10.12 -2.43
C PHE A 135 -0.97 9.21 -2.76
N LEU A 136 -1.27 8.09 -3.41
CA LEU A 136 -0.24 7.13 -3.77
C LEU A 136 0.78 7.81 -4.68
N ASP A 137 0.30 8.61 -5.61
CA ASP A 137 1.18 9.34 -6.53
C ASP A 137 2.07 10.30 -5.75
N LEU A 138 1.49 10.93 -4.73
CA LEU A 138 2.23 11.89 -3.92
C LEU A 138 3.42 11.20 -3.23
N VAL A 139 3.22 9.95 -2.80
CA VAL A 139 4.28 9.22 -2.10
C VAL A 139 5.52 9.06 -2.98
N VAL A 140 5.34 8.63 -4.22
CA VAL A 140 6.49 8.45 -5.11
C VAL A 140 7.07 9.80 -5.52
N GLU A 141 6.23 10.83 -5.51
CA GLU A 141 6.68 12.17 -5.89
C GLU A 141 7.72 12.67 -4.90
N LEU A 142 7.46 12.45 -3.61
CA LEU A 142 8.39 12.87 -2.55
C LEU A 142 9.73 12.15 -2.66
N GLU A 143 9.69 10.88 -3.05
CA GLU A 143 10.90 10.10 -3.17
C GLU A 143 11.86 10.75 -4.16
N LYS A 144 11.31 11.25 -5.27
CA LYS A 144 12.12 11.92 -6.27
C LYS A 144 12.77 13.16 -5.68
N LEU A 145 12.01 13.86 -4.85
CA LEU A 145 12.50 15.08 -4.22
C LEU A 145 13.43 14.75 -3.05
N ASN A 146 13.46 13.48 -2.67
CA ASN A 146 14.30 13.04 -1.56
C ASN A 146 13.99 13.82 -0.29
N LEU A 147 12.71 14.00 -0.01
CA LEU A 147 12.26 14.71 1.19
C LEU A 147 11.84 13.71 2.25
N VAL A 148 11.46 12.52 1.80
CA VAL A 148 11.02 11.46 2.70
C VAL A 148 11.81 10.18 2.46
N ALA A 149 12.34 9.61 3.53
CA ALA A 149 13.11 8.37 3.46
C ALA A 149 12.42 7.28 4.30
N PRO A 150 12.67 6.03 4.00
CA PRO A 150 12.05 4.90 4.76
C PRO A 150 12.43 4.90 6.23
N ASP A 151 13.62 5.40 6.55
CA ASP A 151 14.08 5.45 7.93
C ASP A 151 13.71 6.79 8.56
N GLN A 152 13.25 7.72 7.73
CA GLN A 152 12.87 9.05 8.21
C GLN A 152 11.59 9.52 7.51
N LEU A 153 10.51 9.62 8.28
CA LEU A 153 9.23 10.07 7.74
C LEU A 153 8.97 11.51 8.16
N ASP A 154 9.18 11.78 9.46
CA ASP A 154 9.01 13.10 10.08
C ASP A 154 8.05 14.05 9.34
N LEU A 155 8.38 14.40 8.10
CA LEU A 155 7.54 15.31 7.33
C LEU A 155 6.12 14.76 7.17
N LEU A 156 6.01 13.46 6.93
CA LEU A 156 4.72 12.83 6.76
C LEU A 156 3.86 13.02 8.02
N GLU A 157 4.46 12.82 9.17
CA GLU A 157 3.74 12.96 10.44
C GLU A 157 3.26 14.40 10.65
N LYS A 158 4.12 15.36 10.32
CA LYS A 158 3.78 16.78 10.50
C LYS A 158 2.58 17.20 9.65
N CYS A 159 2.59 16.83 8.38
CA CYS A 159 1.51 17.21 7.48
C CYS A 159 0.19 16.57 7.90
N LEU A 160 0.26 15.30 8.30
CA LEU A 160 -0.94 14.57 8.72
C LEU A 160 -1.53 15.19 9.99
N LYS A 161 -0.66 15.61 10.90
CA LYS A 161 -1.09 16.21 12.14
C LYS A 161 -1.93 17.46 11.89
N ASN A 162 -1.49 18.29 10.94
CA ASN A 162 -2.21 19.51 10.62
C ASN A 162 -3.63 19.19 10.17
N ILE A 163 -3.77 18.15 9.35
CA ILE A 163 -5.09 17.75 8.86
C ILE A 163 -5.94 17.21 10.02
N HIS A 164 -5.41 17.32 11.23
CA HIS A 164 -6.10 16.84 12.42
C HIS A 164 -6.37 15.34 12.33
N ARG A 165 -5.37 14.60 11.84
CA ARG A 165 -5.48 13.14 11.71
C ARG A 165 -4.47 12.48 12.64
N ILE A 166 -4.72 12.57 13.94
CA ILE A 166 -3.83 12.01 14.93
C ILE A 166 -3.77 10.48 14.81
N ASP A 167 -4.87 9.88 14.37
CA ASP A 167 -4.92 8.43 14.22
C ASP A 167 -3.87 7.94 13.23
N LEU A 168 -3.79 8.62 12.09
CA LEU A 168 -2.80 8.25 11.07
C LEU A 168 -1.38 8.42 11.61
N LYS A 169 -1.17 9.49 12.36
CA LYS A 169 0.15 9.76 12.93
C LYS A 169 0.55 8.61 13.86
N THR A 170 -0.40 8.13 14.64
CA THR A 170 -0.15 7.04 15.58
C THR A 170 0.32 5.78 14.84
N LYS A 171 -0.34 5.46 13.73
CA LYS A 171 0.02 4.28 12.94
C LYS A 171 1.45 4.39 12.44
N ILE A 172 1.83 5.59 12.02
CA ILE A 172 3.18 5.84 11.52
C ILE A 172 4.21 5.60 12.62
N GLN A 173 3.88 5.99 13.84
CA GLN A 173 4.79 5.83 14.97
C GLN A 173 5.14 4.35 15.16
N LYS A 174 4.15 3.48 14.96
CA LYS A 174 4.39 2.05 15.12
C LYS A 174 5.49 1.61 14.17
N TYR A 175 5.43 2.09 12.94
CA TYR A 175 6.45 1.75 11.94
C TYR A 175 7.84 2.17 12.41
N LYS A 176 7.95 3.41 12.88
CA LYS A 176 9.23 3.93 13.35
C LYS A 176 9.76 3.08 14.51
N GLN A 177 8.88 2.66 15.40
CA GLN A 177 9.28 1.83 16.53
C GLN A 177 9.86 0.51 16.04
N LEU A 178 9.25 -0.04 15.00
CA LEU A 178 9.70 -1.31 14.43
C LEU A 178 11.09 -1.14 13.82
N GLU A 179 11.43 0.09 13.46
CA GLU A 179 12.73 0.38 12.86
C GLU A 179 13.82 0.30 13.93
N HIS A 180 13.77 -0.75 14.72
CA HIS A 180 14.76 -0.95 15.79
C HIS A 180 16.14 -1.20 15.22
N HIS A 181 17.17 -0.66 15.87
CA HIS A 181 18.56 -0.83 15.43
C HIS A 181 19.40 -1.42 16.56
N HIS A 182 20.30 -2.32 16.20
CA HIS A 182 21.18 -2.96 17.18
C HIS A 182 22.47 -2.17 17.36
N HIS A 183 22.63 -1.11 16.56
CA HIS A 183 23.82 -0.29 16.64
C HIS A 183 25.08 -1.13 16.50
N HIS A 184 25.03 -2.10 15.59
CA HIS A 184 26.17 -2.97 15.36
C HIS A 184 27.32 -2.20 14.70
N HIS A 185 28.52 -2.78 14.76
CA HIS A 185 29.69 -2.14 14.16
C HIS A 185 29.86 -0.73 14.73
N MET A 1 -2.54 -31.02 -11.43
CA MET A 1 -1.77 -30.19 -10.46
C MET A 1 -2.75 -29.31 -9.69
N GLY A 2 -3.08 -29.70 -8.46
CA GLY A 2 -4.00 -28.92 -7.64
C GLY A 2 -3.44 -27.54 -7.36
N ARG A 3 -2.14 -27.46 -7.12
CA ARG A 3 -1.49 -26.19 -6.81
C ARG A 3 -1.67 -25.19 -7.94
N SER A 4 -1.61 -25.68 -9.18
CA SER A 4 -1.76 -24.81 -10.34
C SER A 4 -3.13 -24.15 -10.32
N ASP A 5 -4.08 -24.78 -9.65
CA ASP A 5 -5.42 -24.23 -9.56
C ASP A 5 -5.35 -22.84 -8.97
N SER A 6 -4.21 -22.55 -8.34
CA SER A 6 -3.99 -21.24 -7.72
C SER A 6 -4.02 -20.15 -8.77
N ALA A 7 -3.75 -20.53 -10.01
CA ALA A 7 -3.74 -19.56 -11.11
C ALA A 7 -5.13 -18.97 -11.28
N GLU A 8 -6.14 -19.82 -11.15
CA GLU A 8 -7.53 -19.39 -11.30
C GLU A 8 -7.90 -18.36 -10.24
N VAL A 9 -7.46 -18.58 -9.01
CA VAL A 9 -7.75 -17.64 -7.94
C VAL A 9 -7.12 -16.28 -8.25
N ILE A 10 -5.89 -16.34 -8.73
CA ILE A 10 -5.15 -15.14 -9.09
C ILE A 10 -5.86 -14.37 -10.21
N HIS A 11 -6.32 -15.11 -11.22
CA HIS A 11 -7.00 -14.49 -12.36
C HIS A 11 -8.29 -13.78 -11.94
N GLN A 12 -9.06 -14.41 -11.06
CA GLN A 12 -10.34 -13.85 -10.62
C GLN A 12 -10.17 -12.51 -9.90
N VAL A 13 -9.16 -12.41 -9.03
CA VAL A 13 -8.96 -11.17 -8.29
C VAL A 13 -8.53 -10.03 -9.22
N GLU A 14 -7.76 -10.35 -10.25
CA GLU A 14 -7.31 -9.32 -11.18
C GLU A 14 -8.50 -8.69 -11.91
N GLU A 15 -9.44 -9.53 -12.32
CA GLU A 15 -10.63 -9.06 -13.02
C GLU A 15 -11.53 -8.26 -12.09
N ALA A 16 -11.65 -8.71 -10.85
CA ALA A 16 -12.51 -8.05 -9.87
C ALA A 16 -12.01 -6.65 -9.51
N LEU A 17 -10.70 -6.48 -9.41
CA LEU A 17 -10.14 -5.18 -9.05
C LEU A 17 -10.36 -4.16 -10.16
N ASP A 18 -10.72 -2.95 -9.78
CA ASP A 18 -10.95 -1.87 -10.73
C ASP A 18 -9.62 -1.33 -11.24
N THR A 19 -9.67 -0.57 -12.32
CA THR A 19 -8.45 -0.01 -12.90
C THR A 19 -7.80 0.94 -11.90
N ASP A 20 -8.60 1.50 -11.01
CA ASP A 20 -8.07 2.41 -10.00
C ASP A 20 -7.32 1.61 -8.93
N GLU A 21 -7.92 0.49 -8.53
CA GLU A 21 -7.34 -0.37 -7.50
C GLU A 21 -6.09 -1.13 -7.95
N LYS A 22 -6.07 -1.59 -9.21
CA LYS A 22 -4.92 -2.35 -9.69
C LYS A 22 -3.64 -1.56 -9.54
N GLU A 23 -3.76 -0.24 -9.48
CA GLU A 23 -2.59 0.62 -9.32
C GLU A 23 -1.93 0.34 -7.98
N MET A 24 -2.77 0.12 -6.97
CA MET A 24 -2.29 -0.16 -5.62
C MET A 24 -1.50 -1.47 -5.59
N LEU A 25 -1.95 -2.46 -6.36
CA LEU A 25 -1.27 -3.75 -6.38
C LEU A 25 0.18 -3.60 -6.85
N LEU A 26 0.40 -2.82 -7.90
CA LEU A 26 1.75 -2.61 -8.41
C LEU A 26 2.57 -1.86 -7.37
N PHE A 27 1.95 -0.87 -6.76
CA PHE A 27 2.61 -0.06 -5.74
C PHE A 27 3.02 -0.92 -4.55
N LEU A 28 2.07 -1.71 -4.04
CA LEU A 28 2.34 -2.57 -2.90
C LEU A 28 3.39 -3.63 -3.22
N CYS A 29 3.32 -4.19 -4.43
CA CYS A 29 4.27 -5.22 -4.85
C CYS A 29 5.46 -4.58 -5.55
N ARG A 30 5.55 -3.26 -5.48
CA ARG A 30 6.64 -2.54 -6.12
C ARG A 30 7.98 -2.99 -5.56
N ASP A 31 8.06 -3.12 -4.24
CA ASP A 31 9.31 -3.57 -3.62
C ASP A 31 9.64 -4.99 -4.05
N VAL A 32 8.64 -5.87 -4.01
CA VAL A 32 8.84 -7.26 -4.42
C VAL A 32 9.17 -7.33 -5.90
N ALA A 33 8.50 -6.50 -6.69
CA ALA A 33 8.72 -6.47 -8.14
C ALA A 33 8.98 -5.03 -8.60
N ILE A 34 10.09 -4.84 -9.30
CA ILE A 34 10.46 -3.52 -9.81
C ILE A 34 9.75 -3.25 -11.13
N ASP A 35 8.45 -3.56 -11.15
CA ASP A 35 7.64 -3.36 -12.35
C ASP A 35 8.22 -4.16 -13.52
N VAL A 36 8.92 -5.22 -13.19
CA VAL A 36 9.51 -6.09 -14.21
C VAL A 36 8.41 -6.78 -14.99
N VAL A 37 7.22 -6.81 -14.40
CA VAL A 37 6.07 -7.45 -15.02
C VAL A 37 5.70 -6.76 -16.34
N PRO A 38 5.34 -7.50 -17.38
CA PRO A 38 4.92 -6.85 -18.66
C PRO A 38 3.81 -5.84 -18.41
N PRO A 39 3.36 -5.13 -19.42
CA PRO A 39 2.28 -4.11 -19.26
C PRO A 39 1.05 -4.68 -18.55
N ASN A 40 0.76 -5.96 -18.80
CA ASN A 40 -0.41 -6.59 -18.19
C ASN A 40 -0.19 -6.81 -16.68
N VAL A 41 -1.14 -6.34 -15.89
CA VAL A 41 -1.09 -6.47 -14.44
C VAL A 41 -1.34 -7.92 -14.00
N ARG A 42 -2.05 -8.67 -14.82
CA ARG A 42 -2.38 -10.05 -14.49
C ARG A 42 -1.11 -10.86 -14.24
N ASP A 43 -0.08 -10.60 -15.04
CA ASP A 43 1.17 -11.33 -14.92
C ASP A 43 1.91 -10.98 -13.62
N LEU A 44 1.56 -9.84 -13.01
CA LEU A 44 2.23 -9.42 -11.77
C LEU A 44 2.11 -10.48 -10.69
N LEU A 45 0.89 -10.98 -10.47
CA LEU A 45 0.68 -12.00 -9.46
C LEU A 45 1.31 -13.32 -9.91
N ASP A 46 1.37 -13.53 -11.21
CA ASP A 46 1.94 -14.76 -11.76
C ASP A 46 3.41 -14.91 -11.37
N ILE A 47 4.19 -13.83 -11.48
CA ILE A 47 5.60 -13.90 -11.13
C ILE A 47 5.81 -14.00 -9.62
N LEU A 48 4.90 -13.40 -8.86
CA LEU A 48 5.01 -13.47 -7.39
C LEU A 48 4.79 -14.91 -6.93
N ARG A 49 3.84 -15.60 -7.55
CA ARG A 49 3.57 -16.99 -7.19
C ARG A 49 4.78 -17.86 -7.43
N GLU A 50 5.45 -17.64 -8.56
CA GLU A 50 6.63 -18.41 -8.91
C GLU A 50 7.73 -18.21 -7.86
N ARG A 51 7.86 -16.98 -7.38
CA ARG A 51 8.86 -16.68 -6.37
C ARG A 51 8.49 -17.32 -5.04
N GLY A 52 7.21 -17.69 -4.90
CA GLY A 52 6.74 -18.32 -3.67
C GLY A 52 6.49 -17.27 -2.60
N LYS A 53 6.47 -16.00 -3.01
CA LYS A 53 6.24 -14.90 -2.07
C LYS A 53 4.75 -14.58 -1.96
N LEU A 54 3.92 -15.29 -2.71
CA LEU A 54 2.47 -15.04 -2.66
C LEU A 54 1.80 -15.92 -1.63
N SER A 55 1.44 -15.33 -0.50
CA SER A 55 0.75 -16.05 0.57
C SER A 55 -0.76 -15.84 0.45
N VAL A 56 -1.53 -16.83 0.89
CA VAL A 56 -2.98 -16.71 0.83
C VAL A 56 -3.42 -15.50 1.66
N GLY A 57 -2.83 -15.37 2.85
CA GLY A 57 -3.14 -14.28 3.75
C GLY A 57 -2.79 -12.93 3.12
N ASP A 58 -1.67 -12.88 2.39
CA ASP A 58 -1.23 -11.65 1.75
C ASP A 58 -2.30 -11.08 0.83
N LEU A 59 -2.97 -11.94 0.08
CA LEU A 59 -4.01 -11.50 -0.83
C LEU A 59 -5.11 -10.78 -0.06
N ALA A 60 -5.42 -11.31 1.12
CA ALA A 60 -6.43 -10.70 1.97
C ALA A 60 -6.02 -9.28 2.34
N GLU A 61 -4.74 -9.12 2.66
CA GLU A 61 -4.20 -7.82 3.02
C GLU A 61 -4.29 -6.87 1.82
N LEU A 62 -3.94 -7.40 0.64
CA LEU A 62 -3.98 -6.58 -0.57
C LEU A 62 -5.40 -6.15 -0.87
N LEU A 63 -6.35 -7.06 -0.70
CA LEU A 63 -7.76 -6.75 -0.94
C LEU A 63 -8.27 -5.74 0.09
N TYR A 64 -7.79 -5.87 1.32
CA TYR A 64 -8.22 -4.98 2.41
C TYR A 64 -7.86 -3.51 2.14
N ARG A 65 -6.62 -3.25 1.72
CA ARG A 65 -6.18 -1.87 1.46
C ARG A 65 -7.08 -1.17 0.42
N VAL A 66 -7.48 -1.89 -0.61
CA VAL A 66 -8.33 -1.29 -1.65
C VAL A 66 -9.78 -1.17 -1.16
N ARG A 67 -9.98 -1.41 0.13
CA ARG A 67 -11.32 -1.33 0.73
C ARG A 67 -12.32 -2.25 0.06
N ARG A 68 -11.92 -3.51 -0.17
CA ARG A 68 -12.81 -4.48 -0.81
C ARG A 68 -13.17 -5.61 0.17
N PHE A 69 -14.11 -5.33 1.07
CA PHE A 69 -14.55 -6.33 2.03
C PHE A 69 -15.39 -7.39 1.34
N ASP A 70 -16.08 -6.98 0.27
CA ASP A 70 -16.93 -7.89 -0.49
C ASP A 70 -16.11 -9.00 -1.13
N LEU A 71 -14.96 -8.63 -1.71
CA LEU A 71 -14.09 -9.58 -2.38
C LEU A 71 -13.48 -10.55 -1.37
N LEU A 72 -13.19 -10.06 -0.18
CA LEU A 72 -12.58 -10.91 0.85
C LEU A 72 -13.49 -12.09 1.18
N LYS A 73 -14.78 -11.84 1.27
CA LYS A 73 -15.74 -12.91 1.57
C LYS A 73 -15.99 -13.78 0.34
N ARG A 74 -15.70 -13.25 -0.85
CA ARG A 74 -15.93 -13.99 -2.07
C ARG A 74 -14.74 -14.87 -2.47
N ILE A 75 -13.54 -14.28 -2.51
CA ILE A 75 -12.35 -15.03 -2.92
C ILE A 75 -11.72 -15.81 -1.76
N LEU A 76 -11.35 -15.12 -0.67
CA LEU A 76 -10.72 -15.81 0.46
C LEU A 76 -11.72 -16.23 1.51
N LYS A 77 -12.99 -15.89 1.31
CA LYS A 77 -14.02 -16.26 2.26
C LYS A 77 -13.65 -15.79 3.67
N MET A 78 -13.12 -14.58 3.76
CA MET A 78 -12.72 -14.01 5.05
C MET A 78 -13.70 -12.92 5.49
N ASP A 79 -14.11 -12.99 6.76
CA ASP A 79 -15.04 -12.01 7.30
C ASP A 79 -14.36 -10.64 7.34
N ARG A 80 -15.14 -9.58 7.14
CA ARG A 80 -14.58 -8.24 7.15
C ARG A 80 -13.94 -7.94 8.50
N LYS A 81 -14.63 -8.28 9.59
CA LYS A 81 -14.10 -8.03 10.92
C LYS A 81 -12.91 -8.94 11.23
N ALA A 82 -12.89 -10.12 10.61
CA ALA A 82 -11.79 -11.06 10.84
C ALA A 82 -10.48 -10.42 10.39
N VAL A 83 -10.54 -9.70 9.28
CA VAL A 83 -9.36 -9.04 8.76
C VAL A 83 -8.84 -8.02 9.77
N GLU A 84 -9.75 -7.27 10.37
CA GLU A 84 -9.37 -6.27 11.35
C GLU A 84 -8.66 -6.92 12.53
N THR A 85 -9.19 -8.06 12.97
CA THR A 85 -8.57 -8.78 14.08
C THR A 85 -7.25 -9.39 13.64
N HIS A 86 -7.23 -9.89 12.41
CA HIS A 86 -6.02 -10.50 11.85
C HIS A 86 -4.91 -9.48 11.77
N LEU A 87 -5.25 -8.28 11.29
CA LEU A 87 -4.28 -7.20 11.15
C LEU A 87 -3.84 -6.68 12.52
N LEU A 88 -4.50 -7.13 13.57
CA LEU A 88 -4.13 -6.70 14.92
C LEU A 88 -2.65 -6.98 15.16
N ARG A 89 -2.20 -8.14 14.69
CA ARG A 89 -0.79 -8.50 14.83
C ARG A 89 0.05 -7.70 13.84
N ASN A 90 -0.65 -7.04 12.91
CA ASN A 90 0.00 -6.22 11.89
C ASN A 90 1.11 -6.98 11.15
N PRO A 91 0.80 -8.11 10.57
CA PRO A 91 1.78 -8.90 9.79
C PRO A 91 1.92 -8.35 8.37
N HIS A 92 3.16 -8.30 7.87
CA HIS A 92 3.40 -7.79 6.52
C HIS A 92 4.34 -8.70 5.74
N LEU A 93 3.84 -9.29 4.66
CA LEU A 93 4.67 -10.15 3.83
C LEU A 93 5.76 -9.31 3.19
N VAL A 94 5.39 -8.11 2.77
CA VAL A 94 6.31 -7.17 2.14
C VAL A 94 6.70 -6.07 3.14
N SER A 95 7.68 -5.26 2.77
CA SER A 95 8.13 -4.20 3.66
C SER A 95 6.96 -3.34 4.12
N ASP A 96 6.96 -3.00 5.41
CA ASP A 96 5.90 -2.19 5.99
C ASP A 96 5.88 -0.79 5.40
N TYR A 97 7.03 -0.34 4.90
CA TYR A 97 7.11 1.02 4.34
C TYR A 97 6.13 1.20 3.18
N ARG A 98 6.13 0.27 2.24
CA ARG A 98 5.24 0.37 1.09
C ARG A 98 3.78 0.26 1.50
N VAL A 99 3.48 -0.71 2.38
CA VAL A 99 2.12 -0.92 2.86
C VAL A 99 1.65 0.29 3.68
N LEU A 100 2.56 0.84 4.47
CA LEU A 100 2.24 1.98 5.32
C LEU A 100 1.73 3.12 4.46
N MET A 101 2.41 3.38 3.37
CA MET A 101 2.03 4.47 2.47
C MET A 101 0.63 4.24 1.91
N ALA A 102 0.35 3.02 1.48
CA ALA A 102 -0.96 2.70 0.92
C ALA A 102 -2.06 2.82 1.97
N GLU A 103 -1.79 2.30 3.16
CA GLU A 103 -2.77 2.34 4.25
C GLU A 103 -3.10 3.78 4.65
N ILE A 104 -2.08 4.62 4.77
CA ILE A 104 -2.30 6.02 5.13
C ILE A 104 -3.16 6.71 4.08
N GLY A 105 -2.84 6.48 2.80
CA GLY A 105 -3.60 7.09 1.73
C GLY A 105 -5.05 6.66 1.80
N GLU A 106 -5.27 5.39 2.11
CA GLU A 106 -6.63 4.86 2.22
C GLU A 106 -7.40 5.56 3.33
N ASP A 107 -6.73 5.83 4.44
CA ASP A 107 -7.38 6.48 5.57
C ASP A 107 -7.79 7.90 5.21
N LEU A 108 -6.96 8.60 4.45
CA LEU A 108 -7.27 9.97 4.07
C LEU A 108 -8.32 9.99 2.97
N ASP A 109 -9.25 10.94 3.05
CA ASP A 109 -10.30 11.06 2.04
C ASP A 109 -9.86 11.98 0.91
N LYS A 110 -10.72 12.20 -0.06
CA LYS A 110 -10.39 13.06 -1.20
C LYS A 110 -10.10 14.49 -0.74
N SER A 111 -10.90 14.99 0.19
CA SER A 111 -10.71 16.35 0.70
C SER A 111 -9.37 16.49 1.41
N ASP A 112 -9.02 15.46 2.17
CA ASP A 112 -7.77 15.46 2.93
C ASP A 112 -6.56 15.53 2.00
N VAL A 113 -6.64 14.83 0.88
CA VAL A 113 -5.54 14.83 -0.09
C VAL A 113 -5.27 16.25 -0.59
N SER A 114 -6.33 16.98 -0.91
CA SER A 114 -6.18 18.34 -1.41
C SER A 114 -5.53 19.24 -0.35
N SER A 115 -5.97 19.08 0.90
CA SER A 115 -5.43 19.87 2.00
C SER A 115 -3.96 19.54 2.26
N LEU A 116 -3.62 18.27 2.11
CA LEU A 116 -2.26 17.81 2.34
C LEU A 116 -1.29 18.47 1.35
N ILE A 117 -1.77 18.69 0.12
CA ILE A 117 -0.94 19.29 -0.92
C ILE A 117 -0.51 20.71 -0.54
N GLY A 118 -1.40 21.49 0.05
CA GLY A 118 -1.06 22.85 0.43
C GLY A 118 0.13 22.85 1.38
N LEU A 119 0.14 21.90 2.31
CA LEU A 119 1.23 21.77 3.27
C LEU A 119 2.53 21.43 2.54
N MET A 120 2.41 20.58 1.52
CA MET A 120 3.56 20.14 0.74
C MET A 120 4.21 21.29 -0.01
N LYS A 121 3.40 22.24 -0.47
CA LYS A 121 3.94 23.39 -1.22
C LYS A 121 4.94 24.16 -0.37
N ASP A 122 4.67 24.29 0.92
CA ASP A 122 5.56 25.05 1.80
C ASP A 122 6.96 24.44 1.83
N TYR A 123 7.04 23.10 1.87
CA TYR A 123 8.34 22.43 1.89
C TYR A 123 8.85 22.19 0.48
N MET A 124 7.97 21.72 -0.38
CA MET A 124 8.31 21.45 -1.77
C MET A 124 8.58 22.75 -2.50
N GLY A 125 7.85 23.80 -2.10
CA GLY A 125 7.99 25.09 -2.75
C GLY A 125 7.15 25.13 -4.01
N ARG A 126 6.17 24.24 -4.08
CA ARG A 126 5.27 24.13 -5.22
C ARG A 126 6.01 23.61 -6.44
N GLY A 127 6.34 22.32 -6.39
CA GLY A 127 7.06 21.66 -7.47
C GLY A 127 6.10 20.92 -8.39
N LYS A 128 6.50 19.72 -8.81
CA LYS A 128 5.68 18.91 -9.70
C LYS A 128 4.55 18.23 -8.93
N ILE A 129 3.45 18.94 -8.72
CA ILE A 129 2.32 18.37 -7.99
C ILE A 129 1.01 19.05 -8.37
N SER A 130 -0.06 18.25 -8.44
CA SER A 130 -1.39 18.77 -8.80
C SER A 130 -2.46 18.21 -7.87
N LYS A 131 -3.60 18.90 -7.83
CA LYS A 131 -4.71 18.49 -6.99
C LYS A 131 -5.25 17.13 -7.43
N GLU A 132 -5.25 16.91 -8.75
CA GLU A 132 -5.76 15.66 -9.31
C GLU A 132 -4.98 14.45 -8.78
N LYS A 133 -3.68 14.58 -8.63
CA LYS A 133 -2.86 13.46 -8.15
C LYS A 133 -3.46 12.84 -6.89
N SER A 134 -3.50 11.52 -6.86
CA SER A 134 -4.03 10.79 -5.71
C SER A 134 -2.96 10.69 -4.62
N PHE A 135 -3.35 10.25 -3.44
CA PHE A 135 -2.40 10.12 -2.33
C PHE A 135 -1.25 9.21 -2.72
N LEU A 136 -1.58 8.12 -3.41
CA LEU A 136 -0.56 7.18 -3.84
C LEU A 136 0.45 7.88 -4.73
N ASP A 137 -0.05 8.72 -5.63
CA ASP A 137 0.82 9.47 -6.53
C ASP A 137 1.71 10.42 -5.73
N LEU A 138 1.16 11.02 -4.68
CA LEU A 138 1.91 11.95 -3.85
C LEU A 138 3.13 11.27 -3.21
N VAL A 139 2.96 10.02 -2.79
CA VAL A 139 4.05 9.30 -2.15
C VAL A 139 5.26 9.15 -3.07
N VAL A 140 5.02 8.73 -4.31
CA VAL A 140 6.12 8.57 -5.26
C VAL A 140 6.64 9.93 -5.72
N GLU A 141 5.80 10.95 -5.63
CA GLU A 141 6.18 12.29 -6.03
C GLU A 141 7.30 12.83 -5.14
N LEU A 142 7.23 12.51 -3.86
CA LEU A 142 8.26 12.97 -2.90
C LEU A 142 9.57 12.21 -3.08
N GLU A 143 9.51 11.01 -3.66
CA GLU A 143 10.70 10.20 -3.85
C GLU A 143 11.76 10.89 -4.73
N LYS A 144 11.31 11.52 -5.81
CA LYS A 144 12.24 12.20 -6.72
C LYS A 144 12.96 13.36 -6.01
N LEU A 145 12.25 14.03 -5.11
CA LEU A 145 12.82 15.17 -4.39
C LEU A 145 13.64 14.69 -3.18
N ASN A 146 13.51 13.41 -2.85
CA ASN A 146 14.25 12.84 -1.72
C ASN A 146 13.96 13.61 -0.42
N LEU A 147 12.68 13.88 -0.18
CA LEU A 147 12.27 14.59 1.03
C LEU A 147 11.81 13.58 2.08
N VAL A 148 11.45 12.39 1.60
CA VAL A 148 10.99 11.31 2.45
C VAL A 148 11.82 10.06 2.23
N ALA A 149 12.32 9.49 3.33
CA ALA A 149 13.15 8.28 3.26
C ALA A 149 12.49 7.16 4.07
N PRO A 150 12.73 5.91 3.72
CA PRO A 150 12.12 4.74 4.42
C PRO A 150 12.61 4.63 5.87
N ASP A 151 13.80 5.15 6.15
CA ASP A 151 14.34 5.07 7.50
C ASP A 151 13.99 6.33 8.31
N GLN A 152 13.56 7.38 7.61
CA GLN A 152 13.18 8.63 8.25
C GLN A 152 12.04 9.28 7.50
N LEU A 153 10.91 9.42 8.17
CA LEU A 153 9.73 10.03 7.55
C LEU A 153 9.64 11.49 7.98
N ASP A 154 9.49 11.68 9.30
CA ASP A 154 9.42 13.01 9.93
C ASP A 154 8.42 13.96 9.25
N LEU A 155 8.65 14.27 7.99
CA LEU A 155 7.78 15.19 7.24
C LEU A 155 6.35 14.67 7.15
N LEU A 156 6.21 13.37 6.89
CA LEU A 156 4.89 12.77 6.76
C LEU A 156 4.08 12.95 8.05
N GLU A 157 4.71 12.71 9.19
CA GLU A 157 4.04 12.85 10.47
C GLU A 157 3.59 14.29 10.73
N LYS A 158 4.46 15.24 10.40
CA LYS A 158 4.16 16.66 10.61
C LYS A 158 2.94 17.11 9.80
N CYS A 159 2.91 16.74 8.53
CA CYS A 159 1.80 17.15 7.66
C CYS A 159 0.47 16.57 8.13
N LEU A 160 0.49 15.32 8.56
CA LEU A 160 -0.73 14.65 9.02
C LEU A 160 -1.27 15.34 10.28
N LYS A 161 -0.35 15.72 11.16
CA LYS A 161 -0.74 16.40 12.40
C LYS A 161 -1.46 17.70 12.08
N ASN A 162 -0.99 18.41 11.06
CA ASN A 162 -1.61 19.67 10.67
C ASN A 162 -3.07 19.47 10.30
N ILE A 163 -3.34 18.36 9.61
CA ILE A 163 -4.72 18.05 9.21
C ILE A 163 -5.55 17.78 10.46
N HIS A 164 -4.85 17.44 11.55
CA HIS A 164 -5.49 17.16 12.83
C HIS A 164 -5.93 15.70 12.96
N ARG A 165 -5.18 14.79 12.33
CA ARG A 165 -5.47 13.35 12.42
C ARG A 165 -4.33 12.64 13.13
N ILE A 166 -4.40 12.60 14.44
CA ILE A 166 -3.37 11.97 15.24
C ILE A 166 -3.36 10.45 15.05
N ASP A 167 -4.49 9.90 14.62
CA ASP A 167 -4.61 8.46 14.42
C ASP A 167 -3.59 7.95 13.40
N LEU A 168 -3.48 8.65 12.28
CA LEU A 168 -2.53 8.25 11.24
C LEU A 168 -1.10 8.35 11.76
N LYS A 169 -0.82 9.40 12.52
CA LYS A 169 0.52 9.60 13.08
C LYS A 169 0.92 8.42 13.94
N THR A 170 -0.02 7.92 14.75
CA THR A 170 0.26 6.80 15.63
C THR A 170 0.68 5.56 14.83
N LYS A 171 -0.02 5.30 13.74
CA LYS A 171 0.31 4.14 12.90
C LYS A 171 1.72 4.27 12.34
N ILE A 172 2.09 5.48 11.94
CA ILE A 172 3.41 5.75 11.40
C ILE A 172 4.48 5.46 12.45
N GLN A 173 4.20 5.81 13.70
CA GLN A 173 5.16 5.60 14.77
C GLN A 173 5.49 4.11 14.88
N LYS A 174 4.50 3.26 14.67
CA LYS A 174 4.72 1.82 14.74
C LYS A 174 5.79 1.42 13.72
N TYR A 175 5.68 1.97 12.53
CA TYR A 175 6.65 1.67 11.47
C TYR A 175 8.08 2.07 11.88
N LYS A 176 8.24 3.27 12.41
CA LYS A 176 9.56 3.74 12.80
C LYS A 176 10.22 2.83 13.84
N GLN A 177 9.46 2.36 14.81
CA GLN A 177 10.02 1.47 15.83
C GLN A 177 10.07 0.02 15.32
N LEU A 178 9.32 -0.26 14.26
CA LEU A 178 9.26 -1.60 13.66
C LEU A 178 9.77 -1.56 12.22
N GLU A 179 10.62 -0.58 11.92
CA GLU A 179 11.14 -0.44 10.56
C GLU A 179 12.14 -1.55 10.24
N HIS A 180 12.65 -2.20 11.28
CA HIS A 180 13.61 -3.28 11.09
C HIS A 180 12.93 -4.47 10.43
N HIS A 181 13.52 -4.95 9.34
CA HIS A 181 12.96 -6.10 8.63
C HIS A 181 14.04 -6.85 7.86
N HIS A 182 14.15 -8.15 8.10
CA HIS A 182 15.15 -8.98 7.43
C HIS A 182 16.48 -8.23 7.31
N HIS A 183 16.93 -8.02 6.08
CA HIS A 183 18.19 -7.32 5.83
C HIS A 183 18.19 -6.70 4.44
N HIS A 184 19.12 -5.76 4.21
CA HIS A 184 19.22 -5.09 2.93
C HIS A 184 20.66 -4.64 2.68
N HIS A 185 21.14 -4.86 1.45
CA HIS A 185 22.50 -4.47 1.09
C HIS A 185 22.57 -2.96 0.87
N MET A 1 3.43 -25.34 -9.98
CA MET A 1 3.12 -26.57 -10.77
C MET A 1 1.97 -27.31 -10.11
N GLY A 2 2.21 -27.84 -8.91
CA GLY A 2 1.18 -28.56 -8.19
C GLY A 2 -0.03 -27.67 -7.89
N ARG A 3 0.25 -26.41 -7.53
CA ARG A 3 -0.80 -25.46 -7.22
C ARG A 3 -1.26 -24.76 -8.50
N SER A 4 -1.56 -25.55 -9.52
CA SER A 4 -2.01 -25.01 -10.81
C SER A 4 -3.33 -24.26 -10.67
N ASP A 5 -4.23 -24.80 -9.85
CA ASP A 5 -5.55 -24.18 -9.67
C ASP A 5 -5.42 -22.81 -9.01
N SER A 6 -4.25 -22.51 -8.45
CA SER A 6 -4.04 -21.22 -7.81
C SER A 6 -4.03 -20.11 -8.84
N ALA A 7 -3.77 -20.48 -10.09
CA ALA A 7 -3.75 -19.49 -11.17
C ALA A 7 -5.14 -18.88 -11.34
N GLU A 8 -6.16 -19.72 -11.21
CA GLU A 8 -7.54 -19.26 -11.36
C GLU A 8 -7.90 -18.25 -10.28
N VAL A 9 -7.46 -18.52 -9.05
CA VAL A 9 -7.75 -17.60 -7.95
C VAL A 9 -7.11 -16.25 -8.25
N ILE A 10 -5.89 -16.29 -8.72
CA ILE A 10 -5.14 -15.08 -9.05
C ILE A 10 -5.85 -14.29 -10.16
N HIS A 11 -6.31 -15.01 -11.18
CA HIS A 11 -7.00 -14.38 -12.31
C HIS A 11 -8.29 -13.68 -11.86
N GLN A 12 -9.06 -14.34 -11.00
CA GLN A 12 -10.33 -13.79 -10.55
C GLN A 12 -10.16 -12.47 -9.79
N VAL A 13 -9.15 -12.38 -8.94
CA VAL A 13 -8.95 -11.14 -8.18
C VAL A 13 -8.52 -10.00 -9.09
N GLU A 14 -7.73 -10.31 -10.12
CA GLU A 14 -7.29 -9.27 -11.06
C GLU A 14 -8.46 -8.66 -11.78
N GLU A 15 -9.40 -9.50 -12.20
CA GLU A 15 -10.59 -9.04 -12.91
C GLU A 15 -11.50 -8.22 -11.99
N ALA A 16 -11.62 -8.67 -10.75
CA ALA A 16 -12.49 -8.01 -9.78
C ALA A 16 -11.99 -6.61 -9.42
N LEU A 17 -10.68 -6.43 -9.31
CA LEU A 17 -10.12 -5.12 -8.95
C LEU A 17 -10.40 -4.09 -10.03
N ASP A 18 -10.74 -2.88 -9.59
CA ASP A 18 -11.03 -1.78 -10.52
C ASP A 18 -9.74 -1.26 -11.13
N THR A 19 -9.87 -0.49 -12.21
CA THR A 19 -8.70 0.04 -12.89
C THR A 19 -7.94 1.01 -11.98
N ASP A 20 -8.63 1.54 -10.98
CA ASP A 20 -8.00 2.45 -10.03
C ASP A 20 -7.29 1.67 -8.92
N GLU A 21 -7.90 0.54 -8.51
CA GLU A 21 -7.33 -0.29 -7.45
C GLU A 21 -6.09 -1.06 -7.91
N LYS A 22 -6.09 -1.53 -9.15
CA LYS A 22 -4.96 -2.32 -9.65
C LYS A 22 -3.66 -1.54 -9.52
N GLU A 23 -3.76 -0.22 -9.47
CA GLU A 23 -2.59 0.64 -9.32
C GLU A 23 -1.92 0.36 -7.98
N MET A 24 -2.74 0.16 -6.96
CA MET A 24 -2.26 -0.11 -5.61
C MET A 24 -1.48 -1.42 -5.58
N LEU A 25 -1.94 -2.41 -6.33
CA LEU A 25 -1.26 -3.71 -6.36
C LEU A 25 0.19 -3.56 -6.84
N LEU A 26 0.38 -2.78 -7.91
CA LEU A 26 1.73 -2.57 -8.45
C LEU A 26 2.57 -1.81 -7.43
N PHE A 27 1.95 -0.82 -6.82
CA PHE A 27 2.62 0.00 -5.83
C PHE A 27 3.07 -0.83 -4.62
N LEU A 28 2.14 -1.64 -4.10
CA LEU A 28 2.43 -2.48 -2.94
C LEU A 28 3.49 -3.52 -3.26
N CYS A 29 3.42 -4.10 -4.46
CA CYS A 29 4.39 -5.12 -4.87
C CYS A 29 5.57 -4.47 -5.58
N ARG A 30 5.62 -3.15 -5.54
CA ARG A 30 6.71 -2.41 -6.18
C ARG A 30 8.04 -2.82 -5.58
N ASP A 31 8.07 -2.93 -4.25
CA ASP A 31 9.29 -3.33 -3.57
C ASP A 31 9.68 -4.76 -3.96
N VAL A 32 8.69 -5.65 -4.00
CA VAL A 32 8.93 -7.06 -4.35
C VAL A 32 9.39 -7.18 -5.81
N ALA A 33 8.78 -6.40 -6.70
CA ALA A 33 9.12 -6.45 -8.13
C ALA A 33 9.48 -5.07 -8.66
N ILE A 34 10.57 -4.99 -9.41
CA ILE A 34 11.02 -3.73 -9.97
C ILE A 34 10.23 -3.40 -11.25
N ASP A 35 8.92 -3.63 -11.19
CA ASP A 35 8.06 -3.38 -12.34
C ASP A 35 8.51 -4.23 -13.52
N VAL A 36 9.03 -5.41 -13.22
CA VAL A 36 9.48 -6.33 -14.25
C VAL A 36 8.29 -6.89 -15.01
N VAL A 37 7.12 -6.83 -14.38
CA VAL A 37 5.90 -7.33 -14.98
C VAL A 37 5.56 -6.55 -16.25
N PRO A 38 5.10 -7.22 -17.31
CA PRO A 38 4.72 -6.51 -18.57
C PRO A 38 3.45 -5.67 -18.35
N PRO A 39 3.10 -4.79 -19.25
CA PRO A 39 1.90 -3.93 -19.10
C PRO A 39 0.69 -4.73 -18.58
N ASN A 40 0.79 -6.06 -18.63
CA ASN A 40 -0.28 -6.91 -18.15
C ASN A 40 -0.17 -7.06 -16.63
N VAL A 41 -1.04 -6.37 -15.90
CA VAL A 41 -1.01 -6.43 -14.44
C VAL A 41 -1.30 -7.83 -13.93
N ARG A 42 -1.98 -8.63 -14.73
CA ARG A 42 -2.31 -9.99 -14.33
C ARG A 42 -1.02 -10.77 -14.07
N ASP A 43 -0.01 -10.50 -14.89
CA ASP A 43 1.28 -11.14 -14.77
C ASP A 43 1.98 -10.77 -13.45
N LEU A 44 1.56 -9.67 -12.84
CA LEU A 44 2.19 -9.23 -11.59
C LEU A 44 2.10 -10.32 -10.52
N LEU A 45 0.91 -10.86 -10.32
CA LEU A 45 0.72 -11.90 -9.33
C LEU A 45 1.35 -13.21 -9.80
N ASP A 46 1.43 -13.39 -11.12
CA ASP A 46 2.01 -14.60 -11.69
C ASP A 46 3.47 -14.78 -11.28
N ILE A 47 4.25 -13.70 -11.32
CA ILE A 47 5.66 -13.79 -10.96
C ILE A 47 5.84 -13.95 -9.45
N LEU A 48 4.92 -13.37 -8.68
CA LEU A 48 5.01 -13.49 -7.22
C LEU A 48 4.78 -14.94 -6.79
N ARG A 49 3.84 -15.61 -7.45
CA ARG A 49 3.55 -17.00 -7.13
C ARG A 49 4.77 -17.88 -7.39
N GLU A 50 5.45 -17.61 -8.50
CA GLU A 50 6.63 -18.39 -8.87
C GLU A 50 7.71 -18.28 -7.78
N ARG A 51 7.85 -17.08 -7.23
CA ARG A 51 8.83 -16.87 -6.17
C ARG A 51 8.40 -17.58 -4.90
N GLY A 52 7.11 -17.91 -4.82
CA GLY A 52 6.58 -18.59 -3.63
C GLY A 52 6.29 -17.60 -2.52
N LYS A 53 6.48 -16.32 -2.83
CA LYS A 53 6.26 -15.26 -1.85
C LYS A 53 4.77 -14.92 -1.72
N LEU A 54 3.95 -15.43 -2.64
CA LEU A 54 2.52 -15.13 -2.60
C LEU A 54 1.83 -15.97 -1.53
N SER A 55 1.49 -15.33 -0.42
CA SER A 55 0.79 -16.00 0.68
C SER A 55 -0.71 -15.75 0.58
N VAL A 56 -1.51 -16.72 1.00
CA VAL A 56 -2.95 -16.58 0.96
C VAL A 56 -3.38 -15.38 1.82
N GLY A 57 -2.79 -15.29 3.00
CA GLY A 57 -3.09 -14.20 3.93
C GLY A 57 -2.74 -12.84 3.33
N ASP A 58 -1.63 -12.80 2.59
CA ASP A 58 -1.17 -11.55 1.98
C ASP A 58 -2.24 -10.98 1.05
N LEU A 59 -2.91 -11.85 0.30
CA LEU A 59 -3.95 -11.40 -0.62
C LEU A 59 -5.05 -10.68 0.15
N ALA A 60 -5.38 -11.20 1.33
CA ALA A 60 -6.41 -10.58 2.15
C ALA A 60 -6.01 -9.16 2.50
N GLU A 61 -4.75 -8.99 2.87
CA GLU A 61 -4.23 -7.68 3.22
C GLU A 61 -4.30 -6.76 2.00
N LEU A 62 -3.92 -7.30 0.84
CA LEU A 62 -3.93 -6.52 -0.39
C LEU A 62 -5.37 -6.11 -0.74
N LEU A 63 -6.30 -7.04 -0.58
CA LEU A 63 -7.70 -6.76 -0.88
C LEU A 63 -8.27 -5.75 0.12
N TYR A 64 -7.84 -5.87 1.37
CA TYR A 64 -8.32 -4.97 2.44
C TYR A 64 -7.95 -3.50 2.16
N ARG A 65 -6.70 -3.25 1.80
CA ARG A 65 -6.23 -1.87 1.53
C ARG A 65 -7.08 -1.18 0.45
N VAL A 66 -7.46 -1.92 -0.59
CA VAL A 66 -8.27 -1.33 -1.66
C VAL A 66 -9.74 -1.24 -1.25
N ARG A 67 -10.02 -1.50 0.03
CA ARG A 67 -11.37 -1.44 0.56
C ARG A 67 -12.31 -2.40 -0.17
N ARG A 68 -11.85 -3.63 -0.40
CA ARG A 68 -12.68 -4.63 -1.09
C ARG A 68 -13.10 -5.74 -0.13
N PHE A 69 -13.85 -5.38 0.90
CA PHE A 69 -14.32 -6.35 1.87
C PHE A 69 -15.31 -7.31 1.21
N ASP A 70 -15.99 -6.83 0.18
CA ASP A 70 -16.96 -7.65 -0.53
C ASP A 70 -16.28 -8.84 -1.21
N LEU A 71 -15.12 -8.61 -1.79
CA LEU A 71 -14.38 -9.67 -2.47
C LEU A 71 -13.77 -10.64 -1.47
N LEU A 72 -13.51 -10.18 -0.26
CA LEU A 72 -12.90 -11.05 0.76
C LEU A 72 -13.83 -12.22 1.04
N LYS A 73 -15.12 -11.94 1.10
CA LYS A 73 -16.11 -12.98 1.37
C LYS A 73 -16.24 -13.93 0.18
N ARG A 74 -15.93 -13.43 -1.02
CA ARG A 74 -16.03 -14.25 -2.23
C ARG A 74 -14.75 -15.03 -2.52
N ILE A 75 -13.60 -14.36 -2.48
CA ILE A 75 -12.33 -15.02 -2.79
C ILE A 75 -11.71 -15.73 -1.59
N LEU A 76 -11.46 -15.01 -0.50
CA LEU A 76 -10.83 -15.63 0.69
C LEU A 76 -11.88 -16.09 1.70
N LYS A 77 -13.13 -15.77 1.44
CA LYS A 77 -14.21 -16.18 2.35
C LYS A 77 -13.98 -15.69 3.77
N MET A 78 -13.58 -14.43 3.93
CA MET A 78 -13.34 -13.85 5.26
C MET A 78 -14.10 -12.53 5.42
N ASP A 79 -14.53 -12.26 6.65
CA ASP A 79 -15.26 -11.03 6.96
C ASP A 79 -14.32 -9.93 7.43
N ARG A 80 -14.87 -8.72 7.60
CA ARG A 80 -14.06 -7.59 8.07
C ARG A 80 -13.50 -7.91 9.45
N LYS A 81 -14.32 -8.56 10.27
CA LYS A 81 -13.92 -8.94 11.61
C LYS A 81 -12.68 -9.82 11.57
N ALA A 82 -12.71 -10.81 10.70
CA ALA A 82 -11.59 -11.73 10.57
C ALA A 82 -10.33 -10.98 10.15
N VAL A 83 -10.51 -10.01 9.25
CA VAL A 83 -9.39 -9.21 8.78
C VAL A 83 -8.76 -8.42 9.93
N GLU A 84 -9.61 -7.83 10.77
CA GLU A 84 -9.13 -7.05 11.90
C GLU A 84 -8.28 -7.91 12.84
N THR A 85 -8.73 -9.13 13.09
CA THR A 85 -7.99 -10.03 13.97
C THR A 85 -6.66 -10.39 13.34
N HIS A 86 -6.67 -10.56 12.02
CA HIS A 86 -5.45 -10.90 11.30
C HIS A 86 -4.42 -9.79 11.44
N LEU A 87 -4.87 -8.54 11.30
CA LEU A 87 -4.00 -7.39 11.40
C LEU A 87 -3.64 -7.08 12.85
N LEU A 88 -4.29 -7.76 13.79
CA LEU A 88 -3.99 -7.52 15.20
C LEU A 88 -2.52 -7.79 15.47
N ARG A 89 -2.01 -8.89 14.91
CA ARG A 89 -0.60 -9.23 15.08
C ARG A 89 0.24 -8.36 14.15
N ASN A 90 -0.45 -7.63 13.28
CA ASN A 90 0.20 -6.73 12.32
C ASN A 90 1.29 -7.42 11.50
N PRO A 91 0.99 -8.54 10.89
CA PRO A 91 1.97 -9.27 10.04
C PRO A 91 2.01 -8.67 8.62
N HIS A 92 3.20 -8.59 8.04
CA HIS A 92 3.35 -8.04 6.68
C HIS A 92 4.24 -8.93 5.82
N LEU A 93 3.74 -9.26 4.63
CA LEU A 93 4.51 -10.09 3.69
C LEU A 93 5.75 -9.33 3.25
N VAL A 94 5.57 -8.04 2.97
CA VAL A 94 6.66 -7.17 2.52
C VAL A 94 6.85 -6.03 3.52
N SER A 95 7.92 -5.28 3.37
CA SER A 95 8.20 -4.16 4.27
C SER A 95 6.95 -3.31 4.43
N ASP A 96 6.66 -2.92 5.67
CA ASP A 96 5.49 -2.11 5.96
C ASP A 96 5.61 -0.72 5.34
N TYR A 97 6.76 -0.41 4.76
CA TYR A 97 6.96 0.90 4.15
C TYR A 97 5.93 1.15 3.05
N ARG A 98 5.77 0.18 2.15
CA ARG A 98 4.80 0.30 1.07
C ARG A 98 3.36 0.23 1.59
N VAL A 99 3.11 -0.73 2.46
CA VAL A 99 1.78 -0.91 3.03
C VAL A 99 1.37 0.32 3.83
N LEU A 100 2.31 0.87 4.59
CA LEU A 100 2.03 2.04 5.40
C LEU A 100 1.54 3.18 4.52
N MET A 101 2.24 3.41 3.42
CA MET A 101 1.89 4.48 2.50
C MET A 101 0.48 4.26 1.93
N ALA A 102 0.20 3.04 1.51
CA ALA A 102 -1.11 2.72 0.94
C ALA A 102 -2.21 2.85 1.99
N GLU A 103 -1.94 2.36 3.20
CA GLU A 103 -2.90 2.42 4.28
C GLU A 103 -3.24 3.86 4.66
N ILE A 104 -2.22 4.70 4.74
CA ILE A 104 -2.43 6.11 5.08
C ILE A 104 -3.34 6.77 4.05
N GLY A 105 -3.05 6.53 2.77
CA GLY A 105 -3.84 7.11 1.70
C GLY A 105 -5.30 6.68 1.78
N GLU A 106 -5.50 5.41 2.10
CA GLU A 106 -6.85 4.87 2.21
C GLU A 106 -7.65 5.57 3.30
N ASP A 107 -7.02 5.82 4.44
CA ASP A 107 -7.69 6.47 5.56
C ASP A 107 -8.04 7.92 5.22
N LEU A 108 -7.15 8.60 4.50
CA LEU A 108 -7.37 9.99 4.13
C LEU A 108 -8.46 10.11 3.06
N ASP A 109 -9.31 11.12 3.22
CA ASP A 109 -10.38 11.37 2.27
C ASP A 109 -9.84 12.10 1.05
N LYS A 110 -10.63 12.14 -0.02
CA LYS A 110 -10.19 12.81 -1.23
C LYS A 110 -9.94 14.30 -0.95
N SER A 111 -10.81 14.90 -0.15
CA SER A 111 -10.66 16.30 0.21
C SER A 111 -9.41 16.51 1.05
N ASP A 112 -9.11 15.54 1.91
CA ASP A 112 -7.93 15.61 2.77
C ASP A 112 -6.66 15.66 1.93
N VAL A 113 -6.64 14.90 0.85
CA VAL A 113 -5.48 14.86 -0.03
C VAL A 113 -5.18 16.25 -0.58
N SER A 114 -6.23 16.97 -0.99
CA SER A 114 -6.06 18.30 -1.53
C SER A 114 -5.43 19.24 -0.50
N SER A 115 -5.92 19.17 0.73
CA SER A 115 -5.40 20.01 1.80
C SER A 115 -3.93 19.69 2.09
N LEU A 116 -3.59 18.41 1.95
CA LEU A 116 -2.22 17.96 2.21
C LEU A 116 -1.25 18.61 1.22
N ILE A 117 -1.72 18.82 -0.02
CA ILE A 117 -0.90 19.43 -1.06
C ILE A 117 -0.43 20.82 -0.66
N GLY A 118 -1.33 21.59 -0.05
CA GLY A 118 -0.97 22.96 0.35
C GLY A 118 0.23 22.94 1.29
N LEU A 119 0.26 21.96 2.18
CA LEU A 119 1.37 21.83 3.12
C LEU A 119 2.66 21.54 2.34
N MET A 120 2.53 20.73 1.30
CA MET A 120 3.67 20.36 0.47
C MET A 120 4.22 21.56 -0.29
N LYS A 121 3.37 22.56 -0.56
CA LYS A 121 3.84 23.71 -1.31
C LYS A 121 4.98 24.41 -0.58
N ASP A 122 4.89 24.49 0.74
CA ASP A 122 5.93 25.16 1.52
C ASP A 122 7.29 24.47 1.37
N TYR A 123 7.28 23.14 1.36
CA TYR A 123 8.54 22.39 1.23
C TYR A 123 8.83 22.04 -0.23
N MET A 124 7.79 21.69 -0.96
CA MET A 124 7.92 21.32 -2.37
C MET A 124 8.34 22.55 -3.17
N GLY A 125 7.87 23.72 -2.73
CA GLY A 125 8.19 24.96 -3.42
C GLY A 125 7.33 25.14 -4.66
N ARG A 126 6.19 24.45 -4.68
CA ARG A 126 5.29 24.52 -5.82
C ARG A 126 5.91 23.82 -7.02
N GLY A 127 6.31 22.57 -6.81
CA GLY A 127 6.93 21.76 -7.85
C GLY A 127 5.88 20.99 -8.65
N LYS A 128 6.31 19.89 -9.25
CA LYS A 128 5.43 19.05 -10.05
C LYS A 128 4.36 18.40 -9.19
N ILE A 129 3.39 19.19 -8.73
CA ILE A 129 2.31 18.66 -7.88
C ILE A 129 0.96 19.25 -8.31
N SER A 130 -0.05 18.40 -8.40
CA SER A 130 -1.39 18.85 -8.80
C SER A 130 -2.48 18.22 -7.94
N LYS A 131 -3.64 18.87 -7.91
CA LYS A 131 -4.78 18.39 -7.13
C LYS A 131 -5.25 17.04 -7.64
N GLU A 132 -5.19 16.84 -8.95
CA GLU A 132 -5.63 15.61 -9.57
C GLU A 132 -4.87 14.40 -9.04
N LYS A 133 -3.58 14.58 -8.79
CA LYS A 133 -2.75 13.48 -8.29
C LYS A 133 -3.39 12.84 -7.06
N SER A 134 -3.40 11.51 -7.03
CA SER A 134 -3.97 10.79 -5.90
C SER A 134 -2.95 10.73 -4.77
N PHE A 135 -3.39 10.30 -3.59
CA PHE A 135 -2.50 10.21 -2.45
C PHE A 135 -1.31 9.32 -2.78
N LEU A 136 -1.59 8.20 -3.44
CA LEU A 136 -0.53 7.26 -3.81
C LEU A 136 0.50 7.95 -4.68
N ASP A 137 0.04 8.81 -5.59
CA ASP A 137 0.94 9.54 -6.48
C ASP A 137 1.85 10.46 -5.66
N LEU A 138 1.29 11.09 -4.63
CA LEU A 138 2.07 12.01 -3.78
C LEU A 138 3.25 11.29 -3.12
N VAL A 139 3.04 10.04 -2.70
CA VAL A 139 4.09 9.29 -2.03
C VAL A 139 5.31 9.12 -2.93
N VAL A 140 5.09 8.69 -4.17
CA VAL A 140 6.20 8.50 -5.10
C VAL A 140 6.76 9.85 -5.55
N GLU A 141 5.91 10.87 -5.51
CA GLU A 141 6.30 12.21 -5.90
C GLU A 141 7.40 12.76 -4.98
N LEU A 142 7.25 12.48 -3.69
CA LEU A 142 8.21 12.95 -2.70
C LEU A 142 9.58 12.32 -2.93
N GLU A 143 9.59 11.12 -3.49
CA GLU A 143 10.83 10.41 -3.76
C GLU A 143 11.71 11.23 -4.70
N LYS A 144 11.11 11.87 -5.69
CA LYS A 144 11.87 12.65 -6.65
C LYS A 144 12.64 13.77 -5.95
N LEU A 145 12.01 14.42 -4.98
CA LEU A 145 12.65 15.51 -4.24
C LEU A 145 13.44 14.98 -3.05
N ASN A 146 13.38 13.66 -2.84
CA ASN A 146 14.11 13.05 -1.73
C ASN A 146 13.77 13.74 -0.41
N LEU A 147 12.48 13.90 -0.13
CA LEU A 147 12.02 14.53 1.09
C LEU A 147 11.53 13.45 2.03
N VAL A 148 11.57 12.21 1.54
CA VAL A 148 11.14 11.06 2.29
C VAL A 148 12.15 9.93 2.18
N ALA A 149 12.41 9.28 3.31
CA ALA A 149 13.36 8.16 3.37
C ALA A 149 12.71 7.00 4.14
N PRO A 150 13.12 5.78 3.88
CA PRO A 150 12.54 4.59 4.56
C PRO A 150 12.83 4.55 6.06
N ASP A 151 13.95 5.15 6.48
CA ASP A 151 14.30 5.17 7.90
C ASP A 151 13.99 6.52 8.54
N GLN A 152 13.52 7.46 7.73
CA GLN A 152 13.17 8.79 8.24
C GLN A 152 11.99 9.36 7.47
N LEU A 153 10.86 9.53 8.15
CA LEU A 153 9.66 10.09 7.52
C LEU A 153 9.50 11.54 7.94
N ASP A 154 9.55 11.77 9.25
CA ASP A 154 9.45 13.11 9.87
C ASP A 154 8.45 14.06 9.18
N LEU A 155 8.70 14.39 7.92
CA LEU A 155 7.83 15.29 7.18
C LEU A 155 6.40 14.76 7.09
N LEU A 156 6.26 13.46 6.86
CA LEU A 156 4.95 12.85 6.74
C LEU A 156 4.13 13.08 8.01
N GLU A 157 4.76 12.85 9.16
CA GLU A 157 4.08 13.04 10.45
C GLU A 157 3.71 14.52 10.65
N LYS A 158 4.62 15.39 10.24
CA LYS A 158 4.42 16.83 10.40
C LYS A 158 3.21 17.32 9.62
N CYS A 159 3.04 16.84 8.40
CA CYS A 159 1.92 17.28 7.56
C CYS A 159 0.59 16.66 8.02
N LEU A 160 0.62 15.41 8.44
CA LEU A 160 -0.60 14.71 8.86
C LEU A 160 -1.24 15.32 10.11
N LYS A 161 -0.43 15.67 11.10
CA LYS A 161 -0.98 16.24 12.33
C LYS A 161 -1.67 17.57 12.05
N ASN A 162 -1.22 18.28 11.01
CA ASN A 162 -1.83 19.55 10.67
C ASN A 162 -3.29 19.33 10.31
N ILE A 163 -3.55 18.28 9.55
CA ILE A 163 -4.91 17.94 9.14
C ILE A 163 -5.73 17.51 10.35
N HIS A 164 -5.04 17.28 11.47
CA HIS A 164 -5.68 16.85 12.71
C HIS A 164 -6.00 15.37 12.65
N ARG A 165 -5.05 14.59 12.15
CA ARG A 165 -5.20 13.14 12.03
C ARG A 165 -4.19 12.45 12.95
N ILE A 166 -4.51 12.41 14.23
CA ILE A 166 -3.62 11.80 15.22
C ILE A 166 -3.52 10.29 15.03
N ASP A 167 -4.60 9.67 14.58
CA ASP A 167 -4.61 8.22 14.38
C ASP A 167 -3.58 7.79 13.35
N LEU A 168 -3.46 8.55 12.26
CA LEU A 168 -2.50 8.24 11.22
C LEU A 168 -1.08 8.38 11.74
N LYS A 169 -0.84 9.43 12.53
CA LYS A 169 0.49 9.67 13.09
C LYS A 169 0.91 8.48 13.97
N THR A 170 -0.03 7.97 14.74
CA THR A 170 0.24 6.85 15.64
C THR A 170 0.69 5.62 14.84
N LYS A 171 0.01 5.34 13.74
CA LYS A 171 0.34 4.18 12.91
C LYS A 171 1.76 4.31 12.36
N ILE A 172 2.12 5.53 11.97
CA ILE A 172 3.45 5.79 11.42
C ILE A 172 4.53 5.48 12.44
N GLN A 173 4.27 5.79 13.70
CA GLN A 173 5.25 5.54 14.76
C GLN A 173 5.61 4.06 14.81
N LYS A 174 4.63 3.19 14.61
CA LYS A 174 4.88 1.76 14.64
C LYS A 174 5.92 1.39 13.57
N TYR A 175 5.76 1.97 12.39
CA TYR A 175 6.69 1.72 11.29
C TYR A 175 8.12 2.12 11.68
N LYS A 176 8.28 3.31 12.23
CA LYS A 176 9.61 3.77 12.63
C LYS A 176 10.21 2.83 13.66
N GLN A 177 9.39 2.36 14.59
CA GLN A 177 9.85 1.42 15.60
C GLN A 177 10.23 0.09 14.94
N LEU A 178 9.44 -0.30 13.95
CA LEU A 178 9.66 -1.55 13.22
C LEU A 178 11.03 -1.52 12.53
N GLU A 179 11.76 -0.44 12.70
CA GLU A 179 13.08 -0.33 12.07
C GLU A 179 14.07 -1.27 12.73
N HIS A 180 13.95 -1.44 14.05
CA HIS A 180 14.85 -2.34 14.77
C HIS A 180 14.63 -3.78 14.32
N HIS A 181 15.71 -4.44 13.90
CA HIS A 181 15.60 -5.82 13.45
C HIS A 181 16.96 -6.52 13.52
N HIS A 182 16.95 -7.78 13.97
CA HIS A 182 18.18 -8.55 14.07
C HIS A 182 18.65 -8.98 12.69
N HIS A 183 19.97 -9.08 12.52
CA HIS A 183 20.54 -9.49 11.24
C HIS A 183 20.55 -11.01 11.12
N HIS A 184 19.41 -11.58 10.78
CA HIS A 184 19.30 -13.03 10.64
C HIS A 184 20.04 -13.51 9.40
N HIS A 185 20.32 -12.57 8.48
CA HIS A 185 21.03 -12.90 7.25
C HIS A 185 21.33 -11.64 6.46
N MET A 1 2.07 -25.77 -16.88
CA MET A 1 2.94 -26.24 -15.77
C MET A 1 2.53 -25.55 -14.47
N GLY A 2 1.67 -24.54 -14.59
CA GLY A 2 1.22 -23.80 -13.42
C GLY A 2 0.48 -24.71 -12.44
N ARG A 3 -0.37 -25.58 -12.98
CA ARG A 3 -1.14 -26.50 -12.14
C ARG A 3 -1.72 -25.77 -10.94
N SER A 4 -2.29 -26.53 -10.01
CA SER A 4 -2.89 -25.95 -8.81
C SER A 4 -3.97 -24.95 -9.16
N ASP A 5 -5.00 -24.87 -8.33
CA ASP A 5 -6.11 -23.94 -8.57
C ASP A 5 -5.77 -22.56 -8.03
N SER A 6 -4.57 -22.43 -7.48
CA SER A 6 -4.10 -21.16 -6.93
C SER A 6 -3.94 -20.12 -8.04
N ALA A 7 -3.47 -20.58 -9.20
CA ALA A 7 -3.25 -19.70 -10.35
C ALA A 7 -4.56 -19.04 -10.79
N GLU A 8 -5.62 -19.82 -10.73
CA GLU A 8 -6.95 -19.36 -11.12
C GLU A 8 -7.42 -18.21 -10.24
N VAL A 9 -7.06 -18.28 -8.96
CA VAL A 9 -7.45 -17.24 -8.02
C VAL A 9 -6.90 -15.90 -8.48
N ILE A 10 -5.67 -15.92 -9.01
CA ILE A 10 -5.05 -14.69 -9.47
C ILE A 10 -5.89 -14.04 -10.56
N HIS A 11 -6.37 -14.84 -11.50
CA HIS A 11 -7.17 -14.30 -12.59
C HIS A 11 -8.48 -13.69 -12.06
N GLN A 12 -9.10 -14.37 -11.10
CA GLN A 12 -10.37 -13.90 -10.55
C GLN A 12 -10.24 -12.57 -9.83
N VAL A 13 -9.18 -12.38 -9.04
CA VAL A 13 -9.01 -11.13 -8.31
C VAL A 13 -8.60 -10.00 -9.23
N GLU A 14 -7.78 -10.30 -10.22
CA GLU A 14 -7.33 -9.26 -11.15
C GLU A 14 -8.50 -8.65 -11.90
N GLU A 15 -9.41 -9.51 -12.34
CA GLU A 15 -10.59 -9.05 -13.08
C GLU A 15 -11.51 -8.25 -12.17
N ALA A 16 -11.66 -8.71 -10.93
CA ALA A 16 -12.54 -8.05 -9.97
C ALA A 16 -12.01 -6.67 -9.57
N LEU A 17 -10.70 -6.51 -9.43
CA LEU A 17 -10.14 -5.23 -9.04
C LEU A 17 -10.27 -4.20 -10.17
N ASP A 18 -10.64 -2.99 -9.78
CA ASP A 18 -10.78 -1.89 -10.74
C ASP A 18 -9.39 -1.37 -11.12
N THR A 19 -9.29 -0.68 -12.24
CA THR A 19 -8.00 -0.16 -12.66
C THR A 19 -7.45 0.78 -11.62
N ASP A 20 -8.33 1.52 -10.94
CA ASP A 20 -7.88 2.41 -9.90
C ASP A 20 -7.23 1.60 -8.79
N GLU A 21 -7.83 0.46 -8.48
CA GLU A 21 -7.31 -0.43 -7.44
C GLU A 21 -6.06 -1.18 -7.90
N LYS A 22 -6.01 -1.53 -9.19
CA LYS A 22 -4.85 -2.26 -9.72
C LYS A 22 -3.58 -1.45 -9.54
N GLU A 23 -3.70 -0.14 -9.46
CA GLU A 23 -2.55 0.72 -9.26
C GLU A 23 -1.89 0.41 -7.93
N MET A 24 -2.73 0.17 -6.92
CA MET A 24 -2.25 -0.13 -5.59
C MET A 24 -1.45 -1.43 -5.56
N LEU A 25 -1.89 -2.43 -6.33
CA LEU A 25 -1.19 -3.72 -6.36
C LEU A 25 0.25 -3.53 -6.85
N LEU A 26 0.45 -2.73 -7.89
CA LEU A 26 1.79 -2.50 -8.40
C LEU A 26 2.63 -1.76 -7.35
N PHE A 27 1.99 -0.79 -6.73
CA PHE A 27 2.63 0.01 -5.69
C PHE A 27 3.05 -0.86 -4.49
N LEU A 28 2.11 -1.68 -4.02
CA LEU A 28 2.37 -2.54 -2.88
C LEU A 28 3.43 -3.59 -3.18
N CYS A 29 3.40 -4.16 -4.38
CA CYS A 29 4.38 -5.17 -4.75
C CYS A 29 5.56 -4.52 -5.45
N ARG A 30 5.60 -3.19 -5.41
CA ARG A 30 6.69 -2.45 -6.03
C ARG A 30 8.03 -2.84 -5.41
N ASP A 31 8.07 -2.91 -4.09
CA ASP A 31 9.31 -3.29 -3.41
C ASP A 31 9.68 -4.73 -3.77
N VAL A 32 8.70 -5.61 -3.82
CA VAL A 32 8.95 -7.02 -4.16
C VAL A 32 9.35 -7.12 -5.63
N ALA A 33 8.69 -6.33 -6.47
CA ALA A 33 8.97 -6.31 -7.91
C ALA A 33 9.16 -4.88 -8.40
N ILE A 34 10.27 -4.62 -9.08
CA ILE A 34 10.56 -3.28 -9.60
C ILE A 34 9.82 -3.04 -10.91
N ASP A 35 8.56 -3.43 -10.94
CA ASP A 35 7.74 -3.26 -12.13
C ASP A 35 8.29 -4.11 -13.27
N VAL A 36 9.02 -5.16 -12.92
CA VAL A 36 9.58 -6.06 -13.91
C VAL A 36 8.47 -6.75 -14.68
N VAL A 37 7.28 -6.75 -14.09
CA VAL A 37 6.13 -7.40 -14.69
C VAL A 37 5.80 -6.78 -16.05
N PRO A 38 5.48 -7.56 -17.07
CA PRO A 38 5.10 -6.99 -18.39
C PRO A 38 3.98 -5.94 -18.22
N PRO A 39 3.52 -5.34 -19.28
CA PRO A 39 2.44 -4.31 -19.21
C PRO A 39 1.20 -4.80 -18.47
N ASN A 40 0.88 -6.09 -18.62
CA ASN A 40 -0.29 -6.67 -17.98
C ASN A 40 -0.10 -6.82 -16.47
N VAL A 41 -1.07 -6.33 -15.71
CA VAL A 41 -1.04 -6.41 -14.26
C VAL A 41 -1.29 -7.84 -13.78
N ARG A 42 -1.95 -8.63 -14.62
CA ARG A 42 -2.28 -10.00 -14.24
C ARG A 42 -1.00 -10.79 -13.93
N ASP A 43 0.04 -10.53 -14.71
CA ASP A 43 1.32 -11.21 -14.54
C ASP A 43 2.03 -10.78 -13.24
N LEU A 44 1.64 -9.64 -12.67
CA LEU A 44 2.28 -9.14 -11.45
C LEU A 44 2.20 -10.17 -10.32
N LEU A 45 1.02 -10.69 -10.08
CA LEU A 45 0.85 -11.68 -9.02
C LEU A 45 1.56 -12.98 -9.38
N ASP A 46 1.56 -13.30 -10.67
CA ASP A 46 2.18 -14.54 -11.14
C ASP A 46 3.67 -14.61 -10.80
N ILE A 47 4.43 -13.56 -11.12
CA ILE A 47 5.87 -13.57 -10.85
C ILE A 47 6.16 -13.89 -9.37
N LEU A 48 5.39 -13.29 -8.48
CA LEU A 48 5.58 -13.53 -7.05
C LEU A 48 5.35 -15.01 -6.76
N ARG A 49 4.45 -15.64 -7.50
CA ARG A 49 4.14 -17.05 -7.31
C ARG A 49 5.38 -17.90 -7.54
N GLU A 50 6.16 -17.54 -8.57
CA GLU A 50 7.38 -18.27 -8.86
C GLU A 50 8.33 -18.16 -7.67
N ARG A 51 8.38 -16.98 -7.08
CA ARG A 51 9.23 -16.75 -5.92
C ARG A 51 8.63 -17.44 -4.70
N GLY A 52 7.33 -17.76 -4.79
CA GLY A 52 6.64 -18.43 -3.70
C GLY A 52 6.33 -17.43 -2.59
N LYS A 53 6.38 -16.14 -2.93
CA LYS A 53 6.13 -15.08 -1.96
C LYS A 53 4.65 -14.71 -1.90
N LEU A 54 3.83 -15.27 -2.80
CA LEU A 54 2.40 -14.96 -2.80
C LEU A 54 1.65 -15.93 -1.91
N SER A 55 1.28 -15.47 -0.71
CA SER A 55 0.53 -16.29 0.24
C SER A 55 -0.96 -16.03 0.12
N VAL A 56 -1.77 -16.96 0.60
CA VAL A 56 -3.21 -16.78 0.56
C VAL A 56 -3.58 -15.59 1.45
N GLY A 57 -2.96 -15.54 2.62
CA GLY A 57 -3.20 -14.46 3.58
C GLY A 57 -2.79 -13.09 3.03
N ASP A 58 -1.67 -13.07 2.31
CA ASP A 58 -1.17 -11.82 1.74
C ASP A 58 -2.21 -11.18 0.84
N LEU A 59 -2.91 -12.00 0.07
CA LEU A 59 -3.95 -11.51 -0.83
C LEU A 59 -5.04 -10.81 -0.03
N ALA A 60 -5.35 -11.35 1.15
CA ALA A 60 -6.38 -10.77 1.98
C ALA A 60 -6.01 -9.34 2.36
N GLU A 61 -4.74 -9.16 2.72
CA GLU A 61 -4.24 -7.85 3.08
C GLU A 61 -4.33 -6.90 1.89
N LEU A 62 -3.95 -7.41 0.72
CA LEU A 62 -3.99 -6.60 -0.49
C LEU A 62 -5.41 -6.17 -0.83
N LEU A 63 -6.37 -7.09 -0.68
CA LEU A 63 -7.76 -6.78 -0.98
C LEU A 63 -8.31 -5.76 0.01
N TYR A 64 -7.88 -5.85 1.27
CA TYR A 64 -8.34 -4.93 2.32
C TYR A 64 -7.96 -3.47 2.03
N ARG A 65 -6.71 -3.22 1.65
CA ARG A 65 -6.25 -1.85 1.38
C ARG A 65 -7.11 -1.16 0.32
N VAL A 66 -7.51 -1.88 -0.72
CA VAL A 66 -8.33 -1.29 -1.78
C VAL A 66 -9.78 -1.15 -1.32
N ARG A 67 -10.03 -1.36 -0.03
CA ARG A 67 -11.38 -1.24 0.53
C ARG A 67 -12.37 -2.17 -0.15
N ARG A 68 -11.99 -3.43 -0.36
CA ARG A 68 -12.88 -4.40 -1.01
C ARG A 68 -13.29 -5.52 -0.04
N PHE A 69 -14.33 -5.27 0.74
CA PHE A 69 -14.81 -6.28 1.67
C PHE A 69 -15.55 -7.38 0.91
N ASP A 70 -16.18 -6.99 -0.19
CA ASP A 70 -16.93 -7.94 -1.02
C ASP A 70 -16.02 -9.01 -1.60
N LEU A 71 -14.85 -8.59 -2.10
CA LEU A 71 -13.92 -9.51 -2.71
C LEU A 71 -13.38 -10.50 -1.67
N LEU A 72 -13.15 -10.05 -0.44
CA LEU A 72 -12.64 -10.94 0.59
C LEU A 72 -13.63 -12.09 0.82
N LYS A 73 -14.91 -11.75 0.89
CA LYS A 73 -15.95 -12.73 1.10
C LYS A 73 -16.10 -13.64 -0.13
N ARG A 74 -16.08 -13.05 -1.30
CA ARG A 74 -16.23 -13.81 -2.53
C ARG A 74 -15.01 -14.68 -2.84
N ILE A 75 -13.82 -14.10 -2.73
CA ILE A 75 -12.59 -14.83 -3.05
C ILE A 75 -12.01 -15.63 -1.87
N LEU A 76 -11.72 -14.96 -0.74
CA LEU A 76 -11.12 -15.65 0.40
C LEU A 76 -12.15 -16.16 1.41
N LYS A 77 -13.41 -15.84 1.22
CA LYS A 77 -14.45 -16.29 2.13
C LYS A 77 -14.16 -15.89 3.58
N MET A 78 -13.81 -14.61 3.79
CA MET A 78 -13.52 -14.11 5.14
C MET A 78 -14.31 -12.84 5.41
N ASP A 79 -14.74 -12.67 6.67
CA ASP A 79 -15.50 -11.49 7.06
C ASP A 79 -14.55 -10.30 7.26
N ARG A 80 -15.12 -9.10 7.31
CA ARG A 80 -14.31 -7.90 7.51
C ARG A 80 -13.58 -7.95 8.84
N LYS A 81 -14.27 -8.44 9.87
CA LYS A 81 -13.68 -8.55 11.19
C LYS A 81 -12.48 -9.49 11.19
N ALA A 82 -12.48 -10.45 10.27
CA ALA A 82 -11.38 -11.39 10.17
C ALA A 82 -10.08 -10.67 9.87
N VAL A 83 -10.15 -9.69 8.98
CA VAL A 83 -8.98 -8.91 8.61
C VAL A 83 -8.48 -8.12 9.81
N GLU A 84 -9.42 -7.53 10.57
CA GLU A 84 -9.05 -6.75 11.74
C GLU A 84 -8.28 -7.60 12.74
N THR A 85 -8.77 -8.82 12.96
CA THR A 85 -8.09 -9.74 13.88
C THR A 85 -6.74 -10.16 13.32
N HIS A 86 -6.71 -10.37 12.01
CA HIS A 86 -5.48 -10.77 11.32
C HIS A 86 -4.42 -9.67 11.47
N LEU A 87 -4.84 -8.43 11.26
CA LEU A 87 -3.93 -7.29 11.34
C LEU A 87 -3.56 -6.97 12.79
N LEU A 88 -4.23 -7.62 13.74
CA LEU A 88 -3.94 -7.36 15.14
C LEU A 88 -2.47 -7.66 15.42
N ARG A 89 -1.98 -8.76 14.86
CA ARG A 89 -0.58 -9.12 15.02
C ARG A 89 0.29 -8.28 14.08
N ASN A 90 -0.39 -7.55 13.19
CA ASN A 90 0.29 -6.70 12.22
C ASN A 90 1.37 -7.44 11.43
N PRO A 91 1.05 -8.57 10.84
CA PRO A 91 2.01 -9.34 10.02
C PRO A 91 2.08 -8.81 8.59
N HIS A 92 3.29 -8.67 8.05
CA HIS A 92 3.48 -8.16 6.69
C HIS A 92 4.47 -9.01 5.90
N LEU A 93 4.00 -9.59 4.80
CA LEU A 93 4.86 -10.41 3.95
C LEU A 93 5.91 -9.51 3.30
N VAL A 94 5.46 -8.31 2.89
CA VAL A 94 6.34 -7.34 2.24
C VAL A 94 6.68 -6.21 3.21
N SER A 95 7.68 -5.41 2.87
CA SER A 95 8.09 -4.31 3.71
C SER A 95 6.88 -3.47 4.10
N ASP A 96 6.87 -3.01 5.35
CA ASP A 96 5.76 -2.21 5.85
C ASP A 96 5.77 -0.81 5.26
N TYR A 97 6.88 -0.44 4.62
CA TYR A 97 6.99 0.89 4.03
C TYR A 97 5.90 1.14 3.00
N ARG A 98 5.74 0.21 2.05
CA ARG A 98 4.72 0.37 1.02
C ARG A 98 3.30 0.29 1.62
N VAL A 99 3.11 -0.66 2.51
CA VAL A 99 1.80 -0.85 3.14
C VAL A 99 1.42 0.35 4.00
N LEU A 100 2.39 0.88 4.71
CA LEU A 100 2.14 2.03 5.58
C LEU A 100 1.60 3.19 4.75
N MET A 101 2.24 3.46 3.63
CA MET A 101 1.82 4.55 2.76
C MET A 101 0.44 4.28 2.17
N ALA A 102 0.21 3.05 1.71
CA ALA A 102 -1.07 2.69 1.12
C ALA A 102 -2.20 2.74 2.15
N GLU A 103 -1.94 2.20 3.33
CA GLU A 103 -2.94 2.18 4.40
C GLU A 103 -3.33 3.59 4.81
N ILE A 104 -2.32 4.44 5.02
CA ILE A 104 -2.58 5.82 5.42
C ILE A 104 -3.34 6.56 4.32
N GLY A 105 -2.91 6.37 3.08
CA GLY A 105 -3.56 7.03 1.95
C GLY A 105 -5.03 6.63 1.89
N GLU A 106 -5.30 5.36 2.16
CA GLU A 106 -6.66 4.85 2.15
C GLU A 106 -7.51 5.56 3.19
N ASP A 107 -6.93 5.81 4.36
CA ASP A 107 -7.64 6.47 5.44
C ASP A 107 -7.96 7.91 5.08
N LEU A 108 -7.04 8.58 4.38
CA LEU A 108 -7.25 9.97 4.00
C LEU A 108 -8.34 10.08 2.93
N ASP A 109 -9.17 11.10 3.05
CA ASP A 109 -10.25 11.33 2.10
C ASP A 109 -9.75 12.22 0.95
N LYS A 110 -10.59 12.38 -0.07
CA LYS A 110 -10.20 13.21 -1.20
C LYS A 110 -9.97 14.65 -0.75
N SER A 111 -10.82 15.13 0.15
CA SER A 111 -10.69 16.47 0.68
C SER A 111 -9.38 16.62 1.43
N ASP A 112 -9.04 15.61 2.22
CA ASP A 112 -7.81 15.61 3.00
C ASP A 112 -6.59 15.68 2.08
N VAL A 113 -6.67 14.99 0.95
CA VAL A 113 -5.57 14.98 -0.01
C VAL A 113 -5.29 16.39 -0.51
N SER A 114 -6.35 17.13 -0.84
CA SER A 114 -6.17 18.49 -1.34
C SER A 114 -5.55 19.39 -0.28
N SER A 115 -5.98 19.20 0.97
CA SER A 115 -5.46 20.01 2.07
C SER A 115 -3.98 19.70 2.32
N LEU A 116 -3.62 18.44 2.16
CA LEU A 116 -2.24 18.00 2.38
C LEU A 116 -1.30 18.67 1.37
N ILE A 117 -1.79 18.86 0.15
CA ILE A 117 -0.99 19.47 -0.91
C ILE A 117 -0.57 20.89 -0.55
N GLY A 118 -1.45 21.66 0.07
CA GLY A 118 -1.12 23.04 0.43
C GLY A 118 0.11 23.08 1.34
N LEU A 119 0.16 22.16 2.29
CA LEU A 119 1.31 22.09 3.21
C LEU A 119 2.57 21.72 2.44
N MET A 120 2.40 20.84 1.46
CA MET A 120 3.52 20.36 0.65
C MET A 120 4.16 21.50 -0.16
N LYS A 121 3.34 22.45 -0.63
CA LYS A 121 3.87 23.56 -1.42
C LYS A 121 4.89 24.36 -0.60
N ASP A 122 4.63 24.52 0.69
CA ASP A 122 5.54 25.29 1.53
C ASP A 122 6.96 24.69 1.55
N TYR A 123 7.06 23.37 1.61
CA TYR A 123 8.37 22.72 1.64
C TYR A 123 8.83 22.38 0.22
N MET A 124 7.90 21.86 -0.58
CA MET A 124 8.21 21.49 -1.95
C MET A 124 8.45 22.75 -2.78
N GLY A 125 7.76 23.82 -2.43
CA GLY A 125 7.89 25.07 -3.15
C GLY A 125 7.00 25.07 -4.39
N ARG A 126 6.01 24.17 -4.38
CA ARG A 126 5.07 24.04 -5.48
C ARG A 126 5.75 23.43 -6.70
N GLY A 127 6.01 22.13 -6.62
CA GLY A 127 6.67 21.40 -7.70
C GLY A 127 5.64 20.78 -8.63
N LYS A 128 6.00 19.64 -9.23
CA LYS A 128 5.11 18.95 -10.15
C LYS A 128 4.01 18.22 -9.37
N ILE A 129 2.97 18.94 -8.98
CA ILE A 129 1.87 18.33 -8.22
C ILE A 129 0.53 18.98 -8.53
N SER A 130 -0.52 18.16 -8.53
CA SER A 130 -1.88 18.64 -8.81
C SER A 130 -2.88 18.06 -7.83
N LYS A 131 -4.02 18.71 -7.70
CA LYS A 131 -5.08 18.28 -6.81
C LYS A 131 -5.62 16.91 -7.22
N GLU A 132 -5.69 16.70 -8.53
CA GLU A 132 -6.21 15.44 -9.08
C GLU A 132 -5.39 14.25 -8.60
N LYS A 133 -4.08 14.42 -8.50
CA LYS A 133 -3.21 13.32 -8.08
C LYS A 133 -3.69 12.74 -6.75
N SER A 134 -3.69 11.41 -6.67
CA SER A 134 -4.12 10.72 -5.47
C SER A 134 -2.99 10.68 -4.43
N PHE A 135 -3.31 10.25 -3.22
CA PHE A 135 -2.32 10.17 -2.16
C PHE A 135 -1.18 9.26 -2.59
N LEU A 136 -1.52 8.15 -3.24
CA LEU A 136 -0.51 7.20 -3.68
C LEU A 136 0.47 7.89 -4.62
N ASP A 137 -0.06 8.73 -5.51
CA ASP A 137 0.78 9.46 -6.45
C ASP A 137 1.71 10.41 -5.69
N LEU A 138 1.19 11.03 -4.64
CA LEU A 138 1.98 11.97 -3.84
C LEU A 138 3.19 11.28 -3.21
N VAL A 139 3.01 10.04 -2.78
CA VAL A 139 4.10 9.29 -2.13
C VAL A 139 5.29 9.11 -3.07
N VAL A 140 5.04 8.70 -4.31
CA VAL A 140 6.13 8.49 -5.25
C VAL A 140 6.77 9.82 -5.66
N GLU A 141 5.97 10.88 -5.68
CA GLU A 141 6.48 12.20 -6.05
C GLU A 141 7.56 12.65 -5.07
N LEU A 142 7.30 12.43 -3.78
CA LEU A 142 8.24 12.82 -2.75
C LEU A 142 9.56 12.06 -2.89
N GLU A 143 9.47 10.79 -3.26
CA GLU A 143 10.67 9.97 -3.43
C GLU A 143 11.60 10.59 -4.47
N LYS A 144 11.03 11.08 -5.55
CA LYS A 144 11.83 11.69 -6.61
C LYS A 144 12.55 12.93 -6.07
N LEU A 145 11.86 13.68 -5.22
CA LEU A 145 12.43 14.88 -4.65
C LEU A 145 13.36 14.53 -3.49
N ASN A 146 13.34 13.27 -3.09
CA ASN A 146 14.19 12.81 -2.00
C ASN A 146 13.92 13.59 -0.72
N LEU A 147 12.64 13.80 -0.42
CA LEU A 147 12.22 14.52 0.78
C LEU A 147 11.84 13.53 1.87
N VAL A 148 11.44 12.34 1.44
CA VAL A 148 11.02 11.28 2.36
C VAL A 148 11.80 10.00 2.10
N ALA A 149 12.37 9.44 3.18
CA ALA A 149 13.14 8.21 3.09
C ALA A 149 12.44 7.12 3.93
N PRO A 150 12.56 5.86 3.55
CA PRO A 150 11.89 4.76 4.31
C PRO A 150 12.40 4.65 5.75
N ASP A 151 13.65 5.04 5.99
CA ASP A 151 14.21 4.99 7.34
C ASP A 151 14.02 6.32 8.05
N GLN A 152 13.49 7.30 7.33
CA GLN A 152 13.24 8.63 7.89
C GLN A 152 12.00 9.23 7.24
N LEU A 153 10.93 9.38 8.02
CA LEU A 153 9.70 9.96 7.51
C LEU A 153 9.59 11.41 7.96
N ASP A 154 9.57 11.59 9.28
CA ASP A 154 9.49 12.92 9.93
C ASP A 154 8.52 13.90 9.26
N LEU A 155 8.78 14.25 8.00
CA LEU A 155 7.94 15.19 7.27
C LEU A 155 6.52 14.68 7.15
N LEU A 156 6.36 13.39 6.91
CA LEU A 156 5.04 12.78 6.76
C LEU A 156 4.20 13.00 8.01
N GLU A 157 4.82 12.79 9.17
CA GLU A 157 4.11 12.96 10.44
C GLU A 157 3.68 14.42 10.64
N LYS A 158 4.58 15.34 10.29
CA LYS A 158 4.30 16.77 10.47
C LYS A 158 3.09 17.23 9.67
N CYS A 159 3.02 16.85 8.39
CA CYS A 159 1.90 17.26 7.55
C CYS A 159 0.60 16.62 8.01
N LEU A 160 0.66 15.34 8.36
CA LEU A 160 -0.54 14.64 8.82
C LEU A 160 -1.05 15.24 10.12
N LYS A 161 -0.11 15.57 11.00
CA LYS A 161 -0.45 16.17 12.29
C LYS A 161 -1.17 17.50 12.08
N ASN A 162 -0.71 18.26 11.08
CA ASN A 162 -1.32 19.56 10.77
C ASN A 162 -2.80 19.37 10.42
N ILE A 163 -3.11 18.30 9.70
CA ILE A 163 -4.47 18.02 9.33
C ILE A 163 -5.27 17.69 10.59
N HIS A 164 -4.54 17.33 11.64
CA HIS A 164 -5.13 17.00 12.94
C HIS A 164 -5.57 15.54 13.03
N ARG A 165 -4.82 14.65 12.38
CA ARG A 165 -5.13 13.20 12.43
C ARG A 165 -4.01 12.45 13.15
N ILE A 166 -4.11 12.39 14.46
CA ILE A 166 -3.14 11.70 15.30
C ILE A 166 -3.09 10.20 14.98
N ASP A 167 -4.26 9.62 14.74
CA ASP A 167 -4.31 8.18 14.46
C ASP A 167 -3.31 7.80 13.38
N LEU A 168 -3.27 8.57 12.30
CA LEU A 168 -2.32 8.30 11.23
C LEU A 168 -0.89 8.44 11.76
N LYS A 169 -0.67 9.49 12.57
CA LYS A 169 0.64 9.72 13.15
C LYS A 169 1.06 8.54 14.03
N THR A 170 0.11 8.03 14.80
CA THR A 170 0.36 6.91 15.70
C THR A 170 0.80 5.68 14.92
N LYS A 171 0.11 5.40 13.82
CA LYS A 171 0.43 4.22 13.00
C LYS A 171 1.85 4.34 12.47
N ILE A 172 2.23 5.55 12.07
CA ILE A 172 3.57 5.78 11.54
C ILE A 172 4.62 5.48 12.61
N GLN A 173 4.33 5.84 13.85
CA GLN A 173 5.26 5.61 14.93
C GLN A 173 5.56 4.12 15.07
N LYS A 174 4.53 3.28 14.90
CA LYS A 174 4.72 1.84 15.00
C LYS A 174 5.72 1.38 13.95
N TYR A 175 5.61 1.93 12.75
CA TYR A 175 6.52 1.58 11.67
C TYR A 175 7.98 1.90 12.01
N LYS A 176 8.23 3.11 12.51
CA LYS A 176 9.58 3.54 12.84
C LYS A 176 10.26 2.65 13.89
N GLN A 177 9.53 2.26 14.94
CA GLN A 177 10.13 1.42 15.97
C GLN A 177 10.36 0.00 15.45
N LEU A 178 9.70 -0.36 14.35
CA LEU A 178 9.86 -1.68 13.76
C LEU A 178 10.99 -1.69 12.75
N GLU A 179 11.67 -0.56 12.61
CA GLU A 179 12.78 -0.46 11.67
C GLU A 179 13.97 -1.27 12.18
N HIS A 180 14.17 -1.27 13.49
CA HIS A 180 15.27 -2.02 14.10
C HIS A 180 14.72 -2.97 15.17
N HIS A 181 14.88 -4.27 14.93
CA HIS A 181 14.40 -5.28 15.88
C HIS A 181 15.18 -6.58 15.74
N HIS A 182 15.49 -7.20 16.86
CA HIS A 182 16.23 -8.46 16.85
C HIS A 182 15.32 -9.61 16.42
N HIS A 183 15.91 -10.61 15.77
CA HIS A 183 15.14 -11.78 15.32
C HIS A 183 15.83 -13.07 15.74
N HIS A 184 15.05 -14.07 16.09
CA HIS A 184 15.59 -15.36 16.51
C HIS A 184 16.55 -15.17 17.68
N HIS A 185 16.15 -14.35 18.65
CA HIS A 185 16.99 -14.09 19.81
C HIS A 185 18.39 -13.66 19.38
N MET A 1 3.94 -24.60 -15.66
CA MET A 1 4.48 -25.68 -14.79
C MET A 1 4.02 -25.45 -13.36
N GLY A 2 3.20 -26.37 -12.85
CA GLY A 2 2.69 -26.26 -11.48
C GLY A 2 1.69 -25.12 -11.36
N ARG A 3 0.95 -24.85 -12.43
CA ARG A 3 -0.03 -23.78 -12.41
C ARG A 3 -1.10 -24.06 -11.36
N SER A 4 -1.50 -25.32 -11.26
CA SER A 4 -2.52 -25.72 -10.29
C SER A 4 -3.78 -24.86 -10.45
N ASP A 5 -4.72 -25.04 -9.54
CA ASP A 5 -5.96 -24.26 -9.58
C ASP A 5 -5.78 -22.90 -8.95
N SER A 6 -4.56 -22.64 -8.47
CA SER A 6 -4.26 -21.36 -7.83
C SER A 6 -4.24 -20.26 -8.89
N ALA A 7 -4.00 -20.64 -10.14
CA ALA A 7 -3.97 -19.67 -11.23
C ALA A 7 -5.34 -19.02 -11.41
N GLU A 8 -6.38 -19.85 -11.27
CA GLU A 8 -7.75 -19.38 -11.43
C GLU A 8 -8.10 -18.34 -10.37
N VAL A 9 -7.66 -18.59 -9.14
CA VAL A 9 -7.94 -17.65 -8.05
C VAL A 9 -7.27 -16.31 -8.35
N ILE A 10 -6.04 -16.39 -8.83
CA ILE A 10 -5.27 -15.21 -9.16
C ILE A 10 -5.94 -14.39 -10.27
N HIS A 11 -6.43 -15.08 -11.28
CA HIS A 11 -7.07 -14.41 -12.42
C HIS A 11 -8.34 -13.69 -11.97
N GLN A 12 -9.11 -14.31 -11.08
CA GLN A 12 -10.37 -13.73 -10.62
C GLN A 12 -10.17 -12.41 -9.87
N VAL A 13 -9.13 -12.32 -9.05
CA VAL A 13 -8.90 -11.08 -8.30
C VAL A 13 -8.44 -9.94 -9.20
N GLU A 14 -7.73 -10.28 -10.28
CA GLU A 14 -7.23 -9.24 -11.19
C GLU A 14 -8.38 -8.47 -11.82
N GLU A 15 -9.40 -9.18 -12.28
CA GLU A 15 -10.56 -8.53 -12.90
C GLU A 15 -11.46 -7.94 -11.83
N ALA A 16 -11.35 -8.46 -10.62
CA ALA A 16 -12.17 -8.00 -9.51
C ALA A 16 -11.78 -6.57 -9.10
N LEU A 17 -10.50 -6.27 -9.14
CA LEU A 17 -10.03 -4.94 -8.77
C LEU A 17 -10.29 -3.93 -9.88
N ASP A 18 -10.68 -2.71 -9.47
CA ASP A 18 -10.94 -1.64 -10.41
C ASP A 18 -9.63 -1.11 -10.98
N THR A 19 -9.70 -0.34 -12.06
CA THR A 19 -8.49 0.20 -12.66
C THR A 19 -7.77 1.10 -11.67
N ASP A 20 -8.52 1.71 -10.76
CA ASP A 20 -7.93 2.57 -9.75
C ASP A 20 -7.20 1.72 -8.70
N GLU A 21 -7.83 0.60 -8.32
CA GLU A 21 -7.29 -0.29 -7.31
C GLU A 21 -6.06 -1.08 -7.78
N LYS A 22 -6.06 -1.53 -9.05
CA LYS A 22 -4.93 -2.31 -9.54
C LYS A 22 -3.63 -1.54 -9.40
N GLU A 23 -3.73 -0.22 -9.34
CA GLU A 23 -2.56 0.63 -9.18
C GLU A 23 -1.90 0.34 -7.84
N MET A 24 -2.73 0.14 -6.82
CA MET A 24 -2.24 -0.14 -5.48
C MET A 24 -1.46 -1.45 -5.44
N LEU A 25 -1.92 -2.44 -6.20
CA LEU A 25 -1.24 -3.73 -6.23
C LEU A 25 0.19 -3.59 -6.72
N LEU A 26 0.39 -2.82 -7.78
CA LEU A 26 1.72 -2.61 -8.32
C LEU A 26 2.58 -1.86 -7.30
N PHE A 27 1.96 -0.86 -6.69
CA PHE A 27 2.65 -0.05 -5.69
C PHE A 27 3.08 -0.91 -4.49
N LEU A 28 2.13 -1.70 -3.98
CA LEU A 28 2.40 -2.58 -2.84
C LEU A 28 3.45 -3.63 -3.18
N CYS A 29 3.37 -4.17 -4.39
CA CYS A 29 4.32 -5.20 -4.84
C CYS A 29 5.49 -4.56 -5.59
N ARG A 30 5.58 -3.23 -5.52
CA ARG A 30 6.65 -2.52 -6.19
C ARG A 30 8.01 -2.99 -5.69
N ASP A 31 8.14 -3.10 -4.37
CA ASP A 31 9.40 -3.55 -3.79
C ASP A 31 9.69 -5.00 -4.20
N VAL A 32 8.66 -5.84 -4.14
CA VAL A 32 8.82 -7.24 -4.49
C VAL A 32 9.18 -7.37 -5.98
N ALA A 33 8.54 -6.54 -6.81
CA ALA A 33 8.78 -6.54 -8.25
C ALA A 33 9.00 -5.12 -8.75
N ILE A 34 10.07 -4.92 -9.50
CA ILE A 34 10.39 -3.60 -10.05
C ILE A 34 9.69 -3.38 -11.38
N ASP A 35 8.41 -3.76 -11.43
CA ASP A 35 7.63 -3.61 -12.64
C ASP A 35 8.20 -4.48 -13.76
N VAL A 36 8.90 -5.54 -13.36
CA VAL A 36 9.47 -6.47 -14.33
C VAL A 36 8.36 -7.15 -15.11
N VAL A 37 7.16 -7.13 -14.51
CA VAL A 37 5.99 -7.76 -15.11
C VAL A 37 5.64 -7.07 -16.44
N PRO A 38 5.23 -7.80 -17.47
CA PRO A 38 4.82 -7.16 -18.76
C PRO A 38 3.78 -6.07 -18.51
N PRO A 39 3.39 -5.33 -19.51
CA PRO A 39 2.38 -4.23 -19.36
C PRO A 39 1.13 -4.70 -18.62
N ASN A 40 0.73 -5.95 -18.85
CA ASN A 40 -0.47 -6.50 -18.21
C ASN A 40 -0.21 -6.75 -16.72
N VAL A 41 -1.12 -6.27 -15.88
CA VAL A 41 -1.00 -6.43 -14.43
C VAL A 41 -1.36 -7.86 -14.00
N ARG A 42 -2.05 -8.57 -14.87
CA ARG A 42 -2.46 -9.94 -14.56
C ARG A 42 -1.22 -10.78 -14.27
N ASP A 43 -0.18 -10.53 -15.04
CA ASP A 43 1.08 -11.24 -14.91
C ASP A 43 1.80 -10.91 -13.59
N LEU A 44 1.43 -9.80 -12.96
CA LEU A 44 2.09 -9.39 -11.72
C LEU A 44 1.96 -10.48 -10.66
N LEU A 45 0.75 -10.99 -10.45
CA LEU A 45 0.54 -12.03 -9.48
C LEU A 45 1.17 -13.35 -9.94
N ASP A 46 1.23 -13.52 -11.26
CA ASP A 46 1.80 -14.74 -11.83
C ASP A 46 3.26 -14.91 -11.43
N ILE A 47 4.04 -13.83 -11.50
CA ILE A 47 5.45 -13.91 -11.14
C ILE A 47 5.62 -14.06 -9.63
N LEU A 48 4.71 -13.48 -8.86
CA LEU A 48 4.78 -13.60 -7.40
C LEU A 48 4.58 -15.06 -6.98
N ARG A 49 3.64 -15.74 -7.63
CA ARG A 49 3.38 -17.14 -7.32
C ARG A 49 4.61 -17.99 -7.61
N GLU A 50 5.25 -17.70 -8.75
CA GLU A 50 6.44 -18.45 -9.14
C GLU A 50 7.54 -18.27 -8.11
N ARG A 51 7.65 -17.05 -7.58
CA ARG A 51 8.65 -16.75 -6.58
C ARG A 51 8.34 -17.49 -5.28
N GLY A 52 7.08 -17.92 -5.14
CA GLY A 52 6.65 -18.65 -3.96
C GLY A 52 6.39 -17.69 -2.80
N LYS A 53 6.41 -16.40 -3.09
CA LYS A 53 6.18 -15.37 -2.07
C LYS A 53 4.70 -15.03 -1.95
N LEU A 54 3.85 -15.63 -2.78
CA LEU A 54 2.42 -15.33 -2.73
C LEU A 54 1.73 -16.18 -1.67
N SER A 55 1.41 -15.54 -0.54
CA SER A 55 0.71 -16.20 0.56
C SER A 55 -0.79 -15.93 0.47
N VAL A 56 -1.60 -16.89 0.90
CA VAL A 56 -3.05 -16.71 0.86
C VAL A 56 -3.44 -15.50 1.73
N GLY A 57 -2.83 -15.42 2.91
CA GLY A 57 -3.09 -14.32 3.84
C GLY A 57 -2.71 -12.97 3.22
N ASP A 58 -1.61 -12.96 2.47
CA ASP A 58 -1.15 -11.72 1.84
C ASP A 58 -2.22 -11.11 0.94
N LEU A 59 -2.92 -11.96 0.20
CA LEU A 59 -3.97 -11.48 -0.69
C LEU A 59 -5.04 -10.74 0.11
N ALA A 60 -5.36 -11.26 1.30
CA ALA A 60 -6.37 -10.64 2.14
C ALA A 60 -5.92 -9.22 2.51
N GLU A 61 -4.65 -9.09 2.84
CA GLU A 61 -4.11 -7.79 3.19
C GLU A 61 -4.21 -6.84 2.00
N LEU A 62 -3.88 -7.36 0.82
CA LEU A 62 -3.93 -6.56 -0.40
C LEU A 62 -5.37 -6.13 -0.70
N LEU A 63 -6.33 -7.03 -0.50
CA LEU A 63 -7.72 -6.71 -0.75
C LEU A 63 -8.22 -5.67 0.26
N TYR A 64 -7.74 -5.77 1.50
CA TYR A 64 -8.15 -4.84 2.55
C TYR A 64 -7.78 -3.38 2.25
N ARG A 65 -6.54 -3.15 1.81
CA ARG A 65 -6.09 -1.78 1.52
C ARG A 65 -6.99 -1.09 0.49
N VAL A 66 -7.42 -1.82 -0.52
CA VAL A 66 -8.28 -1.25 -1.56
C VAL A 66 -9.72 -1.13 -1.06
N ARG A 67 -9.93 -1.41 0.23
CA ARG A 67 -11.27 -1.32 0.83
C ARG A 67 -12.27 -2.24 0.13
N ARG A 68 -11.88 -3.48 -0.14
CA ARG A 68 -12.77 -4.43 -0.80
C ARG A 68 -13.17 -5.55 0.17
N PHE A 69 -14.16 -5.27 1.01
CA PHE A 69 -14.64 -6.27 1.96
C PHE A 69 -15.45 -7.34 1.24
N ASP A 70 -16.14 -6.92 0.17
CA ASP A 70 -16.96 -7.83 -0.61
C ASP A 70 -16.13 -8.93 -1.26
N LEU A 71 -14.97 -8.54 -1.80
CA LEU A 71 -14.11 -9.51 -2.47
C LEU A 71 -13.56 -10.53 -1.50
N LEU A 72 -13.35 -10.14 -0.24
CA LEU A 72 -12.83 -11.09 0.74
C LEU A 72 -13.79 -12.27 0.90
N LYS A 73 -15.08 -11.97 0.99
CA LYS A 73 -16.09 -13.01 1.10
C LYS A 73 -16.12 -13.90 -0.15
N ARG A 74 -16.04 -13.26 -1.31
CA ARG A 74 -16.09 -13.99 -2.57
C ARG A 74 -14.83 -14.80 -2.83
N ILE A 75 -13.66 -14.16 -2.68
CA ILE A 75 -12.38 -14.83 -2.97
C ILE A 75 -11.81 -15.60 -1.78
N LEU A 76 -11.56 -14.93 -0.65
CA LEU A 76 -10.95 -15.61 0.51
C LEU A 76 -11.98 -16.11 1.52
N LYS A 77 -13.25 -15.80 1.30
CA LYS A 77 -14.30 -16.26 2.22
C LYS A 77 -14.02 -15.83 3.67
N MET A 78 -13.65 -14.57 3.87
CA MET A 78 -13.39 -14.05 5.23
C MET A 78 -14.15 -12.76 5.49
N ASP A 79 -14.51 -12.54 6.76
CA ASP A 79 -15.24 -11.34 7.16
C ASP A 79 -14.29 -10.18 7.43
N ARG A 80 -14.86 -8.99 7.54
CA ARG A 80 -14.06 -7.79 7.79
C ARG A 80 -13.33 -7.88 9.13
N LYS A 81 -14.01 -8.38 10.16
CA LYS A 81 -13.39 -8.49 11.48
C LYS A 81 -12.21 -9.46 11.42
N ALA A 82 -12.27 -10.41 10.50
CA ALA A 82 -11.19 -11.38 10.36
C ALA A 82 -9.89 -10.66 10.02
N VAL A 83 -9.99 -9.68 9.15
CA VAL A 83 -8.83 -8.90 8.75
C VAL A 83 -8.29 -8.14 9.96
N GLU A 84 -9.19 -7.56 10.75
CA GLU A 84 -8.79 -6.81 11.93
C GLU A 84 -8.04 -7.72 12.90
N THR A 85 -8.55 -8.93 13.08
CA THR A 85 -7.90 -9.88 13.98
C THR A 85 -6.55 -10.30 13.40
N HIS A 86 -6.52 -10.50 12.09
CA HIS A 86 -5.28 -10.87 11.41
C HIS A 86 -4.24 -9.77 11.55
N LEU A 87 -4.68 -8.54 11.34
CA LEU A 87 -3.80 -7.38 11.43
C LEU A 87 -3.43 -7.07 12.88
N LEU A 88 -4.09 -7.73 13.82
CA LEU A 88 -3.80 -7.51 15.23
C LEU A 88 -2.32 -7.77 15.50
N ARG A 89 -1.81 -8.86 14.91
CA ARG A 89 -0.40 -9.20 15.05
C ARG A 89 0.43 -8.33 14.11
N ASN A 90 -0.29 -7.61 13.24
CA ASN A 90 0.34 -6.73 12.26
C ASN A 90 1.44 -7.40 11.45
N PRO A 91 1.16 -8.54 10.85
CA PRO A 91 2.15 -9.25 9.99
C PRO A 91 2.18 -8.67 8.58
N HIS A 92 3.37 -8.58 7.99
CA HIS A 92 3.51 -8.03 6.64
C HIS A 92 4.39 -8.91 5.76
N LEU A 93 3.88 -9.28 4.59
CA LEU A 93 4.63 -10.10 3.65
C LEU A 93 5.87 -9.34 3.19
N VAL A 94 5.68 -8.06 2.90
CA VAL A 94 6.75 -7.18 2.42
C VAL A 94 6.98 -6.07 3.43
N SER A 95 8.05 -5.31 3.25
CA SER A 95 8.35 -4.22 4.18
C SER A 95 7.10 -3.38 4.42
N ASP A 96 6.84 -3.08 5.68
CA ASP A 96 5.66 -2.29 6.04
C ASP A 96 5.76 -0.87 5.48
N TYR A 97 6.94 -0.48 5.01
CA TYR A 97 7.13 0.86 4.46
C TYR A 97 6.18 1.11 3.29
N ARG A 98 6.16 0.19 2.34
CA ARG A 98 5.30 0.33 1.17
C ARG A 98 3.83 0.25 1.56
N VAL A 99 3.51 -0.71 2.42
CA VAL A 99 2.14 -0.90 2.90
C VAL A 99 1.67 0.31 3.71
N LEU A 100 2.58 0.85 4.51
CA LEU A 100 2.26 2.00 5.35
C LEU A 100 1.75 3.14 4.49
N MET A 101 2.45 3.41 3.40
CA MET A 101 2.06 4.49 2.51
C MET A 101 0.68 4.25 1.91
N ALA A 102 0.42 3.03 1.49
CA ALA A 102 -0.88 2.70 0.92
C ALA A 102 -1.99 2.83 1.97
N GLU A 103 -1.70 2.34 3.18
CA GLU A 103 -2.66 2.40 4.27
C GLU A 103 -2.98 3.86 4.63
N ILE A 104 -1.95 4.69 4.68
CA ILE A 104 -2.12 6.10 5.02
C ILE A 104 -3.04 6.77 3.99
N GLY A 105 -2.77 6.49 2.72
CA GLY A 105 -3.58 7.08 1.65
C GLY A 105 -5.04 6.65 1.77
N GLU A 106 -5.23 5.38 2.12
CA GLU A 106 -6.59 4.84 2.27
C GLU A 106 -7.35 5.57 3.38
N ASP A 107 -6.66 5.85 4.47
CA ASP A 107 -7.30 6.54 5.60
C ASP A 107 -7.69 7.97 5.23
N LEU A 108 -6.85 8.62 4.44
CA LEU A 108 -7.12 9.99 4.01
C LEU A 108 -8.26 10.03 3.00
N ASP A 109 -9.09 11.07 3.09
CA ASP A 109 -10.22 11.25 2.18
C ASP A 109 -9.80 12.09 0.98
N LYS A 110 -10.66 12.18 -0.03
CA LYS A 110 -10.34 12.96 -1.20
C LYS A 110 -10.13 14.43 -0.83
N SER A 111 -10.96 14.93 0.07
CA SER A 111 -10.85 16.31 0.52
C SER A 111 -9.51 16.52 1.22
N ASP A 112 -9.12 15.53 2.02
CA ASP A 112 -7.87 15.59 2.76
C ASP A 112 -6.68 15.69 1.80
N VAL A 113 -6.78 14.97 0.68
CA VAL A 113 -5.70 14.99 -0.30
C VAL A 113 -5.46 16.40 -0.80
N SER A 114 -6.54 17.12 -1.10
CA SER A 114 -6.41 18.49 -1.57
C SER A 114 -5.75 19.35 -0.50
N SER A 115 -6.18 19.15 0.74
CA SER A 115 -5.64 19.89 1.88
C SER A 115 -4.15 19.59 2.08
N LEU A 116 -3.79 18.33 1.92
CA LEU A 116 -2.41 17.89 2.11
C LEU A 116 -1.47 18.59 1.11
N ILE A 117 -2.00 18.87 -0.09
CA ILE A 117 -1.22 19.52 -1.14
C ILE A 117 -0.75 20.91 -0.71
N GLY A 118 -1.60 21.66 -0.02
CA GLY A 118 -1.22 23.01 0.40
C GLY A 118 0.03 22.94 1.28
N LEU A 119 0.06 21.95 2.17
CA LEU A 119 1.20 21.77 3.06
C LEU A 119 2.44 21.36 2.26
N MET A 120 2.21 20.53 1.23
CA MET A 120 3.31 20.05 0.39
C MET A 120 4.02 21.21 -0.31
N LYS A 121 3.25 22.20 -0.75
CA LYS A 121 3.83 23.35 -1.44
C LYS A 121 4.81 24.10 -0.54
N ASP A 122 4.49 24.21 0.74
CA ASP A 122 5.36 24.93 1.66
C ASP A 122 6.77 24.33 1.69
N TYR A 123 6.85 23.01 1.84
CA TYR A 123 8.15 22.34 1.87
C TYR A 123 8.67 22.07 0.47
N MET A 124 7.77 21.66 -0.41
CA MET A 124 8.14 21.37 -1.80
C MET A 124 8.51 22.66 -2.53
N GLY A 125 7.84 23.75 -2.17
CA GLY A 125 8.11 25.03 -2.80
C GLY A 125 7.42 25.15 -4.15
N ARG A 126 6.39 24.31 -4.36
CA ARG A 126 5.64 24.30 -5.61
C ARG A 126 6.33 23.44 -6.66
N GLY A 127 6.42 22.15 -6.37
CA GLY A 127 7.06 21.21 -7.30
C GLY A 127 6.03 20.65 -8.28
N LYS A 128 6.37 19.51 -8.89
CA LYS A 128 5.47 18.89 -9.85
C LYS A 128 4.31 18.21 -9.11
N ILE A 129 3.31 19.01 -8.74
CA ILE A 129 2.14 18.46 -8.01
C ILE A 129 0.85 19.14 -8.44
N SER A 130 -0.25 18.39 -8.37
CA SER A 130 -1.56 18.91 -8.75
C SER A 130 -2.67 18.13 -8.02
N LYS A 131 -3.86 18.71 -7.97
CA LYS A 131 -4.99 18.07 -7.30
C LYS A 131 -5.36 16.77 -8.01
N GLU A 132 -4.99 16.66 -9.27
CA GLU A 132 -5.30 15.47 -10.05
C GLU A 132 -4.61 14.23 -9.46
N LYS A 133 -3.39 14.41 -8.98
CA LYS A 133 -2.63 13.30 -8.42
C LYS A 133 -3.29 12.76 -7.15
N SER A 134 -3.32 11.42 -7.04
CA SER A 134 -3.89 10.76 -5.87
C SER A 134 -2.85 10.72 -4.75
N PHE A 135 -3.27 10.33 -3.55
CA PHE A 135 -2.34 10.26 -2.44
C PHE A 135 -1.17 9.34 -2.78
N LEU A 136 -1.47 8.21 -3.38
CA LEU A 136 -0.43 7.25 -3.74
C LEU A 136 0.60 7.92 -4.65
N ASP A 137 0.12 8.73 -5.58
CA ASP A 137 1.00 9.43 -6.49
C ASP A 137 1.92 10.40 -5.73
N LEU A 138 1.37 11.05 -4.69
CA LEU A 138 2.16 11.98 -3.89
C LEU A 138 3.35 11.28 -3.23
N VAL A 139 3.15 10.04 -2.80
CA VAL A 139 4.21 9.30 -2.12
C VAL A 139 5.43 9.12 -3.02
N VAL A 140 5.21 8.68 -4.25
CA VAL A 140 6.33 8.48 -5.18
C VAL A 140 6.94 9.82 -5.57
N GLU A 141 6.13 10.87 -5.55
CA GLU A 141 6.61 12.21 -5.89
C GLU A 141 7.67 12.66 -4.90
N LEU A 142 7.41 12.42 -3.63
CA LEU A 142 8.34 12.80 -2.57
C LEU A 142 9.67 12.07 -2.70
N GLU A 143 9.61 10.81 -3.12
CA GLU A 143 10.82 10.01 -3.27
C GLU A 143 11.78 10.69 -4.25
N LYS A 144 11.22 11.24 -5.31
CA LYS A 144 12.02 11.94 -6.32
C LYS A 144 12.74 13.13 -5.71
N LEU A 145 12.06 13.83 -4.82
CA LEU A 145 12.62 15.01 -4.17
C LEU A 145 13.51 14.61 -3.00
N ASN A 146 13.53 13.32 -2.67
CA ASN A 146 14.35 12.83 -1.56
C ASN A 146 14.04 13.58 -0.28
N LEU A 147 12.76 13.82 -0.03
CA LEU A 147 12.32 14.51 1.19
C LEU A 147 11.90 13.49 2.22
N VAL A 148 11.62 12.28 1.75
CA VAL A 148 11.20 11.19 2.62
C VAL A 148 12.11 9.98 2.46
N ALA A 149 12.61 9.48 3.58
CA ALA A 149 13.50 8.31 3.59
C ALA A 149 12.83 7.15 4.32
N PRO A 150 13.26 5.94 4.07
CA PRO A 150 12.67 4.73 4.72
C PRO A 150 12.84 4.74 6.23
N ASP A 151 13.94 5.33 6.70
CA ASP A 151 14.21 5.41 8.13
C ASP A 151 13.92 6.81 8.66
N GLN A 152 13.45 7.70 7.78
CA GLN A 152 13.13 9.06 8.18
C GLN A 152 11.90 9.57 7.41
N LEU A 153 10.79 9.73 8.14
CA LEU A 153 9.55 10.23 7.53
C LEU A 153 9.34 11.68 7.94
N ASP A 154 9.40 11.91 9.26
CA ASP A 154 9.24 13.25 9.88
C ASP A 154 8.24 14.18 9.18
N LEU A 155 8.50 14.51 7.92
CA LEU A 155 7.63 15.41 7.16
C LEU A 155 6.22 14.84 7.05
N LEU A 156 6.11 13.54 6.79
CA LEU A 156 4.81 12.90 6.66
C LEU A 156 3.99 13.05 7.94
N GLU A 157 4.64 12.82 9.07
CA GLU A 157 3.95 12.93 10.36
C GLU A 157 3.46 14.35 10.61
N LYS A 158 4.29 15.33 10.29
CA LYS A 158 3.94 16.73 10.52
C LYS A 158 2.74 17.17 9.70
N CYS A 159 2.70 16.81 8.42
CA CYS A 159 1.59 17.21 7.56
C CYS A 159 0.28 16.55 7.99
N LEU A 160 0.37 15.29 8.40
CA LEU A 160 -0.82 14.55 8.82
C LEU A 160 -1.39 15.17 10.09
N LYS A 161 -0.51 15.58 11.00
CA LYS A 161 -0.92 16.19 12.25
C LYS A 161 -1.73 17.45 11.99
N ASN A 162 -1.30 18.26 11.03
CA ASN A 162 -2.00 19.49 10.71
C ASN A 162 -3.44 19.19 10.28
N ILE A 163 -3.61 18.16 9.45
CA ILE A 163 -4.93 17.77 8.99
C ILE A 163 -5.73 17.17 10.15
N HIS A 164 -5.17 17.27 11.36
CA HIS A 164 -5.81 16.74 12.56
C HIS A 164 -6.03 15.23 12.45
N ARG A 165 -5.06 14.54 11.87
CA ARG A 165 -5.13 13.08 11.70
C ARG A 165 -4.13 12.41 12.66
N ILE A 166 -4.44 12.46 13.95
CA ILE A 166 -3.59 11.87 14.98
C ILE A 166 -3.48 10.35 14.82
N ASP A 167 -4.59 9.71 14.47
CA ASP A 167 -4.60 8.26 14.33
C ASP A 167 -3.57 7.81 13.29
N LEU A 168 -3.49 8.54 12.18
CA LEU A 168 -2.52 8.18 11.15
C LEU A 168 -1.10 8.36 11.68
N LYS A 169 -0.89 9.41 12.46
CA LYS A 169 0.43 9.67 13.03
C LYS A 169 0.88 8.50 13.90
N THR A 170 -0.05 7.96 14.67
CA THR A 170 0.25 6.84 15.56
C THR A 170 0.72 5.61 14.77
N LYS A 171 0.03 5.31 13.68
CA LYS A 171 0.38 4.15 12.86
C LYS A 171 1.79 4.29 12.30
N ILE A 172 2.15 5.51 11.91
CA ILE A 172 3.48 5.77 11.37
C ILE A 172 4.55 5.45 12.41
N GLN A 173 4.28 5.78 13.66
CA GLN A 173 5.24 5.54 14.73
C GLN A 173 5.56 4.05 14.84
N LYS A 174 4.55 3.20 14.66
CA LYS A 174 4.75 1.76 14.74
C LYS A 174 5.79 1.31 13.71
N TYR A 175 5.70 1.86 12.51
CA TYR A 175 6.63 1.52 11.45
C TYR A 175 8.08 1.80 11.89
N LYS A 176 8.31 2.98 12.45
CA LYS A 176 9.64 3.35 12.90
C LYS A 176 10.15 2.37 13.97
N GLN A 177 9.23 1.71 14.66
CA GLN A 177 9.63 0.73 15.68
C GLN A 177 10.01 -0.60 15.03
N LEU A 178 9.70 -0.72 13.73
CA LEU A 178 10.02 -1.95 12.99
C LEU A 178 11.35 -1.79 12.25
N GLU A 179 12.12 -0.78 12.62
CA GLU A 179 13.42 -0.54 11.98
C GLU A 179 14.44 -1.59 12.41
N HIS A 180 14.23 -2.17 13.58
CA HIS A 180 15.15 -3.19 14.08
C HIS A 180 14.87 -4.53 13.42
N HIS A 181 15.23 -4.63 12.15
CA HIS A 181 15.02 -5.87 11.40
C HIS A 181 16.03 -6.93 11.83
N HIS A 182 15.61 -8.19 11.75
CA HIS A 182 16.48 -9.32 12.13
C HIS A 182 17.09 -9.97 10.90
N HIS A 183 18.40 -10.17 10.93
CA HIS A 183 19.10 -10.79 9.80
C HIS A 183 18.82 -12.28 9.73
N HIS A 184 18.20 -12.82 10.78
CA HIS A 184 17.88 -14.24 10.82
C HIS A 184 16.79 -14.57 9.81
N HIS A 185 16.84 -15.76 9.23
CA HIS A 185 15.85 -16.18 8.25
C HIS A 185 14.44 -15.97 8.80
N MET A 1 6.36 -22.18 -14.56
CA MET A 1 5.12 -22.87 -14.99
C MET A 1 3.95 -22.45 -14.09
N GLY A 2 2.75 -22.45 -14.65
CA GLY A 2 1.57 -22.06 -13.90
C GLY A 2 0.94 -23.27 -13.20
N ARG A 3 0.08 -23.98 -13.92
CA ARG A 3 -0.56 -25.16 -13.37
C ARG A 3 -1.30 -24.79 -12.07
N SER A 4 -1.76 -25.81 -11.36
CA SER A 4 -2.47 -25.58 -10.11
C SER A 4 -3.70 -24.71 -10.34
N ASP A 5 -4.72 -24.88 -9.49
CA ASP A 5 -5.94 -24.10 -9.61
C ASP A 5 -5.78 -22.73 -8.96
N SER A 6 -4.59 -22.49 -8.39
CA SER A 6 -4.30 -21.22 -7.75
C SER A 6 -4.20 -20.10 -8.77
N ALA A 7 -3.89 -20.47 -10.01
CA ALA A 7 -3.77 -19.49 -11.08
C ALA A 7 -5.10 -18.81 -11.33
N GLU A 8 -6.17 -19.61 -11.33
CA GLU A 8 -7.52 -19.10 -11.57
C GLU A 8 -7.93 -18.12 -10.49
N VAL A 9 -7.60 -18.42 -9.24
CA VAL A 9 -7.94 -17.54 -8.14
C VAL A 9 -7.29 -16.18 -8.36
N ILE A 10 -6.02 -16.23 -8.77
CA ILE A 10 -5.25 -15.03 -9.03
C ILE A 10 -5.87 -14.22 -10.17
N HIS A 11 -6.29 -14.92 -11.23
CA HIS A 11 -6.89 -14.26 -12.38
C HIS A 11 -8.23 -13.60 -12.03
N GLN A 12 -9.04 -14.26 -11.21
CA GLN A 12 -10.35 -13.74 -10.84
C GLN A 12 -10.25 -12.42 -10.07
N VAL A 13 -9.30 -12.33 -9.15
CA VAL A 13 -9.16 -11.11 -8.35
C VAL A 13 -8.68 -9.93 -9.21
N GLU A 14 -7.83 -10.20 -10.19
CA GLU A 14 -7.34 -9.13 -11.05
C GLU A 14 -8.48 -8.49 -11.83
N GLU A 15 -9.39 -9.32 -12.33
CA GLU A 15 -10.53 -8.84 -13.09
C GLU A 15 -11.45 -7.98 -12.21
N ALA A 16 -11.64 -8.40 -10.97
CA ALA A 16 -12.51 -7.70 -10.05
C ALA A 16 -11.98 -6.31 -9.70
N LEU A 17 -10.66 -6.19 -9.56
CA LEU A 17 -10.07 -4.89 -9.21
C LEU A 17 -10.33 -3.86 -10.30
N ASP A 18 -10.68 -2.66 -9.87
CA ASP A 18 -10.94 -1.56 -10.79
C ASP A 18 -9.62 -1.02 -11.34
N THR A 19 -9.70 -0.21 -12.39
CA THR A 19 -8.50 0.35 -13.00
C THR A 19 -7.76 1.26 -12.04
N ASP A 20 -8.47 1.82 -11.06
CA ASP A 20 -7.84 2.70 -10.08
C ASP A 20 -7.22 1.90 -8.94
N GLU A 21 -7.71 0.67 -8.74
CA GLU A 21 -7.21 -0.19 -7.66
C GLU A 21 -6.00 -1.01 -8.11
N LYS A 22 -5.96 -1.39 -9.38
CA LYS A 22 -4.85 -2.20 -9.89
C LYS A 22 -3.54 -1.45 -9.69
N GLU A 23 -3.63 -0.13 -9.56
CA GLU A 23 -2.45 0.68 -9.35
C GLU A 23 -1.83 0.36 -7.99
N MET A 24 -2.70 0.15 -7.01
CA MET A 24 -2.27 -0.17 -5.65
C MET A 24 -1.50 -1.49 -5.63
N LEU A 25 -1.95 -2.46 -6.41
CA LEU A 25 -1.28 -3.76 -6.45
C LEU A 25 0.18 -3.59 -6.88
N LEU A 26 0.40 -2.80 -7.92
CA LEU A 26 1.76 -2.58 -8.41
C LEU A 26 2.58 -1.84 -7.36
N PHE A 27 1.96 -0.84 -6.75
CA PHE A 27 2.62 -0.04 -5.72
C PHE A 27 3.00 -0.91 -4.51
N LEU A 28 2.04 -1.69 -4.03
CA LEU A 28 2.26 -2.55 -2.88
C LEU A 28 3.33 -3.61 -3.16
N CYS A 29 3.30 -4.18 -4.36
CA CYS A 29 4.27 -5.21 -4.74
C CYS A 29 5.48 -4.58 -5.43
N ARG A 30 5.55 -3.25 -5.38
CA ARG A 30 6.65 -2.53 -6.00
C ARG A 30 7.97 -2.97 -5.37
N ASP A 31 7.99 -3.07 -4.05
CA ASP A 31 9.20 -3.49 -3.35
C ASP A 31 9.56 -4.93 -3.74
N VAL A 32 8.56 -5.81 -3.76
CA VAL A 32 8.78 -7.21 -4.12
C VAL A 32 9.22 -7.34 -5.57
N ALA A 33 8.62 -6.56 -6.46
CA ALA A 33 8.94 -6.60 -7.88
C ALA A 33 9.32 -5.21 -8.40
N ILE A 34 10.44 -5.13 -9.11
CA ILE A 34 10.90 -3.85 -9.66
C ILE A 34 10.14 -3.53 -10.95
N ASP A 35 8.84 -3.76 -10.93
CA ASP A 35 8.01 -3.50 -12.11
C ASP A 35 8.55 -4.29 -13.29
N VAL A 36 9.15 -5.44 -12.99
CA VAL A 36 9.70 -6.30 -14.03
C VAL A 36 8.59 -6.91 -14.86
N VAL A 37 7.38 -6.93 -14.30
CA VAL A 37 6.24 -7.51 -14.98
C VAL A 37 5.92 -6.73 -16.26
N PRO A 38 5.59 -7.39 -17.37
CA PRO A 38 5.24 -6.65 -18.62
C PRO A 38 4.05 -5.71 -18.38
N PRO A 39 3.56 -5.05 -19.39
CA PRO A 39 2.39 -4.12 -19.27
C PRO A 39 1.18 -4.83 -18.66
N ASN A 40 1.21 -6.15 -18.71
CA ASN A 40 0.11 -6.96 -18.18
C ASN A 40 0.18 -7.04 -16.65
N VAL A 41 -0.75 -6.36 -16.00
CA VAL A 41 -0.79 -6.35 -14.53
C VAL A 41 -1.19 -7.73 -13.99
N ARG A 42 -1.92 -8.49 -14.78
CA ARG A 42 -2.36 -9.82 -14.34
C ARG A 42 -1.13 -10.70 -14.06
N ASP A 43 -0.12 -10.53 -14.90
CA ASP A 43 1.12 -11.29 -14.78
C ASP A 43 1.87 -10.96 -13.48
N LEU A 44 1.55 -9.80 -12.88
CA LEU A 44 2.23 -9.39 -11.66
C LEU A 44 2.09 -10.45 -10.56
N LEU A 45 0.88 -10.92 -10.34
CA LEU A 45 0.66 -11.92 -9.31
C LEU A 45 1.26 -13.26 -9.72
N ASP A 46 1.32 -13.51 -11.02
CA ASP A 46 1.87 -14.77 -11.53
C ASP A 46 3.33 -14.95 -11.14
N ILE A 47 4.13 -13.88 -11.20
CA ILE A 47 5.55 -13.98 -10.85
C ILE A 47 5.74 -14.12 -9.34
N LEU A 48 4.84 -13.50 -8.56
CA LEU A 48 4.93 -13.60 -7.11
C LEU A 48 4.70 -15.06 -6.68
N ARG A 49 3.75 -15.72 -7.32
CA ARG A 49 3.46 -17.12 -7.00
C ARG A 49 4.67 -18.00 -7.29
N GLU A 50 5.33 -17.72 -8.42
CA GLU A 50 6.50 -18.50 -8.81
C GLU A 50 7.59 -18.39 -7.75
N ARG A 51 7.76 -17.20 -7.20
CA ARG A 51 8.76 -16.98 -6.17
C ARG A 51 8.37 -17.71 -4.89
N GLY A 52 7.09 -18.04 -4.78
CA GLY A 52 6.60 -18.74 -3.60
C GLY A 52 6.37 -17.77 -2.45
N LYS A 53 6.45 -16.48 -2.77
CA LYS A 53 6.27 -15.43 -1.75
C LYS A 53 4.80 -15.01 -1.67
N LEU A 54 3.94 -15.63 -2.49
CA LEU A 54 2.52 -15.28 -2.47
C LEU A 54 1.80 -16.10 -1.39
N SER A 55 1.48 -15.43 -0.28
CA SER A 55 0.77 -16.08 0.81
C SER A 55 -0.72 -15.84 0.70
N VAL A 56 -1.53 -16.80 1.13
CA VAL A 56 -2.97 -16.65 1.07
C VAL A 56 -3.39 -15.44 1.91
N GLY A 57 -2.79 -15.32 3.09
CA GLY A 57 -3.10 -14.21 3.98
C GLY A 57 -2.72 -12.87 3.35
N ASP A 58 -1.61 -12.84 2.62
CA ASP A 58 -1.14 -11.60 1.98
C ASP A 58 -2.21 -11.04 1.05
N LEU A 59 -2.87 -11.91 0.29
CA LEU A 59 -3.91 -11.46 -0.63
C LEU A 59 -5.02 -10.75 0.14
N ALA A 60 -5.35 -11.27 1.32
CA ALA A 60 -6.38 -10.66 2.14
C ALA A 60 -6.00 -9.24 2.49
N GLU A 61 -4.74 -9.05 2.85
CA GLU A 61 -4.26 -7.73 3.20
C GLU A 61 -4.32 -6.80 1.97
N LEU A 62 -3.92 -7.34 0.82
CA LEU A 62 -3.94 -6.55 -0.42
C LEU A 62 -5.36 -6.13 -0.79
N LEU A 63 -6.31 -7.06 -0.67
CA LEU A 63 -7.70 -6.75 -1.00
C LEU A 63 -8.28 -5.74 -0.01
N TYR A 64 -7.87 -5.85 1.25
CA TYR A 64 -8.36 -4.94 2.29
C TYR A 64 -8.02 -3.47 2.01
N ARG A 65 -6.77 -3.20 1.62
CA ARG A 65 -6.34 -1.81 1.35
C ARG A 65 -7.21 -1.15 0.27
N VAL A 66 -7.55 -1.89 -0.77
CA VAL A 66 -8.37 -1.33 -1.86
C VAL A 66 -9.84 -1.24 -1.44
N ARG A 67 -10.11 -1.49 -0.17
CA ARG A 67 -11.48 -1.43 0.36
C ARG A 67 -12.43 -2.38 -0.35
N ARG A 68 -11.99 -3.62 -0.58
CA ARG A 68 -12.84 -4.62 -1.25
C ARG A 68 -13.23 -5.74 -0.28
N PHE A 69 -14.16 -5.43 0.63
CA PHE A 69 -14.62 -6.41 1.60
C PHE A 69 -15.50 -7.46 0.92
N ASP A 70 -16.19 -7.05 -0.14
CA ASP A 70 -17.06 -7.96 -0.87
C ASP A 70 -16.26 -9.11 -1.47
N LEU A 71 -15.07 -8.80 -1.97
CA LEU A 71 -14.23 -9.81 -2.58
C LEU A 71 -13.62 -10.75 -1.53
N LEU A 72 -13.36 -10.23 -0.33
CA LEU A 72 -12.76 -11.08 0.70
C LEU A 72 -13.67 -12.26 1.05
N LYS A 73 -14.96 -11.98 1.21
CA LYS A 73 -15.90 -13.05 1.54
C LYS A 73 -16.18 -13.94 0.34
N ARG A 74 -15.91 -13.41 -0.86
CA ARG A 74 -16.14 -14.17 -2.09
C ARG A 74 -14.93 -15.03 -2.49
N ILE A 75 -13.77 -14.41 -2.63
CA ILE A 75 -12.57 -15.14 -3.05
C ILE A 75 -11.86 -15.81 -1.88
N LEU A 76 -11.48 -15.04 -0.86
CA LEU A 76 -10.75 -15.61 0.28
C LEU A 76 -11.70 -16.10 1.37
N LYS A 77 -12.99 -15.82 1.21
CA LYS A 77 -13.97 -16.24 2.20
C LYS A 77 -13.59 -15.72 3.60
N MET A 78 -13.16 -14.46 3.66
CA MET A 78 -12.75 -13.84 4.92
C MET A 78 -13.66 -12.67 5.27
N ASP A 79 -14.02 -12.57 6.55
CA ASP A 79 -14.88 -11.49 7.03
C ASP A 79 -14.04 -10.28 7.43
N ARG A 80 -14.65 -9.10 7.45
CA ARG A 80 -13.92 -7.89 7.82
C ARG A 80 -13.38 -7.99 9.24
N LYS A 81 -14.17 -8.55 10.16
CA LYS A 81 -13.70 -8.68 11.54
C LYS A 81 -12.46 -9.56 11.59
N ALA A 82 -12.40 -10.52 10.67
CA ALA A 82 -11.25 -11.42 10.59
C ALA A 82 -9.99 -10.63 10.26
N VAL A 83 -10.13 -9.66 9.36
CA VAL A 83 -8.99 -8.84 8.96
C VAL A 83 -8.45 -8.06 10.16
N GLU A 84 -9.35 -7.52 10.97
CA GLU A 84 -8.94 -6.76 12.14
C GLU A 84 -8.14 -7.64 13.09
N THR A 85 -8.57 -8.88 13.26
CA THR A 85 -7.87 -9.80 14.13
C THR A 85 -6.53 -10.18 13.50
N HIS A 86 -6.53 -10.37 12.19
CA HIS A 86 -5.31 -10.72 11.47
C HIS A 86 -4.27 -9.60 11.59
N LEU A 87 -4.74 -8.37 11.40
CA LEU A 87 -3.87 -7.21 11.47
C LEU A 87 -3.48 -6.87 12.91
N LEU A 88 -4.12 -7.53 13.87
CA LEU A 88 -3.81 -7.26 15.27
C LEU A 88 -2.32 -7.51 15.51
N ARG A 89 -1.82 -8.62 14.98
CA ARG A 89 -0.41 -8.94 15.11
C ARG A 89 0.40 -8.09 14.13
N ASN A 90 -0.32 -7.42 13.25
CA ASN A 90 0.28 -6.55 12.24
C ASN A 90 1.37 -7.27 11.43
N PRO A 91 1.08 -8.41 10.87
CA PRO A 91 2.07 -9.17 10.04
C PRO A 91 2.10 -8.63 8.61
N HIS A 92 3.30 -8.48 8.06
CA HIS A 92 3.45 -7.98 6.68
C HIS A 92 4.43 -8.83 5.89
N LEU A 93 3.93 -9.50 4.86
CA LEU A 93 4.79 -10.32 4.02
C LEU A 93 5.79 -9.43 3.31
N VAL A 94 5.30 -8.27 2.87
CA VAL A 94 6.12 -7.28 2.18
C VAL A 94 6.53 -6.19 3.16
N SER A 95 7.46 -5.32 2.75
CA SER A 95 7.91 -4.25 3.63
C SER A 95 6.73 -3.41 4.11
N ASP A 96 6.71 -3.12 5.41
CA ASP A 96 5.64 -2.33 6.00
C ASP A 96 5.66 -0.90 5.45
N TYR A 97 6.84 -0.45 5.01
CA TYR A 97 6.98 0.91 4.48
C TYR A 97 6.04 1.16 3.30
N ARG A 98 6.04 0.25 2.33
CA ARG A 98 5.17 0.41 1.17
C ARG A 98 3.69 0.32 1.55
N VAL A 99 3.37 -0.66 2.39
CA VAL A 99 1.99 -0.86 2.84
C VAL A 99 1.52 0.32 3.68
N LEU A 100 2.42 0.84 4.51
CA LEU A 100 2.10 1.95 5.39
C LEU A 100 1.55 3.11 4.58
N MET A 101 2.23 3.43 3.49
CA MET A 101 1.81 4.54 2.64
C MET A 101 0.44 4.28 2.03
N ALA A 102 0.21 3.06 1.55
CA ALA A 102 -1.08 2.72 0.95
C ALA A 102 -2.20 2.75 1.98
N GLU A 103 -1.94 2.20 3.16
CA GLU A 103 -2.93 2.15 4.23
C GLU A 103 -3.35 3.56 4.65
N ILE A 104 -2.38 4.44 4.84
CA ILE A 104 -2.67 5.81 5.25
C ILE A 104 -3.47 6.52 4.18
N GLY A 105 -3.11 6.34 2.92
CA GLY A 105 -3.82 6.99 1.83
C GLY A 105 -5.28 6.58 1.81
N GLU A 106 -5.53 5.30 2.08
CA GLU A 106 -6.89 4.78 2.09
C GLU A 106 -7.73 5.49 3.16
N ASP A 107 -7.13 5.72 4.32
CA ASP A 107 -7.83 6.38 5.42
C ASP A 107 -8.17 7.83 5.06
N LEU A 108 -7.26 8.50 4.37
CA LEU A 108 -7.47 9.89 3.99
C LEU A 108 -8.55 10.02 2.92
N ASP A 109 -9.38 11.04 3.07
CA ASP A 109 -10.46 11.31 2.13
C ASP A 109 -9.92 12.05 0.91
N LYS A 110 -10.71 12.10 -0.16
CA LYS A 110 -10.27 12.80 -1.36
C LYS A 110 -10.03 14.27 -1.05
N SER A 111 -10.91 14.86 -0.25
CA SER A 111 -10.76 16.25 0.13
C SER A 111 -9.51 16.46 0.97
N ASP A 112 -9.21 15.47 1.83
CA ASP A 112 -8.04 15.54 2.69
C ASP A 112 -6.77 15.60 1.85
N VAL A 113 -6.75 14.84 0.77
CA VAL A 113 -5.58 14.80 -0.10
C VAL A 113 -5.27 16.19 -0.65
N SER A 114 -6.29 16.91 -1.10
CA SER A 114 -6.08 18.24 -1.64
C SER A 114 -5.54 19.18 -0.57
N SER A 115 -6.05 19.04 0.65
CA SER A 115 -5.60 19.88 1.76
C SER A 115 -4.12 19.61 2.06
N LEU A 116 -3.75 18.34 2.04
CA LEU A 116 -2.38 17.94 2.33
C LEU A 116 -1.40 18.60 1.35
N ILE A 117 -1.84 18.77 0.11
CA ILE A 117 -1.00 19.38 -0.93
C ILE A 117 -0.59 20.80 -0.54
N GLY A 118 -1.51 21.57 0.04
CA GLY A 118 -1.19 22.94 0.42
C GLY A 118 -0.01 22.97 1.38
N LEU A 119 -0.01 22.03 2.33
CA LEU A 119 1.08 21.94 3.30
C LEU A 119 2.38 21.57 2.60
N MET A 120 2.27 20.70 1.61
CA MET A 120 3.43 20.23 0.85
C MET A 120 4.13 21.37 0.12
N LYS A 121 3.35 22.32 -0.39
CA LYS A 121 3.94 23.44 -1.13
C LYS A 121 4.97 24.19 -0.28
N ASP A 122 4.68 24.33 1.01
CA ASP A 122 5.59 25.04 1.90
C ASP A 122 6.97 24.39 1.92
N TYR A 123 7.02 23.06 2.07
CA TYR A 123 8.29 22.34 2.12
C TYR A 123 8.78 21.96 0.72
N MET A 124 7.85 21.59 -0.15
CA MET A 124 8.19 21.20 -1.51
C MET A 124 8.67 22.42 -2.29
N GLY A 125 8.11 23.58 -1.97
CA GLY A 125 8.48 24.82 -2.65
C GLY A 125 7.77 24.92 -4.00
N ARG A 126 6.67 24.19 -4.13
CA ARG A 126 5.90 24.20 -5.38
C ARG A 126 6.57 23.31 -6.42
N GLY A 127 6.74 22.04 -6.09
CA GLY A 127 7.38 21.09 -7.00
C GLY A 127 6.34 20.50 -7.95
N LYS A 128 6.72 19.41 -8.61
CA LYS A 128 5.82 18.75 -9.55
C LYS A 128 4.68 18.07 -8.80
N ILE A 129 3.62 18.82 -8.52
CA ILE A 129 2.47 18.29 -7.81
C ILE A 129 1.18 18.97 -8.24
N SER A 130 0.12 18.17 -8.40
CA SER A 130 -1.19 18.70 -8.84
C SER A 130 -2.31 18.10 -7.99
N LYS A 131 -3.42 18.83 -7.89
CA LYS A 131 -4.56 18.37 -7.11
C LYS A 131 -5.17 17.09 -7.67
N GLU A 132 -5.00 16.87 -8.97
CA GLU A 132 -5.55 15.67 -9.61
C GLU A 132 -4.81 14.41 -9.16
N LYS A 133 -3.62 14.58 -8.61
CA LYS A 133 -2.84 13.43 -8.15
C LYS A 133 -3.45 12.79 -6.91
N SER A 134 -3.47 11.46 -6.89
CA SER A 134 -4.01 10.73 -5.75
C SER A 134 -2.97 10.66 -4.63
N PHE A 135 -3.40 10.22 -3.45
CA PHE A 135 -2.48 10.12 -2.32
C PHE A 135 -1.31 9.19 -2.68
N LEU A 136 -1.62 8.11 -3.37
CA LEU A 136 -0.60 7.15 -3.77
C LEU A 136 0.43 7.85 -4.64
N ASP A 137 -0.06 8.69 -5.56
CA ASP A 137 0.82 9.44 -6.45
C ASP A 137 1.71 10.40 -5.65
N LEU A 138 1.13 11.00 -4.62
CA LEU A 138 1.86 11.94 -3.78
C LEU A 138 3.07 11.26 -3.12
N VAL A 139 2.89 10.02 -2.70
CA VAL A 139 3.96 9.30 -2.03
C VAL A 139 5.19 9.14 -2.92
N VAL A 140 4.98 8.71 -4.17
CA VAL A 140 6.09 8.54 -5.08
C VAL A 140 6.63 9.89 -5.53
N GLU A 141 5.79 10.91 -5.51
CA GLU A 141 6.21 12.24 -5.92
C GLU A 141 7.29 12.74 -4.97
N LEU A 142 7.07 12.50 -3.69
CA LEU A 142 8.02 12.90 -2.66
C LEU A 142 9.35 12.15 -2.81
N GLU A 143 9.25 10.88 -3.20
CA GLU A 143 10.43 10.05 -3.37
C GLU A 143 11.37 10.62 -4.42
N LYS A 144 10.82 11.14 -5.52
CA LYS A 144 11.65 11.71 -6.57
C LYS A 144 12.45 12.90 -6.04
N LEU A 145 11.79 13.70 -5.20
CA LEU A 145 12.43 14.89 -4.63
C LEU A 145 13.29 14.53 -3.42
N ASN A 146 13.26 13.26 -3.02
CA ASN A 146 14.06 12.80 -1.89
C ASN A 146 13.77 13.66 -0.65
N LEU A 147 12.50 13.84 -0.35
CA LEU A 147 12.08 14.63 0.81
C LEU A 147 11.84 13.69 1.97
N VAL A 148 11.64 12.41 1.62
CA VAL A 148 11.40 11.37 2.60
C VAL A 148 12.31 10.18 2.31
N ALA A 149 12.61 9.41 3.34
CA ALA A 149 13.44 8.22 3.20
C ALA A 149 12.84 7.06 3.99
N PRO A 150 13.14 5.82 3.65
CA PRO A 150 12.58 4.64 4.38
C PRO A 150 12.79 4.72 5.90
N ASP A 151 13.96 5.18 6.31
CA ASP A 151 14.28 5.27 7.75
C ASP A 151 14.01 6.66 8.32
N GLN A 152 13.51 7.58 7.49
CA GLN A 152 13.23 8.94 7.94
C GLN A 152 12.01 9.50 7.23
N LEU A 153 10.93 9.67 7.97
CA LEU A 153 9.70 10.23 7.41
C LEU A 153 9.57 11.69 7.84
N ASP A 154 9.46 11.86 9.17
CA ASP A 154 9.34 13.18 9.81
C ASP A 154 8.34 14.13 9.13
N LEU A 155 8.58 14.47 7.88
CA LEU A 155 7.71 15.38 7.13
C LEU A 155 6.29 14.83 7.03
N LEU A 156 6.17 13.53 6.79
CA LEU A 156 4.86 12.90 6.64
C LEU A 156 4.03 13.09 7.92
N GLU A 157 4.64 12.86 9.07
CA GLU A 157 3.95 13.02 10.34
C GLU A 157 3.54 14.47 10.58
N LYS A 158 4.42 15.40 10.23
CA LYS A 158 4.15 16.82 10.44
C LYS A 158 2.93 17.30 9.66
N CYS A 159 2.84 16.94 8.38
CA CYS A 159 1.72 17.37 7.55
C CYS A 159 0.42 16.72 8.01
N LEU A 160 0.48 15.44 8.30
CA LEU A 160 -0.70 14.70 8.74
C LEU A 160 -1.19 15.24 10.08
N LYS A 161 -0.23 15.58 10.94
CA LYS A 161 -0.57 16.12 12.26
C LYS A 161 -1.40 17.39 12.09
N ASN A 162 -1.01 18.23 11.14
CA ASN A 162 -1.74 19.47 10.90
C ASN A 162 -3.18 19.17 10.53
N ILE A 163 -3.37 18.15 9.70
CA ILE A 163 -4.72 17.76 9.29
C ILE A 163 -5.48 17.17 10.49
N HIS A 164 -4.84 17.25 11.66
CA HIS A 164 -5.43 16.74 12.90
C HIS A 164 -5.71 15.24 12.81
N ARG A 165 -4.80 14.51 12.16
CA ARG A 165 -4.94 13.06 12.03
C ARG A 165 -3.92 12.33 12.91
N ILE A 166 -4.21 12.29 14.21
CA ILE A 166 -3.34 11.65 15.18
C ILE A 166 -3.21 10.15 14.90
N ASP A 167 -4.32 9.52 14.53
CA ASP A 167 -4.31 8.08 14.27
C ASP A 167 -3.25 7.72 13.22
N LEU A 168 -3.20 8.49 12.14
CA LEU A 168 -2.21 8.24 11.10
C LEU A 168 -0.81 8.42 11.66
N LYS A 169 -0.62 9.45 12.49
CA LYS A 169 0.69 9.71 13.08
C LYS A 169 1.12 8.52 13.92
N THR A 170 0.19 7.97 14.71
CA THR A 170 0.50 6.83 15.57
C THR A 170 0.91 5.61 14.76
N LYS A 171 0.19 5.34 13.67
CA LYS A 171 0.50 4.19 12.83
C LYS A 171 1.90 4.31 12.24
N ILE A 172 2.26 5.52 11.85
CA ILE A 172 3.57 5.79 11.27
C ILE A 172 4.68 5.46 12.29
N GLN A 173 4.43 5.80 13.54
CA GLN A 173 5.41 5.57 14.60
C GLN A 173 5.73 4.09 14.73
N LYS A 174 4.74 3.23 14.56
CA LYS A 174 4.96 1.78 14.66
C LYS A 174 6.01 1.36 13.64
N TYR A 175 5.89 1.89 12.43
CA TYR A 175 6.84 1.57 11.37
C TYR A 175 8.26 2.00 11.77
N LYS A 176 8.41 3.22 12.26
CA LYS A 176 9.72 3.71 12.66
C LYS A 176 10.31 2.80 13.73
N GLN A 177 9.47 2.35 14.65
CA GLN A 177 9.92 1.44 15.70
C GLN A 177 10.38 0.12 15.09
N LEU A 178 9.66 -0.33 14.06
CA LEU A 178 9.98 -1.58 13.39
C LEU A 178 11.19 -1.41 12.46
N GLU A 179 11.98 -0.37 12.71
CA GLU A 179 13.16 -0.12 11.89
C GLU A 179 14.25 -1.16 12.19
N HIS A 180 14.33 -1.57 13.45
CA HIS A 180 15.33 -2.56 13.85
C HIS A 180 15.15 -3.86 13.06
N HIS A 181 16.26 -4.46 12.64
CA HIS A 181 16.21 -5.69 11.87
C HIS A 181 15.49 -6.79 12.64
N HIS A 182 16.25 -7.72 13.21
CA HIS A 182 15.67 -8.81 13.97
C HIS A 182 14.59 -9.53 13.15
N HIS A 183 14.87 -9.73 11.86
CA HIS A 183 13.92 -10.41 10.99
C HIS A 183 13.72 -11.86 11.41
N HIS A 184 12.48 -12.31 11.39
CA HIS A 184 12.16 -13.69 11.78
C HIS A 184 12.65 -14.66 10.71
N HIS A 185 13.06 -15.85 11.16
CA HIS A 185 13.55 -16.87 10.24
C HIS A 185 14.64 -16.31 9.34
N MET A 1 3.52 -22.60 -15.45
CA MET A 1 3.88 -24.03 -15.25
C MET A 1 3.34 -24.50 -13.91
N GLY A 2 3.23 -25.82 -13.75
CA GLY A 2 2.72 -26.39 -12.50
C GLY A 2 1.19 -26.36 -12.48
N ARG A 3 0.60 -25.87 -13.55
CA ARG A 3 -0.86 -25.79 -13.65
C ARG A 3 -1.44 -25.24 -12.35
N SER A 4 -1.93 -26.13 -11.49
CA SER A 4 -2.51 -25.72 -10.22
C SER A 4 -3.71 -24.81 -10.45
N ASP A 5 -4.72 -24.97 -9.62
CA ASP A 5 -5.94 -24.15 -9.74
C ASP A 5 -5.74 -22.79 -9.09
N SER A 6 -4.55 -22.58 -8.52
CA SER A 6 -4.24 -21.31 -7.88
C SER A 6 -4.20 -20.19 -8.90
N ALA A 7 -3.90 -20.54 -10.14
CA ALA A 7 -3.83 -19.55 -11.21
C ALA A 7 -5.21 -18.91 -11.42
N GLU A 8 -6.24 -19.74 -11.35
CA GLU A 8 -7.61 -19.27 -11.54
C GLU A 8 -8.01 -18.25 -10.48
N VAL A 9 -7.61 -18.50 -9.23
CA VAL A 9 -7.93 -17.57 -8.16
C VAL A 9 -7.28 -16.22 -8.43
N ILE A 10 -6.01 -16.28 -8.84
CA ILE A 10 -5.24 -15.08 -9.14
C ILE A 10 -5.88 -14.30 -10.29
N HIS A 11 -6.28 -14.99 -11.34
CA HIS A 11 -6.88 -14.36 -12.50
C HIS A 11 -8.18 -13.63 -12.15
N GLN A 12 -9.02 -14.27 -11.34
CA GLN A 12 -10.32 -13.71 -10.97
C GLN A 12 -10.19 -12.40 -10.19
N VAL A 13 -9.24 -12.32 -9.25
CA VAL A 13 -9.09 -11.11 -8.45
C VAL A 13 -8.64 -9.93 -9.31
N GLU A 14 -7.81 -10.19 -10.33
CA GLU A 14 -7.33 -9.12 -11.19
C GLU A 14 -8.48 -8.43 -11.92
N GLU A 15 -9.43 -9.23 -12.39
CA GLU A 15 -10.58 -8.69 -13.11
C GLU A 15 -11.48 -7.85 -12.20
N ALA A 16 -11.65 -8.32 -10.97
CA ALA A 16 -12.52 -7.64 -10.00
C ALA A 16 -11.98 -6.27 -9.59
N LEU A 17 -10.66 -6.15 -9.45
CA LEU A 17 -10.07 -4.89 -9.03
C LEU A 17 -10.22 -3.81 -10.11
N ASP A 18 -10.55 -2.59 -9.67
CA ASP A 18 -10.71 -1.46 -10.57
C ASP A 18 -9.33 -0.97 -11.00
N THR A 19 -9.27 -0.16 -12.05
CA THR A 19 -7.98 0.35 -12.52
C THR A 19 -7.31 1.14 -11.41
N ASP A 20 -8.10 1.84 -10.61
CA ASP A 20 -7.57 2.62 -9.50
C ASP A 20 -6.94 1.69 -8.45
N GLU A 21 -7.65 0.60 -8.14
CA GLU A 21 -7.16 -0.37 -7.15
C GLU A 21 -5.97 -1.17 -7.70
N LYS A 22 -6.01 -1.47 -9.00
CA LYS A 22 -4.94 -2.22 -9.64
C LYS A 22 -3.60 -1.51 -9.45
N GLU A 23 -3.62 -0.18 -9.42
CA GLU A 23 -2.41 0.60 -9.23
C GLU A 23 -1.78 0.29 -7.87
N MET A 24 -2.64 0.13 -6.86
CA MET A 24 -2.17 -0.17 -5.51
C MET A 24 -1.40 -1.49 -5.47
N LEU A 25 -1.87 -2.47 -6.22
CA LEU A 25 -1.20 -3.77 -6.25
C LEU A 25 0.24 -3.62 -6.72
N LEU A 26 0.46 -2.83 -7.77
CA LEU A 26 1.81 -2.61 -8.27
C LEU A 26 2.64 -1.90 -7.22
N PHE A 27 2.03 -0.91 -6.58
CA PHE A 27 2.68 -0.13 -5.54
C PHE A 27 3.09 -1.01 -4.36
N LEU A 28 2.15 -1.82 -3.88
CA LEU A 28 2.40 -2.70 -2.75
C LEU A 28 3.48 -3.74 -3.06
N CYS A 29 3.43 -4.30 -4.28
CA CYS A 29 4.41 -5.31 -4.69
C CYS A 29 5.56 -4.66 -5.45
N ARG A 30 5.63 -3.33 -5.42
CA ARG A 30 6.68 -2.62 -6.10
C ARG A 30 8.05 -3.05 -5.55
N ASP A 31 8.14 -3.14 -4.23
CA ASP A 31 9.39 -3.56 -3.61
C ASP A 31 9.73 -5.00 -3.99
N VAL A 32 8.72 -5.87 -3.96
CA VAL A 32 8.91 -7.28 -4.30
C VAL A 32 9.33 -7.44 -5.76
N ALA A 33 8.70 -6.66 -6.65
CA ALA A 33 9.00 -6.74 -8.09
C ALA A 33 9.44 -5.39 -8.64
N ILE A 34 10.55 -5.38 -9.37
CA ILE A 34 11.07 -4.14 -9.96
C ILE A 34 10.36 -3.86 -11.28
N ASP A 35 9.05 -4.04 -11.28
CA ASP A 35 8.24 -3.83 -12.48
C ASP A 35 8.74 -4.71 -13.61
N VAL A 36 9.30 -5.86 -13.25
CA VAL A 36 9.80 -6.81 -14.22
C VAL A 36 8.64 -7.42 -14.99
N VAL A 37 7.47 -7.37 -14.38
CA VAL A 37 6.26 -7.92 -14.98
C VAL A 37 5.93 -7.22 -16.30
N PRO A 38 5.50 -7.91 -17.33
CA PRO A 38 5.11 -7.24 -18.62
C PRO A 38 4.11 -6.11 -18.36
N PRO A 39 3.69 -5.41 -19.38
CA PRO A 39 2.71 -4.28 -19.23
C PRO A 39 1.45 -4.71 -18.47
N ASN A 40 1.01 -5.95 -18.69
CA ASN A 40 -0.19 -6.45 -18.03
C ASN A 40 0.07 -6.70 -16.55
N VAL A 41 -0.83 -6.22 -15.71
CA VAL A 41 -0.70 -6.39 -14.26
C VAL A 41 -1.11 -7.79 -13.83
N ARG A 42 -1.82 -8.49 -14.71
CA ARG A 42 -2.26 -9.84 -14.38
C ARG A 42 -1.05 -10.73 -14.11
N ASP A 43 0.00 -10.50 -14.89
CA ASP A 43 1.24 -11.26 -14.77
C ASP A 43 1.96 -10.96 -13.46
N LEU A 44 1.64 -9.83 -12.83
CA LEU A 44 2.31 -9.45 -11.57
C LEU A 44 2.12 -10.52 -10.51
N LEU A 45 0.89 -10.95 -10.31
CA LEU A 45 0.61 -11.97 -9.31
C LEU A 45 1.23 -13.31 -9.73
N ASP A 46 1.23 -13.56 -11.03
CA ASP A 46 1.77 -14.81 -11.57
C ASP A 46 3.25 -14.97 -11.22
N ILE A 47 4.05 -13.92 -11.37
CA ILE A 47 5.48 -14.02 -11.05
C ILE A 47 5.70 -14.17 -9.55
N LEU A 48 4.82 -13.58 -8.76
CA LEU A 48 4.94 -13.68 -7.30
C LEU A 48 4.71 -15.13 -6.88
N ARG A 49 3.74 -15.79 -7.51
CA ARG A 49 3.44 -17.18 -7.19
C ARG A 49 4.64 -18.07 -7.48
N GLU A 50 5.31 -17.81 -8.59
CA GLU A 50 6.48 -18.59 -8.97
C GLU A 50 7.56 -18.48 -7.90
N ARG A 51 7.72 -17.28 -7.34
CA ARG A 51 8.71 -17.07 -6.30
C ARG A 51 8.31 -17.80 -5.02
N GLY A 52 7.02 -18.13 -4.92
CA GLY A 52 6.52 -18.82 -3.74
C GLY A 52 6.25 -17.84 -2.60
N LYS A 53 6.42 -16.56 -2.90
CA LYS A 53 6.21 -15.51 -1.89
C LYS A 53 4.74 -15.16 -1.77
N LEU A 54 3.90 -15.68 -2.67
CA LEU A 54 2.47 -15.36 -2.62
C LEU A 54 1.76 -16.24 -1.58
N SER A 55 1.43 -15.64 -0.44
CA SER A 55 0.73 -16.35 0.63
C SER A 55 -0.77 -16.09 0.52
N VAL A 56 -1.58 -17.06 0.95
CA VAL A 56 -3.02 -16.90 0.90
C VAL A 56 -3.42 -15.70 1.76
N GLY A 57 -2.82 -15.61 2.94
CA GLY A 57 -3.09 -14.51 3.86
C GLY A 57 -2.72 -13.16 3.25
N ASP A 58 -1.62 -13.14 2.51
CA ASP A 58 -1.15 -11.90 1.89
C ASP A 58 -2.21 -11.29 0.98
N LEU A 59 -2.89 -12.14 0.21
CA LEU A 59 -3.93 -11.67 -0.68
C LEU A 59 -5.03 -10.96 0.11
N ALA A 60 -5.33 -11.49 1.29
CA ALA A 60 -6.36 -10.89 2.14
C ALA A 60 -5.96 -9.47 2.50
N GLU A 61 -4.69 -9.30 2.83
CA GLU A 61 -4.18 -7.98 3.19
C GLU A 61 -4.26 -7.05 1.99
N LEU A 62 -3.88 -7.56 0.81
CA LEU A 62 -3.90 -6.75 -0.41
C LEU A 62 -5.31 -6.31 -0.76
N LEU A 63 -6.27 -7.22 -0.64
CA LEU A 63 -7.66 -6.88 -0.96
C LEU A 63 -8.23 -5.90 0.07
N TYR A 64 -7.83 -6.06 1.33
CA TYR A 64 -8.32 -5.18 2.39
C TYR A 64 -7.94 -3.70 2.15
N ARG A 65 -6.68 -3.44 1.81
CA ARG A 65 -6.22 -2.06 1.59
C ARG A 65 -7.08 -1.34 0.53
N VAL A 66 -7.41 -2.04 -0.55
CA VAL A 66 -8.21 -1.43 -1.61
C VAL A 66 -9.68 -1.35 -1.21
N ARG A 67 -9.95 -1.60 0.07
CA ARG A 67 -11.32 -1.55 0.59
C ARG A 67 -12.26 -2.50 -0.14
N ARG A 68 -11.82 -3.74 -0.37
CA ARG A 68 -12.67 -4.72 -1.07
C ARG A 68 -13.05 -5.87 -0.14
N PHE A 69 -13.78 -5.54 0.92
CA PHE A 69 -14.22 -6.57 1.86
C PHE A 69 -15.21 -7.51 1.17
N ASP A 70 -15.90 -6.98 0.16
CA ASP A 70 -16.88 -7.75 -0.59
C ASP A 70 -16.22 -8.93 -1.31
N LEU A 71 -15.09 -8.66 -1.94
CA LEU A 71 -14.38 -9.69 -2.68
C LEU A 71 -13.75 -10.72 -1.75
N LEU A 72 -13.46 -10.31 -0.52
CA LEU A 72 -12.86 -11.24 0.43
C LEU A 72 -13.80 -12.41 0.68
N LYS A 73 -15.07 -12.11 0.80
CA LYS A 73 -16.08 -13.15 1.03
C LYS A 73 -16.14 -14.11 -0.14
N ARG A 74 -16.14 -13.56 -1.36
CA ARG A 74 -16.24 -14.39 -2.56
C ARG A 74 -14.95 -15.16 -2.87
N ILE A 75 -13.80 -14.48 -2.82
CA ILE A 75 -12.53 -15.14 -3.16
C ILE A 75 -11.86 -15.84 -1.98
N LEU A 76 -11.56 -15.12 -0.90
CA LEU A 76 -10.86 -15.72 0.24
C LEU A 76 -11.82 -16.20 1.34
N LYS A 77 -13.10 -15.91 1.19
CA LYS A 77 -14.07 -16.33 2.19
C LYS A 77 -13.67 -15.87 3.58
N MET A 78 -13.20 -14.62 3.69
CA MET A 78 -12.78 -14.06 4.97
C MET A 78 -13.75 -12.97 5.43
N ASP A 79 -14.15 -13.04 6.69
CA ASP A 79 -15.07 -12.05 7.25
C ASP A 79 -14.39 -10.69 7.34
N ARG A 80 -15.14 -9.63 7.07
CA ARG A 80 -14.57 -8.29 7.13
C ARG A 80 -14.05 -7.98 8.53
N LYS A 81 -14.84 -8.33 9.54
CA LYS A 81 -14.46 -8.08 10.93
C LYS A 81 -13.21 -8.90 11.31
N ALA A 82 -13.08 -10.08 10.71
CA ALA A 82 -11.94 -10.95 11.00
C ALA A 82 -10.64 -10.23 10.61
N VAL A 83 -10.70 -9.51 9.50
CA VAL A 83 -9.55 -8.78 9.00
C VAL A 83 -9.12 -7.72 10.01
N GLU A 84 -10.09 -7.04 10.60
CA GLU A 84 -9.80 -5.98 11.56
C GLU A 84 -9.00 -6.51 12.75
N THR A 85 -9.40 -7.66 13.28
CA THR A 85 -8.70 -8.25 14.43
C THR A 85 -7.44 -8.97 13.96
N HIS A 86 -7.50 -9.58 12.79
CA HIS A 86 -6.36 -10.31 12.24
C HIS A 86 -5.18 -9.35 12.04
N LEU A 87 -5.46 -8.18 11.47
CA LEU A 87 -4.42 -7.19 11.22
C LEU A 87 -3.95 -6.55 12.51
N LEU A 88 -4.64 -6.83 13.61
CA LEU A 88 -4.24 -6.26 14.90
C LEU A 88 -2.78 -6.62 15.18
N ARG A 89 -2.41 -7.85 14.82
CA ARG A 89 -1.04 -8.31 15.01
C ARG A 89 -0.12 -7.53 14.09
N ASN A 90 -0.73 -6.86 13.10
CA ASN A 90 0.01 -6.06 12.14
C ASN A 90 1.07 -6.86 11.40
N PRO A 91 0.71 -7.97 10.80
CA PRO A 91 1.67 -8.82 10.02
C PRO A 91 1.84 -8.29 8.60
N HIS A 92 3.07 -8.30 8.10
CA HIS A 92 3.34 -7.81 6.73
C HIS A 92 4.24 -8.78 5.96
N LEU A 93 3.79 -9.18 4.78
CA LEU A 93 4.58 -10.07 3.93
C LEU A 93 5.85 -9.35 3.48
N VAL A 94 5.67 -8.08 3.10
CA VAL A 94 6.77 -7.23 2.63
C VAL A 94 7.00 -6.10 3.64
N SER A 95 8.08 -5.35 3.44
CA SER A 95 8.38 -4.25 4.35
C SER A 95 7.13 -3.41 4.60
N ASP A 96 6.91 -3.06 5.86
CA ASP A 96 5.75 -2.28 6.25
C ASP A 96 5.78 -0.89 5.62
N TYR A 97 6.95 -0.46 5.15
CA TYR A 97 7.07 0.86 4.54
C TYR A 97 6.11 1.05 3.36
N ARG A 98 6.10 0.10 2.44
CA ARG A 98 5.24 0.22 1.27
C ARG A 98 3.76 0.15 1.66
N VAL A 99 3.43 -0.79 2.55
CA VAL A 99 2.05 -0.96 3.00
C VAL A 99 1.60 0.25 3.81
N LEU A 100 2.50 0.78 4.62
CA LEU A 100 2.19 1.92 5.49
C LEU A 100 1.66 3.08 4.64
N MET A 101 2.35 3.36 3.55
CA MET A 101 1.95 4.45 2.67
C MET A 101 0.58 4.19 2.05
N ALA A 102 0.35 2.97 1.60
CA ALA A 102 -0.93 2.63 0.98
C ALA A 102 -2.07 2.70 1.98
N GLU A 103 -1.85 2.15 3.18
CA GLU A 103 -2.87 2.14 4.22
C GLU A 103 -3.25 3.56 4.65
N ILE A 104 -2.25 4.42 4.84
CA ILE A 104 -2.52 5.80 5.25
C ILE A 104 -3.35 6.52 4.20
N GLY A 105 -3.00 6.35 2.94
CA GLY A 105 -3.73 6.99 1.85
C GLY A 105 -5.19 6.56 1.87
N GLU A 106 -5.42 5.28 2.16
CA GLU A 106 -6.77 4.76 2.22
C GLU A 106 -7.59 5.46 3.29
N ASP A 107 -6.96 5.71 4.43
CA ASP A 107 -7.65 6.37 5.54
C ASP A 107 -8.03 7.81 5.18
N LEU A 108 -7.15 8.49 4.47
CA LEU A 108 -7.41 9.87 4.08
C LEU A 108 -8.46 9.93 2.98
N ASP A 109 -9.35 10.91 3.07
CA ASP A 109 -10.40 11.08 2.06
C ASP A 109 -9.91 12.01 0.96
N LYS A 110 -10.77 12.27 -0.02
CA LYS A 110 -10.40 13.15 -1.13
C LYS A 110 -10.10 14.56 -0.64
N SER A 111 -10.90 15.05 0.29
CA SER A 111 -10.70 16.40 0.82
C SER A 111 -9.36 16.50 1.55
N ASP A 112 -9.02 15.45 2.30
CA ASP A 112 -7.77 15.43 3.05
C ASP A 112 -6.57 15.51 2.12
N VAL A 113 -6.64 14.83 0.99
CA VAL A 113 -5.54 14.85 0.02
C VAL A 113 -5.30 16.27 -0.49
N SER A 114 -6.37 16.98 -0.80
CA SER A 114 -6.24 18.34 -1.31
C SER A 114 -5.58 19.26 -0.28
N SER A 115 -5.99 19.12 0.98
CA SER A 115 -5.45 19.94 2.06
C SER A 115 -3.97 19.62 2.28
N LEU A 116 -3.62 18.35 2.13
CA LEU A 116 -2.23 17.92 2.33
C LEU A 116 -1.31 18.59 1.31
N ILE A 117 -1.80 18.79 0.10
CA ILE A 117 -1.02 19.41 -0.96
C ILE A 117 -0.58 20.82 -0.58
N GLY A 118 -1.49 21.59 0.00
CA GLY A 118 -1.16 22.97 0.38
C GLY A 118 0.01 22.99 1.35
N LEU A 119 0.02 22.05 2.29
CA LEU A 119 1.11 21.97 3.27
C LEU A 119 2.42 21.65 2.56
N MET A 120 2.31 20.79 1.55
CA MET A 120 3.48 20.37 0.77
C MET A 120 4.07 21.52 -0.03
N LYS A 121 3.25 22.50 -0.38
CA LYS A 121 3.73 23.63 -1.18
C LYS A 121 4.85 24.39 -0.44
N ASP A 122 4.69 24.55 0.86
CA ASP A 122 5.68 25.27 1.65
C ASP A 122 7.05 24.60 1.59
N TYR A 123 7.07 23.27 1.70
CA TYR A 123 8.33 22.53 1.67
C TYR A 123 8.74 22.22 0.22
N MET A 124 7.76 21.82 -0.58
CA MET A 124 8.02 21.50 -1.98
C MET A 124 8.35 22.75 -2.77
N GLY A 125 7.75 23.87 -2.39
CA GLY A 125 8.00 25.14 -3.08
C GLY A 125 7.18 25.24 -4.36
N ARG A 126 6.13 24.44 -4.45
CA ARG A 126 5.25 24.44 -5.64
C ARG A 126 5.88 23.65 -6.78
N GLY A 127 6.20 22.39 -6.52
CA GLY A 127 6.80 21.53 -7.54
C GLY A 127 5.71 20.85 -8.36
N LYS A 128 6.12 19.86 -9.16
CA LYS A 128 5.15 19.14 -9.99
C LYS A 128 4.11 18.45 -9.12
N ILE A 129 3.12 19.21 -8.68
CA ILE A 129 2.06 18.67 -7.82
C ILE A 129 0.69 19.24 -8.21
N SER A 130 -0.34 18.40 -8.15
CA SER A 130 -1.70 18.84 -8.49
C SER A 130 -2.73 18.01 -7.73
N LYS A 131 -3.94 18.57 -7.60
CA LYS A 131 -5.01 17.88 -6.90
C LYS A 131 -5.44 16.62 -7.64
N GLU A 132 -5.15 16.58 -8.93
CA GLU A 132 -5.52 15.43 -9.75
C GLU A 132 -4.83 14.16 -9.26
N LYS A 133 -3.57 14.30 -8.87
CA LYS A 133 -2.82 13.14 -8.38
C LYS A 133 -3.39 12.62 -7.07
N SER A 134 -3.45 11.30 -6.95
CA SER A 134 -3.98 10.64 -5.75
C SER A 134 -2.93 10.61 -4.64
N PHE A 135 -3.35 10.21 -3.45
CA PHE A 135 -2.44 10.13 -2.32
C PHE A 135 -1.27 9.20 -2.65
N LEU A 136 -1.58 8.07 -3.28
CA LEU A 136 -0.55 7.11 -3.63
C LEU A 136 0.48 7.76 -4.54
N ASP A 137 0.00 8.56 -5.48
CA ASP A 137 0.88 9.27 -6.41
C ASP A 137 1.77 10.25 -5.65
N LEU A 138 1.22 10.90 -4.63
CA LEU A 138 1.98 11.86 -3.82
C LEU A 138 3.18 11.18 -3.16
N VAL A 139 3.00 9.94 -2.73
CA VAL A 139 4.08 9.22 -2.05
C VAL A 139 5.29 9.07 -2.95
N VAL A 140 5.08 8.64 -4.19
CA VAL A 140 6.20 8.48 -5.12
C VAL A 140 6.73 9.83 -5.57
N GLU A 141 5.85 10.85 -5.54
CA GLU A 141 6.25 12.20 -5.94
C GLU A 141 7.36 12.72 -5.04
N LEU A 142 7.22 12.47 -3.75
CA LEU A 142 8.21 12.92 -2.76
C LEU A 142 9.55 12.21 -2.96
N GLU A 143 9.49 10.99 -3.50
CA GLU A 143 10.71 10.22 -3.71
C GLU A 143 11.66 10.97 -4.64
N LYS A 144 11.10 11.61 -5.67
CA LYS A 144 11.92 12.35 -6.62
C LYS A 144 12.65 13.50 -5.92
N LEU A 145 11.96 14.14 -4.99
CA LEU A 145 12.53 15.26 -4.26
C LEU A 145 13.38 14.79 -3.09
N ASN A 146 13.30 13.50 -2.79
CA ASN A 146 14.07 12.92 -1.69
C ASN A 146 13.80 13.65 -0.38
N LEU A 147 12.54 13.99 -0.14
CA LEU A 147 12.15 14.67 1.10
C LEU A 147 11.78 13.63 2.14
N VAL A 148 11.38 12.47 1.65
CA VAL A 148 10.98 11.36 2.49
C VAL A 148 11.80 10.12 2.14
N ALA A 149 12.39 9.50 3.16
CA ALA A 149 13.20 8.29 2.97
C ALA A 149 12.69 7.16 3.85
N PRO A 150 12.92 5.91 3.49
CA PRO A 150 12.44 4.75 4.31
C PRO A 150 12.81 4.86 5.80
N ASP A 151 14.03 5.32 6.08
CA ASP A 151 14.49 5.42 7.48
C ASP A 151 14.29 6.82 8.05
N GLN A 152 13.74 7.74 7.27
CA GLN A 152 13.51 9.10 7.76
C GLN A 152 12.25 9.68 7.13
N LEU A 153 11.20 9.85 7.94
CA LEU A 153 9.95 10.42 7.45
C LEU A 153 9.81 11.86 7.92
N ASP A 154 9.70 12.03 9.24
CA ASP A 154 9.58 13.34 9.90
C ASP A 154 8.54 14.27 9.24
N LEU A 155 8.76 14.63 7.98
CA LEU A 155 7.85 15.53 7.27
C LEU A 155 6.44 14.94 7.15
N LEU A 156 6.37 13.65 6.90
CA LEU A 156 5.07 12.99 6.75
C LEU A 156 4.23 13.15 8.01
N GLU A 157 4.84 12.95 9.17
CA GLU A 157 4.13 13.06 10.44
C GLU A 157 3.63 14.48 10.67
N LYS A 158 4.47 15.47 10.37
CA LYS A 158 4.10 16.87 10.59
C LYS A 158 2.90 17.31 9.76
N CYS A 159 2.91 17.00 8.46
CA CYS A 159 1.81 17.40 7.59
C CYS A 159 0.50 16.70 7.99
N LEU A 160 0.59 15.42 8.31
CA LEU A 160 -0.59 14.66 8.71
C LEU A 160 -1.14 15.20 10.03
N LYS A 161 -0.25 15.55 10.93
CA LYS A 161 -0.64 16.08 12.23
C LYS A 161 -1.47 17.36 12.03
N ASN A 162 -1.05 18.18 11.07
CA ASN A 162 -1.77 19.42 10.79
C ASN A 162 -3.22 19.10 10.41
N ILE A 163 -3.39 18.05 9.61
CA ILE A 163 -4.72 17.62 9.19
C ILE A 163 -5.48 17.06 10.39
N HIS A 164 -4.84 17.16 11.56
CA HIS A 164 -5.43 16.67 12.81
C HIS A 164 -5.69 15.17 12.75
N ARG A 165 -4.77 14.43 12.14
CA ARG A 165 -4.90 12.98 12.02
C ARG A 165 -3.88 12.29 12.94
N ILE A 166 -4.20 12.21 14.22
CA ILE A 166 -3.33 11.59 15.21
C ILE A 166 -3.14 10.10 14.94
N ASP A 167 -4.20 9.42 14.53
CA ASP A 167 -4.12 7.98 14.29
C ASP A 167 -3.06 7.66 13.23
N LEU A 168 -3.01 8.45 12.17
CA LEU A 168 -2.02 8.22 11.12
C LEU A 168 -0.62 8.43 11.68
N LYS A 169 -0.45 9.46 12.50
CA LYS A 169 0.83 9.75 13.10
C LYS A 169 1.29 8.59 13.96
N THR A 170 0.36 8.02 14.73
CA THR A 170 0.66 6.90 15.61
C THR A 170 1.15 5.69 14.81
N LYS A 171 0.47 5.41 13.69
CA LYS A 171 0.85 4.27 12.85
C LYS A 171 2.27 4.43 12.33
N ILE A 172 2.62 5.65 11.96
CA ILE A 172 3.95 5.94 11.45
C ILE A 172 5.00 5.66 12.52
N GLN A 173 4.68 6.00 13.76
CA GLN A 173 5.62 5.78 14.86
C GLN A 173 5.93 4.29 14.98
N LYS A 174 4.93 3.44 14.77
CA LYS A 174 5.15 2.01 14.85
C LYS A 174 6.20 1.59 13.82
N TYR A 175 6.06 2.13 12.61
CA TYR A 175 7.01 1.83 11.54
C TYR A 175 8.43 2.25 11.93
N LYS A 176 8.58 3.47 12.44
CA LYS A 176 9.90 3.96 12.84
C LYS A 176 10.48 3.05 13.92
N GLN A 177 9.64 2.58 14.82
CA GLN A 177 10.10 1.69 15.89
C GLN A 177 10.31 0.28 15.34
N LEU A 178 9.81 0.04 14.12
CA LEU A 178 9.95 -1.27 13.48
C LEU A 178 11.15 -1.30 12.53
N GLU A 179 12.08 -0.37 12.71
CA GLU A 179 13.26 -0.32 11.86
C GLU A 179 14.23 -1.46 12.17
N HIS A 180 14.15 -1.99 13.39
CA HIS A 180 15.03 -3.09 13.77
C HIS A 180 14.52 -4.41 13.18
N HIS A 181 14.43 -4.46 11.86
CA HIS A 181 13.96 -5.65 11.16
C HIS A 181 15.08 -6.66 11.00
N HIS A 182 16.32 -6.19 11.16
CA HIS A 182 17.49 -7.06 11.02
C HIS A 182 17.53 -7.70 9.64
N HIS A 183 17.18 -6.92 8.62
CA HIS A 183 17.18 -7.40 7.24
C HIS A 183 18.35 -6.81 6.46
N HIS A 184 19.19 -7.67 5.91
CA HIS A 184 20.35 -7.23 5.15
C HIS A 184 20.79 -8.30 4.16
N HIS A 185 21.61 -7.90 3.19
CA HIS A 185 22.10 -8.85 2.18
C HIS A 185 23.01 -9.89 2.83
N MET A 1 3.97 -24.75 -3.34
CA MET A 1 2.65 -24.73 -4.04
C MET A 1 2.87 -24.63 -5.54
N GLY A 2 3.19 -25.76 -6.17
CA GLY A 2 3.42 -25.80 -7.61
C GLY A 2 2.10 -26.04 -8.34
N ARG A 3 1.04 -26.11 -7.58
CA ARG A 3 -0.29 -26.36 -8.11
C ARG A 3 -0.78 -25.15 -8.91
N SER A 4 -1.49 -25.42 -10.01
CA SER A 4 -2.01 -24.35 -10.85
C SER A 4 -3.39 -23.90 -10.37
N ASP A 5 -3.90 -24.57 -9.35
CA ASP A 5 -5.20 -24.22 -8.80
C ASP A 5 -5.18 -22.77 -8.34
N SER A 6 -4.03 -22.36 -7.82
CA SER A 6 -3.86 -20.99 -7.35
C SER A 6 -3.85 -20.01 -8.51
N ALA A 7 -3.56 -20.51 -9.71
CA ALA A 7 -3.53 -19.65 -10.89
C ALA A 7 -4.92 -19.07 -11.13
N GLU A 8 -5.94 -19.90 -10.95
CA GLU A 8 -7.32 -19.47 -11.15
C GLU A 8 -7.70 -18.39 -10.15
N VAL A 9 -7.26 -18.55 -8.91
CA VAL A 9 -7.57 -17.57 -7.87
C VAL A 9 -6.94 -16.22 -8.24
N ILE A 10 -5.70 -16.28 -8.70
CA ILE A 10 -4.97 -15.08 -9.08
C ILE A 10 -5.65 -14.33 -10.23
N HIS A 11 -6.06 -15.07 -11.26
CA HIS A 11 -6.70 -14.45 -12.42
C HIS A 11 -8.01 -13.75 -12.04
N GLN A 12 -8.81 -14.40 -11.20
CA GLN A 12 -10.11 -13.86 -10.82
C GLN A 12 -9.99 -12.54 -10.05
N VAL A 13 -9.02 -12.42 -9.16
CA VAL A 13 -8.88 -11.19 -8.39
C VAL A 13 -8.48 -10.01 -9.28
N GLU A 14 -7.66 -10.27 -10.29
CA GLU A 14 -7.22 -9.20 -11.19
C GLU A 14 -8.42 -8.58 -11.93
N GLU A 15 -9.30 -9.45 -12.39
CA GLU A 15 -10.48 -9.00 -13.12
C GLU A 15 -11.46 -8.27 -12.19
N ALA A 16 -11.59 -8.77 -10.97
CA ALA A 16 -12.51 -8.19 -10.00
C ALA A 16 -12.08 -6.78 -9.57
N LEU A 17 -10.77 -6.57 -9.43
CA LEU A 17 -10.27 -5.26 -9.00
C LEU A 17 -10.54 -4.20 -10.07
N ASP A 18 -10.93 -3.01 -9.61
CA ASP A 18 -11.21 -1.90 -10.51
C ASP A 18 -9.91 -1.38 -11.12
N THR A 19 -10.03 -0.64 -12.21
CA THR A 19 -8.85 -0.08 -12.87
C THR A 19 -8.14 0.90 -11.94
N ASP A 20 -8.85 1.39 -10.94
CA ASP A 20 -8.27 2.33 -9.99
C ASP A 20 -7.54 1.57 -8.88
N GLU A 21 -8.11 0.44 -8.49
CA GLU A 21 -7.53 -0.40 -7.43
C GLU A 21 -6.26 -1.12 -7.88
N LYS A 22 -6.23 -1.58 -9.12
CA LYS A 22 -5.07 -2.32 -9.62
C LYS A 22 -3.80 -1.50 -9.46
N GLU A 23 -3.94 -0.18 -9.37
CA GLU A 23 -2.80 0.70 -9.19
C GLU A 23 -2.13 0.41 -7.85
N MET A 24 -2.97 0.15 -6.85
CA MET A 24 -2.48 -0.14 -5.50
C MET A 24 -1.66 -1.44 -5.49
N LEU A 25 -2.10 -2.42 -6.26
CA LEU A 25 -1.38 -3.69 -6.30
C LEU A 25 0.06 -3.49 -6.79
N LEU A 26 0.24 -2.67 -7.82
CA LEU A 26 1.58 -2.41 -8.33
C LEU A 26 2.40 -1.66 -7.29
N PHE A 27 1.75 -0.70 -6.65
CA PHE A 27 2.41 0.09 -5.61
C PHE A 27 2.83 -0.79 -4.43
N LEU A 28 1.90 -1.61 -3.96
CA LEU A 28 2.16 -2.49 -2.83
C LEU A 28 3.25 -3.52 -3.16
N CYS A 29 3.22 -4.06 -4.38
CA CYS A 29 4.22 -5.06 -4.79
C CYS A 29 5.39 -4.38 -5.49
N ARG A 30 5.42 -3.05 -5.47
CA ARG A 30 6.49 -2.31 -6.09
C ARG A 30 7.84 -2.71 -5.48
N ASP A 31 7.86 -2.81 -4.16
CA ASP A 31 9.08 -3.19 -3.46
C ASP A 31 9.51 -4.61 -3.86
N VAL A 32 8.52 -5.52 -3.91
CA VAL A 32 8.81 -6.91 -4.26
C VAL A 32 9.30 -7.03 -5.71
N ALA A 33 8.67 -6.26 -6.60
CA ALA A 33 9.03 -6.30 -8.03
C ALA A 33 9.47 -4.92 -8.52
N ILE A 34 10.61 -4.88 -9.19
CA ILE A 34 11.14 -3.62 -9.71
C ILE A 34 10.46 -3.28 -11.04
N ASP A 35 9.14 -3.46 -11.07
CA ASP A 35 8.37 -3.19 -12.29
C ASP A 35 8.86 -4.10 -13.42
N VAL A 36 9.36 -5.26 -13.04
CA VAL A 36 9.84 -6.23 -14.02
C VAL A 36 8.67 -6.81 -14.81
N VAL A 37 7.49 -6.73 -14.20
CA VAL A 37 6.27 -7.25 -14.81
C VAL A 37 5.96 -6.51 -16.12
N PRO A 38 5.50 -7.20 -17.16
CA PRO A 38 5.13 -6.53 -18.44
C PRO A 38 3.92 -5.61 -18.24
N PRO A 39 3.63 -4.74 -19.18
CA PRO A 39 2.48 -3.79 -19.05
C PRO A 39 1.24 -4.43 -18.43
N ASN A 40 0.98 -5.69 -18.78
CA ASN A 40 -0.17 -6.39 -18.21
C ASN A 40 0.02 -6.58 -16.71
N VAL A 41 -0.96 -6.11 -15.93
CA VAL A 41 -0.87 -6.22 -14.48
C VAL A 41 -1.19 -7.63 -13.99
N ARG A 42 -1.86 -8.41 -14.85
CA ARG A 42 -2.21 -9.78 -14.48
C ARG A 42 -0.96 -10.59 -14.19
N ASP A 43 0.07 -10.35 -15.00
CA ASP A 43 1.34 -11.04 -14.85
C ASP A 43 2.04 -10.71 -13.52
N LEU A 44 1.64 -9.60 -12.90
CA LEU A 44 2.26 -9.18 -11.65
C LEU A 44 2.17 -10.27 -10.59
N LEU A 45 0.97 -10.80 -10.39
CA LEU A 45 0.77 -11.85 -9.41
C LEU A 45 1.45 -13.15 -9.84
N ASP A 46 1.50 -13.37 -11.14
CA ASP A 46 2.12 -14.59 -11.67
C ASP A 46 3.58 -14.71 -11.27
N ILE A 47 4.35 -13.62 -11.37
CA ILE A 47 5.76 -13.67 -11.01
C ILE A 47 5.96 -13.80 -9.51
N LEU A 48 5.06 -13.21 -8.72
CA LEU A 48 5.18 -13.30 -7.26
C LEU A 48 5.00 -14.75 -6.83
N ARG A 49 4.05 -15.45 -7.45
CA ARG A 49 3.80 -16.84 -7.10
C ARG A 49 5.02 -17.70 -7.42
N GLU A 50 5.67 -17.41 -8.54
CA GLU A 50 6.84 -18.17 -8.95
C GLU A 50 7.93 -18.06 -7.89
N ARG A 51 8.06 -16.87 -7.30
CA ARG A 51 9.05 -16.67 -6.25
C ARG A 51 8.63 -17.43 -4.99
N GLY A 52 7.34 -17.78 -4.93
CA GLY A 52 6.81 -18.52 -3.79
C GLY A 52 6.55 -17.58 -2.61
N LYS A 53 6.57 -16.28 -2.89
CA LYS A 53 6.34 -15.29 -1.84
C LYS A 53 4.87 -14.91 -1.74
N LEU A 54 4.04 -15.43 -2.65
CA LEU A 54 2.61 -15.10 -2.62
C LEU A 54 1.87 -16.02 -1.67
N SER A 55 1.48 -15.49 -0.51
CA SER A 55 0.74 -16.26 0.48
C SER A 55 -0.75 -16.03 0.30
N VAL A 56 -1.57 -16.99 0.74
CA VAL A 56 -3.01 -16.82 0.64
C VAL A 56 -3.47 -15.66 1.51
N GLY A 57 -2.91 -15.59 2.71
CA GLY A 57 -3.24 -14.51 3.65
C GLY A 57 -2.88 -13.14 3.10
N ASP A 58 -1.74 -13.06 2.42
CA ASP A 58 -1.28 -11.79 1.85
C ASP A 58 -2.32 -11.21 0.89
N LEU A 59 -2.95 -12.06 0.10
CA LEU A 59 -3.96 -11.60 -0.84
C LEU A 59 -5.08 -10.91 -0.08
N ALA A 60 -5.45 -11.45 1.08
CA ALA A 60 -6.50 -10.85 1.89
C ALA A 60 -6.08 -9.45 2.30
N GLU A 61 -4.82 -9.30 2.67
CA GLU A 61 -4.29 -8.00 3.06
C GLU A 61 -4.38 -7.04 1.89
N LEU A 62 -4.00 -7.53 0.71
CA LEU A 62 -4.04 -6.70 -0.49
C LEU A 62 -5.48 -6.29 -0.82
N LEU A 63 -6.41 -7.24 -0.68
CA LEU A 63 -7.82 -6.96 -0.96
C LEU A 63 -8.38 -5.98 0.08
N TYR A 64 -7.93 -6.10 1.31
CA TYR A 64 -8.40 -5.24 2.40
C TYR A 64 -8.08 -3.76 2.15
N ARG A 65 -6.84 -3.45 1.75
CA ARG A 65 -6.43 -2.06 1.53
C ARG A 65 -7.32 -1.36 0.49
N VAL A 66 -7.69 -2.05 -0.57
CA VAL A 66 -8.52 -1.45 -1.61
C VAL A 66 -9.98 -1.32 -1.16
N ARG A 67 -10.23 -1.57 0.12
CA ARG A 67 -11.58 -1.49 0.67
C ARG A 67 -12.57 -2.40 -0.04
N ARG A 68 -12.14 -3.62 -0.36
CA ARG A 68 -13.04 -4.57 -1.05
C ARG A 68 -13.48 -5.68 -0.10
N PHE A 69 -14.53 -5.42 0.66
CA PHE A 69 -15.04 -6.40 1.60
C PHE A 69 -15.77 -7.52 0.84
N ASP A 70 -16.36 -7.14 -0.29
CA ASP A 70 -17.11 -8.09 -1.12
C ASP A 70 -16.19 -9.15 -1.71
N LEU A 71 -15.03 -8.74 -2.21
CA LEU A 71 -14.09 -9.67 -2.84
C LEU A 71 -13.58 -10.70 -1.84
N LEU A 72 -13.35 -10.28 -0.60
CA LEU A 72 -12.84 -11.21 0.41
C LEU A 72 -13.82 -12.37 0.61
N LYS A 73 -15.10 -12.04 0.65
CA LYS A 73 -16.14 -13.05 0.84
C LYS A 73 -16.15 -14.06 -0.31
N ARG A 74 -16.09 -13.54 -1.54
CA ARG A 74 -16.12 -14.39 -2.71
C ARG A 74 -14.79 -15.12 -2.96
N ILE A 75 -13.67 -14.41 -2.79
CA ILE A 75 -12.36 -15.02 -3.08
C ILE A 75 -11.75 -15.80 -1.91
N LEU A 76 -11.54 -15.16 -0.75
CA LEU A 76 -10.93 -15.85 0.39
C LEU A 76 -11.95 -16.30 1.43
N LYS A 77 -13.22 -15.96 1.22
CA LYS A 77 -14.26 -16.36 2.15
C LYS A 77 -13.95 -15.88 3.57
N MET A 78 -13.78 -14.57 3.73
CA MET A 78 -13.50 -14.00 5.05
C MET A 78 -14.24 -12.68 5.21
N ASP A 79 -14.64 -12.38 6.45
CA ASP A 79 -15.36 -11.14 6.75
C ASP A 79 -14.38 -10.06 7.19
N ARG A 80 -14.87 -8.82 7.25
CA ARG A 80 -14.05 -7.71 7.70
C ARG A 80 -13.58 -7.94 9.12
N LYS A 81 -14.47 -8.53 9.92
CA LYS A 81 -14.15 -8.83 11.30
C LYS A 81 -12.94 -9.75 11.39
N ALA A 82 -12.95 -10.79 10.59
CA ALA A 82 -11.84 -11.73 10.59
C ALA A 82 -10.54 -11.05 10.19
N VAL A 83 -10.63 -10.17 9.20
CA VAL A 83 -9.45 -9.44 8.74
C VAL A 83 -8.93 -8.51 9.85
N GLU A 84 -9.85 -7.84 10.54
CA GLU A 84 -9.46 -6.93 11.60
C GLU A 84 -8.67 -7.67 12.68
N THR A 85 -9.14 -8.85 13.05
CA THR A 85 -8.45 -9.63 14.07
C THR A 85 -7.10 -10.13 13.52
N HIS A 86 -7.10 -10.46 12.23
CA HIS A 86 -5.89 -10.94 11.58
C HIS A 86 -4.82 -9.86 11.60
N LEU A 87 -5.22 -8.63 11.28
CA LEU A 87 -4.29 -7.51 11.26
C LEU A 87 -3.90 -7.07 12.67
N LEU A 88 -4.59 -7.61 13.67
CA LEU A 88 -4.29 -7.26 15.05
C LEU A 88 -2.83 -7.58 15.35
N ARG A 89 -2.35 -8.70 14.81
CA ARG A 89 -0.97 -9.11 15.01
C ARG A 89 -0.05 -8.25 14.15
N ASN A 90 -0.65 -7.47 13.26
CA ASN A 90 0.09 -6.59 12.36
C ASN A 90 1.16 -7.33 11.56
N PRO A 91 0.81 -8.40 10.88
CA PRO A 91 1.76 -9.18 10.04
C PRO A 91 1.83 -8.61 8.62
N HIS A 92 3.02 -8.55 8.05
CA HIS A 92 3.19 -8.03 6.69
C HIS A 92 4.07 -8.94 5.84
N LEU A 93 3.58 -9.29 4.65
CA LEU A 93 4.34 -10.14 3.74
C LEU A 93 5.61 -9.41 3.31
N VAL A 94 5.45 -8.13 3.02
CA VAL A 94 6.55 -7.27 2.58
C VAL A 94 6.78 -6.16 3.59
N SER A 95 7.88 -5.43 3.45
CA SER A 95 8.18 -4.35 4.38
C SER A 95 6.95 -3.47 4.57
N ASP A 96 6.69 -3.10 5.81
CA ASP A 96 5.54 -2.28 6.16
C ASP A 96 5.64 -0.89 5.52
N TYR A 97 6.81 -0.52 5.03
CA TYR A 97 6.99 0.79 4.43
C TYR A 97 6.00 1.04 3.30
N ARG A 98 5.91 0.09 2.37
CA ARG A 98 5.01 0.26 1.23
C ARG A 98 3.53 0.16 1.64
N VAL A 99 3.22 -0.83 2.48
CA VAL A 99 1.83 -1.04 2.92
C VAL A 99 1.33 0.11 3.79
N LEU A 100 2.18 0.61 4.67
CA LEU A 100 1.79 1.69 5.57
C LEU A 100 1.31 2.90 4.77
N MET A 101 2.03 3.22 3.69
CA MET A 101 1.67 4.35 2.86
C MET A 101 0.29 4.15 2.24
N ALA A 102 0.04 2.95 1.72
CA ALA A 102 -1.24 2.65 1.10
C ALA A 102 -2.37 2.71 2.12
N GLU A 103 -2.11 2.15 3.30
CA GLU A 103 -3.12 2.14 4.37
C GLU A 103 -3.47 3.56 4.80
N ILE A 104 -2.47 4.41 4.96
CA ILE A 104 -2.71 5.78 5.37
C ILE A 104 -3.55 6.51 4.32
N GLY A 105 -3.21 6.31 3.05
CA GLY A 105 -3.95 6.96 1.98
C GLY A 105 -5.40 6.52 2.00
N GLU A 106 -5.62 5.25 2.29
CA GLU A 106 -6.97 4.70 2.34
C GLU A 106 -7.77 5.40 3.43
N ASP A 107 -7.14 5.63 4.58
CA ASP A 107 -7.80 6.29 5.69
C ASP A 107 -8.12 7.75 5.34
N LEU A 108 -7.19 8.38 4.63
CA LEU A 108 -7.37 9.78 4.22
C LEU A 108 -8.50 9.94 3.23
N ASP A 109 -9.24 11.05 3.35
CA ASP A 109 -10.33 11.36 2.44
C ASP A 109 -9.81 12.16 1.25
N LYS A 110 -10.60 12.26 0.19
CA LYS A 110 -10.19 12.99 -0.99
C LYS A 110 -9.95 14.47 -0.67
N SER A 111 -10.81 15.03 0.18
CA SER A 111 -10.70 16.44 0.54
C SER A 111 -9.40 16.76 1.27
N ASP A 112 -8.93 15.85 2.12
CA ASP A 112 -7.69 16.08 2.86
C ASP A 112 -6.48 16.06 1.94
N VAL A 113 -6.58 15.30 0.85
CA VAL A 113 -5.46 15.20 -0.08
C VAL A 113 -5.10 16.58 -0.63
N SER A 114 -6.12 17.34 -1.02
CA SER A 114 -5.87 18.69 -1.54
C SER A 114 -5.25 19.56 -0.46
N SER A 115 -5.80 19.47 0.75
CA SER A 115 -5.31 20.24 1.89
C SER A 115 -3.87 19.86 2.24
N LEU A 116 -3.59 18.57 2.19
CA LEU A 116 -2.25 18.08 2.53
C LEU A 116 -1.21 18.73 1.61
N ILE A 117 -1.58 18.93 0.36
CA ILE A 117 -0.69 19.54 -0.62
C ILE A 117 -0.31 20.96 -0.23
N GLY A 118 -1.25 21.73 0.29
CA GLY A 118 -0.95 23.12 0.66
C GLY A 118 0.36 23.19 1.44
N LEU A 119 0.53 22.26 2.37
CA LEU A 119 1.75 22.20 3.16
C LEU A 119 2.96 21.85 2.28
N MET A 120 2.73 20.97 1.31
CA MET A 120 3.79 20.52 0.41
C MET A 120 4.31 21.66 -0.47
N LYS A 121 3.43 22.56 -0.87
CA LYS A 121 3.84 23.67 -1.73
C LYS A 121 4.91 24.52 -1.05
N ASP A 122 4.76 24.73 0.25
CA ASP A 122 5.72 25.56 0.98
C ASP A 122 7.13 25.00 0.88
N TYR A 123 7.27 23.68 0.96
CA TYR A 123 8.60 23.06 0.89
C TYR A 123 8.94 22.67 -0.56
N MET A 124 7.97 22.09 -1.26
CA MET A 124 8.19 21.68 -2.65
C MET A 124 8.35 22.89 -3.55
N GLY A 125 7.62 23.96 -3.24
CA GLY A 125 7.70 25.17 -4.05
C GLY A 125 6.90 25.04 -5.35
N ARG A 126 5.98 24.08 -5.38
CA ARG A 126 5.15 23.87 -6.57
C ARG A 126 5.97 23.25 -7.70
N GLY A 127 7.02 22.50 -7.34
CA GLY A 127 7.87 21.86 -8.34
C GLY A 127 7.06 20.87 -9.18
N LYS A 128 6.23 20.09 -8.50
CA LYS A 128 5.39 19.09 -9.17
C LYS A 128 4.10 18.88 -8.38
N ILE A 129 3.20 19.86 -8.45
CA ILE A 129 1.94 19.80 -7.71
C ILE A 129 0.72 19.98 -8.62
N SER A 130 -0.19 19.00 -8.54
CA SER A 130 -1.42 19.04 -9.32
C SER A 130 -2.57 18.51 -8.45
N LYS A 131 -3.76 19.05 -8.66
CA LYS A 131 -4.93 18.64 -7.88
C LYS A 131 -5.36 17.21 -8.18
N GLU A 132 -5.26 16.82 -9.44
CA GLU A 132 -5.69 15.48 -9.88
C GLU A 132 -4.91 14.35 -9.20
N LYS A 133 -3.76 14.63 -8.61
CA LYS A 133 -2.98 13.57 -7.96
C LYS A 133 -3.67 13.03 -6.73
N SER A 134 -3.62 11.70 -6.58
CA SER A 134 -4.21 11.01 -5.43
C SER A 134 -3.15 10.88 -4.34
N PHE A 135 -3.55 10.39 -3.17
CA PHE A 135 -2.61 10.23 -2.08
C PHE A 135 -1.46 9.30 -2.48
N LEU A 136 -1.80 8.20 -3.15
CA LEU A 136 -0.78 7.24 -3.57
C LEU A 136 0.25 7.94 -4.45
N ASP A 137 -0.23 8.81 -5.34
CA ASP A 137 0.65 9.54 -6.23
C ASP A 137 1.61 10.44 -5.44
N LEU A 138 1.10 11.05 -4.38
CA LEU A 138 1.91 11.95 -3.54
C LEU A 138 3.10 11.21 -2.93
N VAL A 139 2.89 9.97 -2.50
CA VAL A 139 3.96 9.20 -1.87
C VAL A 139 5.13 9.00 -2.82
N VAL A 140 4.84 8.58 -4.05
CA VAL A 140 5.91 8.36 -5.03
C VAL A 140 6.46 9.70 -5.55
N GLU A 141 5.62 10.73 -5.53
CA GLU A 141 6.03 12.03 -6.00
C GLU A 141 7.16 12.59 -5.13
N LEU A 142 7.02 12.42 -3.83
CA LEU A 142 8.04 12.90 -2.89
C LEU A 142 9.35 12.13 -3.03
N GLU A 143 9.24 10.88 -3.47
CA GLU A 143 10.42 10.05 -3.64
C GLU A 143 11.40 10.68 -4.63
N LYS A 144 10.86 11.26 -5.70
CA LYS A 144 11.71 11.90 -6.70
C LYS A 144 12.49 13.06 -6.09
N LEU A 145 11.84 13.80 -5.21
CA LEU A 145 12.46 14.95 -4.56
C LEU A 145 13.32 14.52 -3.37
N ASN A 146 13.23 13.25 -3.01
CA ASN A 146 14.03 12.74 -1.89
C ASN A 146 13.80 13.58 -0.62
N LEU A 147 12.54 13.91 -0.34
CA LEU A 147 12.20 14.68 0.85
C LEU A 147 11.88 13.70 1.97
N VAL A 148 11.71 12.45 1.56
CA VAL A 148 11.40 11.37 2.48
C VAL A 148 12.30 10.19 2.19
N ALA A 149 12.61 9.41 3.21
CA ALA A 149 13.47 8.23 3.07
C ALA A 149 12.90 7.07 3.89
N PRO A 150 13.19 5.83 3.51
CA PRO A 150 12.67 4.65 4.26
C PRO A 150 12.93 4.72 5.77
N ASP A 151 14.11 5.22 6.15
CA ASP A 151 14.45 5.31 7.57
C ASP A 151 14.16 6.70 8.16
N GLN A 152 13.76 7.65 7.30
CA GLN A 152 13.46 8.99 7.78
C GLN A 152 12.34 9.61 6.95
N LEU A 153 11.21 9.86 7.59
CA LEU A 153 10.06 10.49 6.90
C LEU A 153 10.00 11.96 7.30
N ASP A 154 9.90 12.18 8.61
CA ASP A 154 9.86 13.53 9.20
C ASP A 154 8.74 14.41 8.62
N LEU A 155 8.78 14.66 7.32
CA LEU A 155 7.78 15.50 6.66
C LEU A 155 6.38 14.91 6.77
N LEU A 156 6.27 13.61 6.58
CA LEU A 156 4.96 12.96 6.62
C LEU A 156 4.29 13.14 7.98
N GLU A 157 5.05 12.95 9.05
CA GLU A 157 4.49 13.10 10.40
C GLU A 157 4.02 14.52 10.66
N LYS A 158 4.80 15.49 10.22
CA LYS A 158 4.48 16.90 10.43
C LYS A 158 3.16 17.29 9.74
N CYS A 159 3.00 16.85 8.49
CA CYS A 159 1.81 17.18 7.72
C CYS A 159 0.54 16.61 8.34
N LEU A 160 0.61 15.38 8.85
CA LEU A 160 -0.56 14.73 9.44
C LEU A 160 -1.06 15.49 10.66
N LYS A 161 -0.13 15.97 11.48
CA LYS A 161 -0.52 16.72 12.68
C LYS A 161 -1.35 17.94 12.30
N ASN A 162 -0.97 18.60 11.22
CA ASN A 162 -1.70 19.79 10.77
C ASN A 162 -3.15 19.44 10.49
N ILE A 163 -3.38 18.30 9.86
CA ILE A 163 -4.74 17.86 9.58
C ILE A 163 -5.42 17.54 10.89
N HIS A 164 -4.60 17.18 11.88
CA HIS A 164 -5.06 16.84 13.23
C HIS A 164 -5.46 15.37 13.33
N ARG A 165 -4.74 14.51 12.61
CA ARG A 165 -4.99 13.07 12.65
C ARG A 165 -3.81 12.34 13.27
N ILE A 166 -3.82 12.26 14.60
CA ILE A 166 -2.77 11.61 15.37
C ILE A 166 -2.67 10.12 15.03
N ASP A 167 -3.82 9.48 14.80
CA ASP A 167 -3.82 8.05 14.51
C ASP A 167 -2.92 7.73 13.32
N LEU A 168 -2.99 8.53 12.26
CA LEU A 168 -2.14 8.30 11.11
C LEU A 168 -0.68 8.49 11.54
N LYS A 169 -0.45 9.51 12.35
CA LYS A 169 0.89 9.77 12.87
C LYS A 169 1.35 8.60 13.73
N THR A 170 0.42 8.06 14.50
CA THR A 170 0.70 6.93 15.38
C THR A 170 1.15 5.71 14.59
N LYS A 171 0.50 5.46 13.45
CA LYS A 171 0.85 4.31 12.63
C LYS A 171 2.30 4.41 12.18
N ILE A 172 2.71 5.62 11.84
CA ILE A 172 4.08 5.87 11.40
C ILE A 172 5.08 5.54 12.51
N GLN A 173 4.72 5.86 13.74
CA GLN A 173 5.60 5.58 14.85
C GLN A 173 5.87 4.08 14.93
N LYS A 174 4.86 3.27 14.67
CA LYS A 174 5.03 1.83 14.68
C LYS A 174 6.09 1.43 13.67
N TYR A 175 6.00 2.03 12.48
CA TYR A 175 6.96 1.74 11.41
C TYR A 175 8.39 2.10 11.82
N LYS A 176 8.57 3.33 12.31
CA LYS A 176 9.90 3.77 12.73
C LYS A 176 10.47 2.91 13.85
N GLN A 177 9.62 2.54 14.81
CA GLN A 177 10.04 1.70 15.92
C GLN A 177 10.43 0.30 15.44
N LEU A 178 9.69 -0.22 14.48
CA LEU A 178 9.96 -1.56 13.95
C LEU A 178 10.82 -1.49 12.69
N GLU A 179 11.46 -0.35 12.47
CA GLU A 179 12.31 -0.18 11.29
C GLU A 179 13.57 -1.01 11.40
N HIS A 180 14.12 -1.12 12.60
CA HIS A 180 15.34 -1.91 12.80
C HIS A 180 15.04 -3.40 12.60
N HIS A 181 16.02 -4.12 12.08
CA HIS A 181 15.85 -5.56 11.85
C HIS A 181 17.17 -6.19 11.42
N HIS A 182 17.92 -5.48 10.58
CA HIS A 182 19.21 -5.98 10.09
C HIS A 182 19.03 -7.31 9.36
N HIS A 183 18.47 -7.26 8.16
CA HIS A 183 18.27 -8.47 7.36
C HIS A 183 18.30 -8.14 5.87
N HIS A 184 18.54 -9.16 5.05
CA HIS A 184 18.60 -8.99 3.60
C HIS A 184 17.38 -9.59 2.92
N HIS A 185 16.40 -10.00 3.73
CA HIS A 185 15.17 -10.60 3.20
C HIS A 185 14.10 -9.53 3.01
N MET A 1 6.04 -27.04 -8.70
CA MET A 1 5.21 -26.64 -9.87
C MET A 1 3.75 -27.01 -9.60
N GLY A 2 3.40 -27.16 -8.33
CA GLY A 2 2.05 -27.51 -7.94
C GLY A 2 1.19 -26.27 -7.76
N ARG A 3 0.05 -26.43 -7.10
CA ARG A 3 -0.86 -25.31 -6.87
C ARG A 3 -1.28 -24.68 -8.19
N SER A 4 -1.53 -25.52 -9.18
CA SER A 4 -1.94 -25.06 -10.50
C SER A 4 -3.28 -24.32 -10.44
N ASP A 5 -4.19 -24.84 -9.61
CA ASP A 5 -5.52 -24.24 -9.49
C ASP A 5 -5.43 -22.85 -8.85
N SER A 6 -4.29 -22.53 -8.29
CA SER A 6 -4.09 -21.23 -7.65
C SER A 6 -4.10 -20.13 -8.71
N ALA A 7 -3.82 -20.52 -9.95
CA ALA A 7 -3.80 -19.56 -11.04
C ALA A 7 -5.19 -18.97 -11.24
N GLU A 8 -6.20 -19.82 -11.12
CA GLU A 8 -7.58 -19.40 -11.29
C GLU A 8 -7.98 -18.38 -10.23
N VAL A 9 -7.58 -18.62 -8.99
CA VAL A 9 -7.91 -17.69 -7.91
C VAL A 9 -7.26 -16.33 -8.20
N ILE A 10 -6.02 -16.37 -8.63
CA ILE A 10 -5.26 -15.17 -8.94
C ILE A 10 -5.92 -14.40 -10.09
N HIS A 11 -6.36 -15.12 -11.11
CA HIS A 11 -6.98 -14.48 -12.27
C HIS A 11 -8.29 -13.78 -11.88
N GLN A 12 -9.08 -14.42 -11.02
CA GLN A 12 -10.37 -13.87 -10.61
C GLN A 12 -10.23 -12.53 -9.88
N VAL A 13 -9.25 -12.42 -9.00
CA VAL A 13 -9.08 -11.17 -8.25
C VAL A 13 -8.67 -10.03 -9.18
N GLU A 14 -7.88 -10.33 -10.21
CA GLU A 14 -7.45 -9.30 -11.14
C GLU A 14 -8.64 -8.66 -11.84
N GLU A 15 -9.57 -9.50 -12.26
CA GLU A 15 -10.77 -9.02 -12.95
C GLU A 15 -11.65 -8.20 -12.01
N ALA A 16 -11.76 -8.65 -10.76
CA ALA A 16 -12.60 -7.96 -9.78
C ALA A 16 -12.08 -6.57 -9.44
N LEU A 17 -10.77 -6.41 -9.36
CA LEU A 17 -10.20 -5.11 -9.02
C LEU A 17 -10.45 -4.10 -10.13
N ASP A 18 -10.81 -2.88 -9.73
CA ASP A 18 -11.08 -1.81 -10.67
C ASP A 18 -9.77 -1.29 -11.27
N THR A 19 -9.87 -0.54 -12.36
CA THR A 19 -8.69 0.00 -13.01
C THR A 19 -7.96 0.96 -12.07
N ASP A 20 -8.68 1.46 -11.08
CA ASP A 20 -8.09 2.38 -10.11
C ASP A 20 -7.37 1.60 -9.00
N GLU A 21 -7.96 0.48 -8.61
CA GLU A 21 -7.40 -0.37 -7.55
C GLU A 21 -6.14 -1.12 -8.01
N LYS A 22 -6.13 -1.57 -9.26
CA LYS A 22 -4.98 -2.33 -9.76
C LYS A 22 -3.70 -1.53 -9.59
N GLU A 23 -3.83 -0.21 -9.49
CA GLU A 23 -2.67 0.66 -9.31
C GLU A 23 -2.00 0.34 -7.98
N MET A 24 -2.83 0.09 -6.97
CA MET A 24 -2.34 -0.22 -5.63
C MET A 24 -1.52 -1.51 -5.65
N LEU A 25 -1.97 -2.49 -6.42
CA LEU A 25 -1.25 -3.77 -6.48
C LEU A 25 0.18 -3.56 -6.98
N LEU A 26 0.34 -2.74 -8.01
CA LEU A 26 1.67 -2.47 -8.55
C LEU A 26 2.50 -1.73 -7.51
N PHE A 27 1.87 -0.76 -6.86
CA PHE A 27 2.53 0.04 -5.84
C PHE A 27 2.99 -0.83 -4.67
N LEU A 28 2.08 -1.65 -4.17
CA LEU A 28 2.37 -2.52 -3.03
C LEU A 28 3.46 -3.54 -3.37
N CYS A 29 3.41 -4.07 -4.59
CA CYS A 29 4.39 -5.07 -5.02
C CYS A 29 5.56 -4.39 -5.73
N ARG A 30 5.55 -3.06 -5.72
CA ARG A 30 6.61 -2.29 -6.37
C ARG A 30 7.96 -2.62 -5.74
N ASP A 31 7.98 -2.71 -4.42
CA ASP A 31 9.21 -3.03 -3.71
C ASP A 31 9.62 -4.48 -3.95
N VAL A 32 8.64 -5.38 -3.88
CA VAL A 32 8.89 -6.80 -4.09
C VAL A 32 9.35 -7.09 -5.52
N ALA A 33 8.73 -6.41 -6.49
CA ALA A 33 9.08 -6.62 -7.90
C ALA A 33 9.77 -5.38 -8.47
N ILE A 34 10.84 -5.60 -9.22
CA ILE A 34 11.60 -4.50 -9.81
C ILE A 34 10.88 -3.97 -11.05
N ASP A 35 9.56 -3.84 -10.96
CA ASP A 35 8.77 -3.34 -12.07
C ASP A 35 9.05 -4.16 -13.33
N VAL A 36 9.38 -5.43 -13.12
CA VAL A 36 9.67 -6.32 -14.23
C VAL A 36 8.38 -6.68 -14.97
N VAL A 37 7.26 -6.52 -14.27
CA VAL A 37 5.95 -6.85 -14.83
C VAL A 37 5.63 -5.98 -16.06
N PRO A 38 5.18 -6.55 -17.17
CA PRO A 38 4.80 -5.75 -18.37
C PRO A 38 3.50 -4.98 -18.09
N PRO A 39 3.16 -4.01 -18.91
CA PRO A 39 1.92 -3.21 -18.70
C PRO A 39 0.74 -4.05 -18.19
N ASN A 40 0.79 -5.36 -18.41
CA ASN A 40 -0.27 -6.24 -17.93
C ASN A 40 -0.09 -6.53 -16.45
N VAL A 41 -1.06 -6.12 -15.64
CA VAL A 41 -0.99 -6.33 -14.19
C VAL A 41 -1.40 -7.74 -13.79
N ARG A 42 -2.06 -8.44 -14.69
CA ARG A 42 -2.53 -9.80 -14.41
C ARG A 42 -1.36 -10.73 -14.10
N ASP A 43 -0.25 -10.56 -14.82
CA ASP A 43 0.92 -11.41 -14.61
C ASP A 43 1.67 -11.04 -13.33
N LEU A 44 1.37 -9.86 -12.79
CA LEU A 44 2.05 -9.40 -11.58
C LEU A 44 1.93 -10.43 -10.47
N LEU A 45 0.72 -10.90 -10.23
CA LEU A 45 0.50 -11.90 -9.19
C LEU A 45 1.16 -13.21 -9.60
N ASP A 46 1.13 -13.51 -10.90
CA ASP A 46 1.72 -14.74 -11.42
C ASP A 46 3.21 -14.85 -11.09
N ILE A 47 3.97 -13.76 -11.29
CA ILE A 47 5.40 -13.82 -11.03
C ILE A 47 5.68 -13.94 -9.53
N LEU A 48 4.80 -13.37 -8.71
CA LEU A 48 4.97 -13.46 -7.25
C LEU A 48 4.78 -14.92 -6.81
N ARG A 49 3.82 -15.59 -7.42
CA ARG A 49 3.55 -16.98 -7.08
C ARG A 49 4.78 -17.84 -7.38
N GLU A 50 5.38 -17.61 -8.53
CA GLU A 50 6.57 -18.36 -8.92
C GLU A 50 7.70 -18.13 -7.91
N ARG A 51 7.81 -16.87 -7.47
CA ARG A 51 8.84 -16.51 -6.50
C ARG A 51 8.54 -17.15 -5.15
N GLY A 52 7.29 -17.57 -4.95
CA GLY A 52 6.89 -18.21 -3.70
C GLY A 52 6.65 -17.15 -2.62
N LYS A 53 6.54 -15.90 -3.04
CA LYS A 53 6.31 -14.79 -2.12
C LYS A 53 4.82 -14.51 -1.95
N LEU A 54 3.97 -15.27 -2.64
CA LEU A 54 2.53 -15.05 -2.55
C LEU A 54 1.88 -15.95 -1.49
N SER A 55 1.54 -15.35 -0.36
CA SER A 55 0.88 -16.07 0.74
C SER A 55 -0.63 -15.86 0.64
N VAL A 56 -1.41 -16.83 1.11
CA VAL A 56 -2.86 -16.68 1.06
C VAL A 56 -3.27 -15.47 1.88
N GLY A 57 -2.67 -15.32 3.05
CA GLY A 57 -2.96 -14.19 3.94
C GLY A 57 -2.60 -12.87 3.28
N ASP A 58 -1.52 -12.85 2.51
CA ASP A 58 -1.07 -11.62 1.86
C ASP A 58 -2.15 -11.06 0.93
N LEU A 59 -2.81 -11.93 0.18
CA LEU A 59 -3.86 -11.47 -0.72
C LEU A 59 -4.97 -10.76 0.05
N ALA A 60 -5.30 -11.28 1.22
CA ALA A 60 -6.33 -10.67 2.05
C ALA A 60 -5.91 -9.25 2.42
N GLU A 61 -4.65 -9.10 2.78
CA GLU A 61 -4.13 -7.78 3.13
C GLU A 61 -4.20 -6.87 1.91
N LEU A 62 -3.82 -7.39 0.75
CA LEU A 62 -3.84 -6.61 -0.48
C LEU A 62 -5.27 -6.18 -0.82
N LEU A 63 -6.22 -7.11 -0.65
CA LEU A 63 -7.62 -6.80 -0.95
C LEU A 63 -8.15 -5.75 0.04
N TYR A 64 -7.68 -5.81 1.28
CA TYR A 64 -8.12 -4.87 2.31
C TYR A 64 -7.78 -3.42 1.95
N ARG A 65 -6.53 -3.18 1.50
CA ARG A 65 -6.10 -1.81 1.17
C ARG A 65 -6.98 -1.17 0.09
N VAL A 66 -7.41 -1.93 -0.91
CA VAL A 66 -8.26 -1.36 -1.94
C VAL A 66 -9.67 -1.14 -1.40
N ARG A 67 -9.83 -1.41 -0.10
CA ARG A 67 -11.11 -1.22 0.58
C ARG A 67 -12.21 -2.06 -0.04
N ARG A 68 -11.90 -3.32 -0.35
CA ARG A 68 -12.88 -4.24 -0.94
C ARG A 68 -13.27 -5.33 0.05
N PHE A 69 -14.28 -5.05 0.87
CA PHE A 69 -14.74 -6.03 1.86
C PHE A 69 -15.52 -7.17 1.21
N ASP A 70 -16.30 -6.85 0.18
CA ASP A 70 -17.09 -7.88 -0.52
C ASP A 70 -16.20 -8.91 -1.21
N LEU A 71 -15.12 -8.46 -1.83
CA LEU A 71 -14.22 -9.36 -2.54
C LEU A 71 -13.53 -10.32 -1.58
N LEU A 72 -13.20 -9.84 -0.39
CA LEU A 72 -12.51 -10.67 0.59
C LEU A 72 -13.37 -11.90 0.92
N LYS A 73 -14.65 -11.69 1.16
CA LYS A 73 -15.55 -12.79 1.49
C LYS A 73 -15.68 -13.75 0.30
N ARG A 74 -15.86 -13.19 -0.89
CA ARG A 74 -16.04 -14.01 -2.08
C ARG A 74 -14.80 -14.86 -2.41
N ILE A 75 -13.61 -14.25 -2.41
CA ILE A 75 -12.39 -14.97 -2.78
C ILE A 75 -11.73 -15.73 -1.62
N LEU A 76 -11.37 -15.02 -0.54
CA LEU A 76 -10.68 -15.67 0.59
C LEU A 76 -11.61 -15.99 1.77
N LYS A 77 -12.90 -15.73 1.64
CA LYS A 77 -13.82 -16.01 2.73
C LYS A 77 -13.31 -15.33 4.00
N MET A 78 -12.76 -14.13 3.83
CA MET A 78 -12.24 -13.35 4.96
C MET A 78 -13.19 -12.23 5.33
N ASP A 79 -13.71 -12.29 6.55
CA ASP A 79 -14.64 -11.27 7.03
C ASP A 79 -13.87 -10.02 7.49
N ARG A 80 -14.57 -8.90 7.58
CA ARG A 80 -13.93 -7.66 8.00
C ARG A 80 -13.38 -7.82 9.42
N LYS A 81 -14.14 -8.50 10.26
CA LYS A 81 -13.73 -8.74 11.63
C LYS A 81 -12.43 -9.53 11.68
N ALA A 82 -12.38 -10.60 10.91
CA ALA A 82 -11.20 -11.45 10.87
C ALA A 82 -9.98 -10.66 10.37
N VAL A 83 -10.20 -9.81 9.38
CA VAL A 83 -9.12 -9.01 8.83
C VAL A 83 -8.53 -8.11 9.92
N GLU A 84 -9.40 -7.50 10.71
CA GLU A 84 -8.94 -6.62 11.78
C GLU A 84 -8.09 -7.39 12.78
N THR A 85 -8.50 -8.62 13.09
CA THR A 85 -7.75 -9.46 14.02
C THR A 85 -6.43 -9.89 13.39
N HIS A 86 -6.46 -10.11 12.08
CA HIS A 86 -5.26 -10.52 11.36
C HIS A 86 -4.18 -9.45 11.48
N LEU A 87 -4.58 -8.20 11.29
CA LEU A 87 -3.64 -7.08 11.35
C LEU A 87 -3.25 -6.76 12.80
N LEU A 88 -3.92 -7.38 13.76
CA LEU A 88 -3.59 -7.13 15.16
C LEU A 88 -2.14 -7.49 15.42
N ARG A 89 -1.70 -8.62 14.88
CA ARG A 89 -0.32 -9.05 15.03
C ARG A 89 0.56 -8.28 14.05
N ASN A 90 -0.12 -7.54 13.16
CA ASN A 90 0.56 -6.74 12.16
C ASN A 90 1.59 -7.54 11.35
N PRO A 91 1.21 -8.66 10.79
CA PRO A 91 2.13 -9.48 9.95
C PRO A 91 2.18 -8.94 8.52
N HIS A 92 3.39 -8.77 7.99
CA HIS A 92 3.56 -8.25 6.63
C HIS A 92 4.56 -9.09 5.84
N LEU A 93 4.08 -9.71 4.77
CA LEU A 93 4.95 -10.50 3.91
C LEU A 93 5.95 -9.58 3.23
N VAL A 94 5.46 -8.41 2.83
CA VAL A 94 6.28 -7.41 2.16
C VAL A 94 6.67 -6.30 3.13
N SER A 95 7.66 -5.50 2.75
CA SER A 95 8.12 -4.41 3.60
C SER A 95 6.95 -3.53 4.03
N ASP A 96 6.96 -3.13 5.29
CA ASP A 96 5.90 -2.30 5.84
C ASP A 96 5.93 -0.89 5.26
N TYR A 97 7.09 -0.48 4.75
CA TYR A 97 7.23 0.86 4.20
C TYR A 97 6.24 1.10 3.06
N ARG A 98 6.20 0.17 2.11
CA ARG A 98 5.30 0.32 0.96
C ARG A 98 3.84 0.21 1.39
N VAL A 99 3.53 -0.76 2.23
CA VAL A 99 2.17 -0.97 2.72
C VAL A 99 1.69 0.20 3.58
N LEU A 100 2.59 0.71 4.41
CA LEU A 100 2.25 1.82 5.28
C LEU A 100 1.71 2.98 4.46
N MET A 101 2.40 3.29 3.37
CA MET A 101 1.99 4.40 2.52
C MET A 101 0.61 4.14 1.93
N ALA A 102 0.35 2.92 1.49
CA ALA A 102 -0.95 2.58 0.90
C ALA A 102 -2.07 2.73 1.92
N GLU A 103 -1.84 2.24 3.13
CA GLU A 103 -2.84 2.30 4.20
C GLU A 103 -3.19 3.76 4.52
N ILE A 104 -2.19 4.62 4.55
CA ILE A 104 -2.42 6.03 4.84
C ILE A 104 -3.38 6.62 3.81
N GLY A 105 -3.16 6.28 2.54
CA GLY A 105 -4.01 6.78 1.47
C GLY A 105 -5.46 6.35 1.69
N GLU A 106 -5.64 5.12 2.16
CA GLU A 106 -6.99 4.59 2.40
C GLU A 106 -7.72 5.46 3.44
N ASP A 107 -7.04 5.77 4.53
CA ASP A 107 -7.66 6.56 5.60
C ASP A 107 -7.94 7.99 5.15
N LEU A 108 -7.04 8.57 4.36
CA LEU A 108 -7.23 9.93 3.88
C LEU A 108 -8.34 10.02 2.85
N ASP A 109 -9.14 11.08 2.95
CA ASP A 109 -10.25 11.31 2.03
C ASP A 109 -9.77 12.15 0.85
N LYS A 110 -10.60 12.23 -0.19
CA LYS A 110 -10.23 13.01 -1.36
C LYS A 110 -10.02 14.47 -0.98
N SER A 111 -10.88 14.97 -0.11
CA SER A 111 -10.78 16.35 0.36
C SER A 111 -9.46 16.54 1.12
N ASP A 112 -9.13 15.56 1.95
CA ASP A 112 -7.90 15.61 2.74
C ASP A 112 -6.67 15.68 1.83
N VAL A 113 -6.73 14.95 0.72
CA VAL A 113 -5.61 14.92 -0.21
C VAL A 113 -5.31 16.33 -0.74
N SER A 114 -6.36 17.06 -1.12
CA SER A 114 -6.18 18.41 -1.63
C SER A 114 -5.54 19.31 -0.58
N SER A 115 -6.06 19.24 0.65
CA SER A 115 -5.53 20.04 1.75
C SER A 115 -4.08 19.70 2.04
N LEU A 116 -3.78 18.40 2.03
CA LEU A 116 -2.42 17.93 2.31
C LEU A 116 -1.41 18.57 1.34
N ILE A 117 -1.84 18.78 0.10
CA ILE A 117 -0.97 19.37 -0.91
C ILE A 117 -0.54 20.78 -0.51
N GLY A 118 -1.44 21.56 0.07
CA GLY A 118 -1.11 22.91 0.48
C GLY A 118 0.05 22.90 1.47
N LEU A 119 0.03 21.95 2.39
CA LEU A 119 1.09 21.82 3.38
C LEU A 119 2.40 21.46 2.70
N MET A 120 2.29 20.61 1.68
CA MET A 120 3.46 20.13 0.94
C MET A 120 4.18 21.28 0.21
N LYS A 121 3.42 22.24 -0.28
CA LYS A 121 4.03 23.35 -1.01
C LYS A 121 5.04 24.10 -0.14
N ASP A 122 4.74 24.24 1.13
CA ASP A 122 5.65 24.95 2.04
C ASP A 122 7.01 24.28 2.09
N TYR A 123 7.03 22.94 2.12
CA TYR A 123 8.30 22.20 2.19
C TYR A 123 8.81 21.81 0.79
N MET A 124 7.89 21.52 -0.12
CA MET A 124 8.27 21.13 -1.47
C MET A 124 8.84 22.32 -2.23
N GLY A 125 8.33 23.51 -1.91
CA GLY A 125 8.79 24.72 -2.57
C GLY A 125 8.16 24.85 -3.96
N ARG A 126 7.04 24.16 -4.16
CA ARG A 126 6.32 24.18 -5.44
C ARG A 126 6.96 23.20 -6.42
N GLY A 127 7.02 21.93 -6.02
CA GLY A 127 7.60 20.89 -6.87
C GLY A 127 6.57 20.38 -7.86
N LYS A 128 6.92 19.32 -8.57
CA LYS A 128 6.01 18.73 -9.55
C LYS A 128 4.84 18.08 -8.84
N ILE A 129 3.81 18.87 -8.55
CA ILE A 129 2.63 18.36 -7.85
C ILE A 129 1.36 19.05 -8.34
N SER A 130 0.28 18.29 -8.48
CA SER A 130 -1.00 18.83 -8.95
C SER A 130 -2.15 18.37 -8.04
N LYS A 131 -3.21 19.19 -8.01
CA LYS A 131 -4.37 18.88 -7.18
C LYS A 131 -5.04 17.58 -7.62
N GLU A 132 -5.10 17.35 -8.93
CA GLU A 132 -5.73 16.14 -9.45
C GLU A 132 -4.79 14.95 -9.30
N LYS A 133 -4.25 14.77 -8.09
CA LYS A 133 -3.33 13.66 -7.82
C LYS A 133 -3.80 12.88 -6.59
N SER A 134 -3.70 11.55 -6.66
CA SER A 134 -4.11 10.71 -5.54
C SER A 134 -3.00 10.67 -4.49
N PHE A 135 -3.35 10.19 -3.30
CA PHE A 135 -2.37 10.11 -2.23
C PHE A 135 -1.21 9.21 -2.65
N LEU A 136 -1.54 8.12 -3.32
CA LEU A 136 -0.51 7.18 -3.76
C LEU A 136 0.47 7.89 -4.68
N ASP A 137 -0.06 8.75 -5.56
CA ASP A 137 0.78 9.51 -6.48
C ASP A 137 1.71 10.43 -5.71
N LEU A 138 1.19 11.02 -4.62
CA LEU A 138 1.98 11.94 -3.80
C LEU A 138 3.20 11.24 -3.20
N VAL A 139 3.00 9.99 -2.75
CA VAL A 139 4.09 9.24 -2.12
C VAL A 139 5.27 9.04 -3.08
N VAL A 140 4.98 8.60 -4.31
CA VAL A 140 6.04 8.37 -5.27
C VAL A 140 6.65 9.70 -5.74
N GLU A 141 5.85 10.75 -5.72
CA GLU A 141 6.33 12.06 -6.14
C GLU A 141 7.43 12.55 -5.20
N LEU A 142 7.23 12.29 -3.91
CA LEU A 142 8.18 12.69 -2.87
C LEU A 142 9.52 11.97 -3.07
N GLU A 143 9.47 10.72 -3.50
CA GLU A 143 10.69 9.94 -3.69
C GLU A 143 11.63 10.62 -4.67
N LYS A 144 11.08 11.19 -5.74
CA LYS A 144 11.91 11.86 -6.75
C LYS A 144 12.66 13.03 -6.11
N LEU A 145 11.98 13.75 -5.23
CA LEU A 145 12.56 14.91 -4.57
C LEU A 145 13.39 14.50 -3.35
N ASN A 146 13.32 13.22 -2.97
CA ASN A 146 14.08 12.73 -1.83
C ASN A 146 13.81 13.58 -0.59
N LEU A 147 12.53 13.78 -0.28
CA LEU A 147 12.14 14.57 0.89
C LEU A 147 11.86 13.62 2.04
N VAL A 148 11.73 12.34 1.70
CA VAL A 148 11.45 11.30 2.67
C VAL A 148 12.42 10.14 2.50
N ALA A 149 12.59 9.39 3.58
CA ALA A 149 13.48 8.23 3.59
C ALA A 149 12.78 7.05 4.27
N PRO A 150 13.13 5.83 3.94
CA PRO A 150 12.48 4.63 4.56
C PRO A 150 12.73 4.55 6.06
N ASP A 151 13.86 5.07 6.52
CA ASP A 151 14.18 5.05 7.95
C ASP A 151 13.82 6.38 8.61
N GLN A 152 13.40 7.35 7.79
CA GLN A 152 13.03 8.67 8.30
C GLN A 152 11.89 9.25 7.48
N LEU A 153 10.74 9.46 8.11
CA LEU A 153 9.59 10.03 7.41
C LEU A 153 9.44 11.49 7.80
N ASP A 154 9.39 11.74 9.11
CA ASP A 154 9.29 13.09 9.70
C ASP A 154 8.25 14.00 9.01
N LEU A 155 8.46 14.29 7.74
CA LEU A 155 7.57 15.17 6.99
C LEU A 155 6.14 14.61 6.94
N LEU A 156 6.02 13.31 6.74
CA LEU A 156 4.70 12.68 6.65
C LEU A 156 3.92 12.89 7.93
N GLU A 157 4.56 12.68 9.07
CA GLU A 157 3.89 12.84 10.36
C GLU A 157 3.47 14.28 10.60
N LYS A 158 4.32 15.23 10.24
CA LYS A 158 4.03 16.65 10.46
C LYS A 158 2.79 17.10 9.68
N CYS A 159 2.72 16.75 8.40
CA CYS A 159 1.59 17.15 7.57
C CYS A 159 0.30 16.51 8.07
N LEU A 160 0.36 15.25 8.43
CA LEU A 160 -0.82 14.53 8.92
C LEU A 160 -1.31 15.13 10.23
N LYS A 161 -0.37 15.51 11.08
CA LYS A 161 -0.70 16.10 12.38
C LYS A 161 -1.52 17.36 12.18
N ASN A 162 -1.11 18.19 11.22
CA ASN A 162 -1.83 19.44 10.95
C ASN A 162 -3.28 19.16 10.56
N ILE A 163 -3.48 18.16 9.70
CA ILE A 163 -4.83 17.81 9.26
C ILE A 163 -5.62 17.21 10.43
N HIS A 164 -5.02 17.25 11.61
CA HIS A 164 -5.66 16.71 12.82
C HIS A 164 -5.95 15.22 12.67
N ARG A 165 -5.04 14.51 12.00
CA ARG A 165 -5.20 13.07 11.79
C ARG A 165 -4.23 12.32 12.71
N ILE A 166 -4.55 12.33 14.00
CA ILE A 166 -3.72 11.68 15.01
C ILE A 166 -3.64 10.17 14.80
N ASP A 167 -4.75 9.56 14.43
CA ASP A 167 -4.78 8.12 14.22
C ASP A 167 -3.75 7.69 13.19
N LEU A 168 -3.66 8.43 12.09
CA LEU A 168 -2.68 8.10 11.05
C LEU A 168 -1.26 8.27 11.58
N LYS A 169 -1.04 9.34 12.36
CA LYS A 169 0.29 9.58 12.92
C LYS A 169 0.71 8.42 13.82
N THR A 170 -0.22 7.91 14.61
CA THR A 170 0.07 6.81 15.52
C THR A 170 0.54 5.57 14.77
N LYS A 171 -0.15 5.23 13.68
CA LYS A 171 0.21 4.05 12.90
C LYS A 171 1.62 4.20 12.33
N ILE A 172 1.95 5.41 11.89
CA ILE A 172 3.27 5.69 11.34
C ILE A 172 4.36 5.46 12.39
N GLN A 173 4.06 5.84 13.62
CA GLN A 173 5.03 5.68 14.71
C GLN A 173 5.40 4.21 14.88
N LYS A 174 4.43 3.33 14.74
CA LYS A 174 4.69 1.90 14.89
C LYS A 174 5.75 1.47 13.87
N TYR A 175 5.61 1.95 12.64
CA TYR A 175 6.57 1.62 11.59
C TYR A 175 7.98 2.07 11.99
N LYS A 176 8.10 3.32 12.44
CA LYS A 176 9.39 3.85 12.86
C LYS A 176 9.96 3.01 13.99
N GLN A 177 9.10 2.58 14.89
CA GLN A 177 9.53 1.76 16.03
C GLN A 177 9.81 0.34 15.58
N LEU A 178 9.39 0.01 14.36
CA LEU A 178 9.59 -1.32 13.80
C LEU A 178 11.04 -1.54 13.38
N GLU A 179 11.95 -0.76 13.95
CA GLU A 179 13.37 -0.89 13.62
C GLU A 179 14.02 -1.97 14.45
N HIS A 180 13.23 -2.66 15.28
CA HIS A 180 13.76 -3.73 16.11
C HIS A 180 14.31 -4.86 15.24
N HIS A 181 15.38 -5.48 15.70
CA HIS A 181 16.00 -6.58 14.95
C HIS A 181 15.12 -7.83 14.98
N HIS A 182 15.18 -8.59 13.89
CA HIS A 182 14.40 -9.82 13.77
C HIS A 182 15.27 -10.96 13.24
N HIS A 183 14.93 -12.19 13.62
CA HIS A 183 15.69 -13.34 13.19
C HIS A 183 15.51 -13.58 11.69
N HIS A 184 16.45 -14.31 11.10
CA HIS A 184 16.37 -14.60 9.66
C HIS A 184 15.36 -15.70 9.38
N HIS A 185 14.70 -15.62 8.23
CA HIS A 185 13.71 -16.60 7.86
C HIS A 185 13.46 -16.58 6.35
#